data_6HLN
# 
_entry.id   6HLN 
# 
_audit_conform.dict_name       mmcif_pdbx.dic 
_audit_conform.dict_version    5.383 
_audit_conform.dict_location   http://mmcif.pdb.org/dictionaries/ascii/mmcif_pdbx.dic 
# 
loop_
_database_2.database_id 
_database_2.database_code 
_database_2.pdbx_database_accession 
_database_2.pdbx_DOI 
PDB   6HLN         pdb_00006hln 10.2210/pdb6hln/pdb 
WWPDB D_1200011879 ?            ?                   
# 
loop_
_pdbx_audit_revision_history.ordinal 
_pdbx_audit_revision_history.data_content_type 
_pdbx_audit_revision_history.major_revision 
_pdbx_audit_revision_history.minor_revision 
_pdbx_audit_revision_history.revision_date 
1 'Structure model' 1 0 2019-07-24 
2 'Structure model' 1 1 2019-08-14 
3 'Structure model' 1 2 2024-01-24 
# 
_pdbx_audit_revision_details.ordinal             1 
_pdbx_audit_revision_details.revision_ordinal    1 
_pdbx_audit_revision_details.data_content_type   'Structure model' 
_pdbx_audit_revision_details.provider            repository 
_pdbx_audit_revision_details.type                'Initial release' 
_pdbx_audit_revision_details.description         ? 
_pdbx_audit_revision_details.details             ? 
# 
loop_
_pdbx_audit_revision_group.ordinal 
_pdbx_audit_revision_group.revision_ordinal 
_pdbx_audit_revision_group.data_content_type 
_pdbx_audit_revision_group.group 
1 2 'Structure model' 'Data collection'        
2 2 'Structure model' 'Database references'    
3 3 'Structure model' 'Data collection'        
4 3 'Structure model' 'Database references'    
5 3 'Structure model' 'Refinement description' 
6 3 'Structure model' 'Source and taxonomy'    
# 
loop_
_pdbx_audit_revision_category.ordinal 
_pdbx_audit_revision_category.revision_ordinal 
_pdbx_audit_revision_category.data_content_type 
_pdbx_audit_revision_category.category 
1 2 'Structure model' citation                      
2 2 'Structure model' citation_author               
3 3 'Structure model' chem_comp_atom                
4 3 'Structure model' chem_comp_bond                
5 3 'Structure model' database_2                    
6 3 'Structure model' entity_src_gen                
7 3 'Structure model' pdbx_initial_refinement_model 
# 
loop_
_pdbx_audit_revision_item.ordinal 
_pdbx_audit_revision_item.revision_ordinal 
_pdbx_audit_revision_item.data_content_type 
_pdbx_audit_revision_item.item 
1  2 'Structure model' '_citation.country'                             
2  2 'Structure model' '_citation.journal_abbrev'                      
3  2 'Structure model' '_citation.journal_id_CSD'                      
4  2 'Structure model' '_citation.journal_id_ISSN'                     
5  2 'Structure model' '_citation.journal_volume'                      
6  2 'Structure model' '_citation.page_first'                          
7  2 'Structure model' '_citation.page_last'                           
8  2 'Structure model' '_citation.pdbx_database_id_DOI'                
9  2 'Structure model' '_citation.pdbx_database_id_PubMed'             
10 2 'Structure model' '_citation.title'                               
11 2 'Structure model' '_citation.year'                                
12 3 'Structure model' '_database_2.pdbx_DOI'                          
13 3 'Structure model' '_database_2.pdbx_database_accession'           
14 3 'Structure model' '_entity_src_gen.gene_src_common_name'          
15 3 'Structure model' '_entity_src_gen.pdbx_gene_src_scientific_name' 
# 
_pdbx_database_status.status_code                     REL 
_pdbx_database_status.status_code_sf                  REL 
_pdbx_database_status.status_code_mr                  ? 
_pdbx_database_status.entry_id                        6HLN 
_pdbx_database_status.recvd_initial_deposition_date   2018-09-11 
_pdbx_database_status.SG_entry                        N 
_pdbx_database_status.deposit_site                    PDBE 
_pdbx_database_status.process_site                    PDBE 
_pdbx_database_status.status_code_cs                  ? 
_pdbx_database_status.methods_development_category    ? 
_pdbx_database_status.pdb_format_compatible           Y 
_pdbx_database_status.status_code_nmr_data            ? 
# 
loop_
_audit_author.name 
_audit_author.pdbx_ordinal 
_audit_author.identifier_ORCID 
'Klima, M.' 1 ? 
'Boura, E.' 2 ? 
# 
_citation.abstract                  ? 
_citation.abstract_id_CAS           ? 
_citation.book_id_ISBN              ? 
_citation.book_publisher            ? 
_citation.book_publisher_city       ? 
_citation.book_title                ? 
_citation.coordinate_linkage        ? 
_citation.country                   US 
_citation.database_id_Medline       ? 
_citation.details                   ? 
_citation.id                        primary 
_citation.journal_abbrev            'Plos Pathog.' 
_citation.journal_id_ASTM           ? 
_citation.journal_id_CSD            ? 
_citation.journal_id_ISSN           1553-7374 
_citation.journal_full              ? 
_citation.journal_issue             ? 
_citation.journal_volume            15 
_citation.language                  ? 
_citation.page_first                e1007962 
_citation.page_last                 e1007962 
_citation.title                     
'Convergent evolution in the mechanisms of ACBD3 recruitment to picornavirus replication sites.' 
_citation.year                      2019 
_citation.database_id_CSD           ? 
_citation.pdbx_database_id_DOI      10.1371/journal.ppat.1007962 
_citation.pdbx_database_id_PubMed   31381608 
_citation.unpublished_flag          ? 
# 
loop_
_citation_author.citation_id 
_citation_author.name 
_citation_author.ordinal 
_citation_author.identifier_ORCID 
primary 'Horova, V.'            1  ?                   
primary 'Lyoo, H.'              2  0000-0001-5806-9463 
primary 'Rozycki, B.'           3  0000-0001-5938-7308 
primary 'Chalupska, D.'         4  ?                   
primary 'Smola, M.'             5  ?                   
primary 'Humpolickova, J.'      6  ?                   
primary 'Strating, J.R.P.M.'    7  0000-0003-2509-5213 
primary 'van Kuppeveld, F.J.M.' 8  ?                   
primary 'Boura, E.'             9  ?                   
primary 'Klima, M.'             10 0000-0002-9083-509X 
# 
loop_
_entity.id 
_entity.type 
_entity.src_method 
_entity.pdbx_description 
_entity.formula_weight 
_entity.pdbx_number_of_molecules 
_entity.pdbx_ec 
_entity.pdbx_mutation 
_entity.pdbx_fragment 
_entity.details 
1 polymer man 'Golgi resident protein GCP60' 19261.217 1  ?                                     ? ? ? 
2 polymer man 'Genome polyprotein'           7035.023  1  3.4.22.29,3.6.1.15,3.4.22.28,2.7.7.48 ? ? ? 
3 water   nat water                          18.015    33 ?                                     ? ? ? 
# 
_entity_name_com.entity_id   1 
_entity_name_com.name        
;Acyl-CoA-binding domain-containing protein 3,Golgi complex-associated protein 1,GOCAP1,Golgi phosphoprotein 1,GOLPH1,PBR- and PKA-associated protein 7,Peripheral benzodiazepine receptor-associated protein PAP7
;
# 
loop_
_entity_poly.entity_id 
_entity_poly.type 
_entity_poly.nstd_linkage 
_entity_poly.nstd_monomer 
_entity_poly.pdbx_seq_one_letter_code 
_entity_poly.pdbx_seq_one_letter_code_can 
_entity_poly.pdbx_strand_id 
_entity_poly.pdbx_target_identifier 
1 'polypeptide(L)' no no 
;MESLPVIAAPSMWTRPQIKDFKEKIQQDADSVITVGRGEVVTVRVPTHEEGSYLFWEFATDNYDIGFGVYFEWTDSPNTA
VSVHVSESSDDDEEEEENIGCEEKAKKNANKPLLDEIVPVYRRDCHEEVYAGSHQYPGRGVYLLKFDNSYSLWRSKSVYY
RVYYTR
;
;MESLPVIAAPSMWTRPQIKDFKEKIQQDADSVITVGRGEVVTVRVPTHEEGSYLFWEFATDNYDIGFGVYFEWTDSPNTA
VSVHVSESSDDDEEEEENIGCEEKAKKNANKPLLDEIVPVYRRDCHEEVYAGSHQYPGRGVYLLKFDNSYSLWRSKSVYY
RVYYTR
;
A ? 
2 'polypeptide(L)' no no GAMGPPQFKEIKISVAPDTPAPDAINDLLRSVDSQEVRDYCQKKGWIVIHPSNELVVEKHISR 
GAMGPPQFKEIKISVAPDTPAPDAINDLLRSVDSQEVRDYCQKKGWIVIHPSNELVVEKHISR B ? 
# 
_pdbx_entity_nonpoly.entity_id   3 
_pdbx_entity_nonpoly.name        water 
_pdbx_entity_nonpoly.comp_id     HOH 
# 
loop_
_entity_poly_seq.entity_id 
_entity_poly_seq.num 
_entity_poly_seq.mon_id 
_entity_poly_seq.hetero 
1 1   MET n 
1 2   GLU n 
1 3   SER n 
1 4   LEU n 
1 5   PRO n 
1 6   VAL n 
1 7   ILE n 
1 8   ALA n 
1 9   ALA n 
1 10  PRO n 
1 11  SER n 
1 12  MET n 
1 13  TRP n 
1 14  THR n 
1 15  ARG n 
1 16  PRO n 
1 17  GLN n 
1 18  ILE n 
1 19  LYS n 
1 20  ASP n 
1 21  PHE n 
1 22  LYS n 
1 23  GLU n 
1 24  LYS n 
1 25  ILE n 
1 26  GLN n 
1 27  GLN n 
1 28  ASP n 
1 29  ALA n 
1 30  ASP n 
1 31  SER n 
1 32  VAL n 
1 33  ILE n 
1 34  THR n 
1 35  VAL n 
1 36  GLY n 
1 37  ARG n 
1 38  GLY n 
1 39  GLU n 
1 40  VAL n 
1 41  VAL n 
1 42  THR n 
1 43  VAL n 
1 44  ARG n 
1 45  VAL n 
1 46  PRO n 
1 47  THR n 
1 48  HIS n 
1 49  GLU n 
1 50  GLU n 
1 51  GLY n 
1 52  SER n 
1 53  TYR n 
1 54  LEU n 
1 55  PHE n 
1 56  TRP n 
1 57  GLU n 
1 58  PHE n 
1 59  ALA n 
1 60  THR n 
1 61  ASP n 
1 62  ASN n 
1 63  TYR n 
1 64  ASP n 
1 65  ILE n 
1 66  GLY n 
1 67  PHE n 
1 68  GLY n 
1 69  VAL n 
1 70  TYR n 
1 71  PHE n 
1 72  GLU n 
1 73  TRP n 
1 74  THR n 
1 75  ASP n 
1 76  SER n 
1 77  PRO n 
1 78  ASN n 
1 79  THR n 
1 80  ALA n 
1 81  VAL n 
1 82  SER n 
1 83  VAL n 
1 84  HIS n 
1 85  VAL n 
1 86  SER n 
1 87  GLU n 
1 88  SER n 
1 89  SER n 
1 90  ASP n 
1 91  ASP n 
1 92  ASP n 
1 93  GLU n 
1 94  GLU n 
1 95  GLU n 
1 96  GLU n 
1 97  GLU n 
1 98  ASN n 
1 99  ILE n 
1 100 GLY n 
1 101 CYS n 
1 102 GLU n 
1 103 GLU n 
1 104 LYS n 
1 105 ALA n 
1 106 LYS n 
1 107 LYS n 
1 108 ASN n 
1 109 ALA n 
1 110 ASN n 
1 111 LYS n 
1 112 PRO n 
1 113 LEU n 
1 114 LEU n 
1 115 ASP n 
1 116 GLU n 
1 117 ILE n 
1 118 VAL n 
1 119 PRO n 
1 120 VAL n 
1 121 TYR n 
1 122 ARG n 
1 123 ARG n 
1 124 ASP n 
1 125 CYS n 
1 126 HIS n 
1 127 GLU n 
1 128 GLU n 
1 129 VAL n 
1 130 TYR n 
1 131 ALA n 
1 132 GLY n 
1 133 SER n 
1 134 HIS n 
1 135 GLN n 
1 136 TYR n 
1 137 PRO n 
1 138 GLY n 
1 139 ARG n 
1 140 GLY n 
1 141 VAL n 
1 142 TYR n 
1 143 LEU n 
1 144 LEU n 
1 145 LYS n 
1 146 PHE n 
1 147 ASP n 
1 148 ASN n 
1 149 SER n 
1 150 TYR n 
1 151 SER n 
1 152 LEU n 
1 153 TRP n 
1 154 ARG n 
1 155 SER n 
1 156 LYS n 
1 157 SER n 
1 158 VAL n 
1 159 TYR n 
1 160 TYR n 
1 161 ARG n 
1 162 VAL n 
1 163 TYR n 
1 164 TYR n 
1 165 THR n 
1 166 ARG n 
2 1   GLY n 
2 2   ALA n 
2 3   MET n 
2 4   GLY n 
2 5   PRO n 
2 6   PRO n 
2 7   GLN n 
2 8   PHE n 
2 9   LYS n 
2 10  GLU n 
2 11  ILE n 
2 12  LYS n 
2 13  ILE n 
2 14  SER n 
2 15  VAL n 
2 16  ALA n 
2 17  PRO n 
2 18  ASP n 
2 19  THR n 
2 20  PRO n 
2 21  ALA n 
2 22  PRO n 
2 23  ASP n 
2 24  ALA n 
2 25  ILE n 
2 26  ASN n 
2 27  ASP n 
2 28  LEU n 
2 29  LEU n 
2 30  ARG n 
2 31  SER n 
2 32  VAL n 
2 33  ASP n 
2 34  SER n 
2 35  GLN n 
2 36  GLU n 
2 37  VAL n 
2 38  ARG n 
2 39  ASP n 
2 40  TYR n 
2 41  CYS n 
2 42  GLN n 
2 43  LYS n 
2 44  LYS n 
2 45  GLY n 
2 46  TRP n 
2 47  ILE n 
2 48  VAL n 
2 49  ILE n 
2 50  HIS n 
2 51  PRO n 
2 52  SER n 
2 53  ASN n 
2 54  GLU n 
2 55  LEU n 
2 56  VAL n 
2 57  VAL n 
2 58  GLU n 
2 59  LYS n 
2 60  HIS n 
2 61  ILE n 
2 62  SER n 
2 63  ARG n 
# 
loop_
_entity_src_gen.entity_id 
_entity_src_gen.pdbx_src_id 
_entity_src_gen.pdbx_alt_source_flag 
_entity_src_gen.pdbx_seq_type 
_entity_src_gen.pdbx_beg_seq_num 
_entity_src_gen.pdbx_end_seq_num 
_entity_src_gen.gene_src_common_name 
_entity_src_gen.gene_src_genus 
_entity_src_gen.pdbx_gene_src_gene 
_entity_src_gen.gene_src_species 
_entity_src_gen.gene_src_strain 
_entity_src_gen.gene_src_tissue 
_entity_src_gen.gene_src_tissue_fraction 
_entity_src_gen.gene_src_details 
_entity_src_gen.pdbx_gene_src_fragment 
_entity_src_gen.pdbx_gene_src_scientific_name 
_entity_src_gen.pdbx_gene_src_ncbi_taxonomy_id 
_entity_src_gen.pdbx_gene_src_variant 
_entity_src_gen.pdbx_gene_src_cell_line 
_entity_src_gen.pdbx_gene_src_atcc 
_entity_src_gen.pdbx_gene_src_organ 
_entity_src_gen.pdbx_gene_src_organelle 
_entity_src_gen.pdbx_gene_src_cell 
_entity_src_gen.pdbx_gene_src_cellular_location 
_entity_src_gen.host_org_common_name 
_entity_src_gen.pdbx_host_org_scientific_name 
_entity_src_gen.pdbx_host_org_ncbi_taxonomy_id 
_entity_src_gen.host_org_genus 
_entity_src_gen.pdbx_host_org_gene 
_entity_src_gen.pdbx_host_org_organ 
_entity_src_gen.host_org_species 
_entity_src_gen.pdbx_host_org_tissue 
_entity_src_gen.pdbx_host_org_tissue_fraction 
_entity_src_gen.pdbx_host_org_strain 
_entity_src_gen.pdbx_host_org_variant 
_entity_src_gen.pdbx_host_org_cell_line 
_entity_src_gen.pdbx_host_org_atcc 
_entity_src_gen.pdbx_host_org_culture_collection 
_entity_src_gen.pdbx_host_org_cell 
_entity_src_gen.pdbx_host_org_organelle 
_entity_src_gen.pdbx_host_org_cellular_location 
_entity_src_gen.pdbx_host_org_vector_type 
_entity_src_gen.pdbx_host_org_vector 
_entity_src_gen.host_org_details 
_entity_src_gen.expression_system_id 
_entity_src_gen.plasmid_name 
_entity_src_gen.plasmid_details 
_entity_src_gen.pdbx_description 
1 1 sample 'Biological sequence' 1 166 human ? 'ACBD3, GCP60, GOCAP1, GOLPH1' ? ? ? ? ? ? 'Homo sapiens'    9606  ? ? ? ? ? ? ? ? 
'Escherichia coli BL21(DE3)' 469008 ? ? ? ? ? ? ? ? ? ? ? ? ? ? ? ? ? ? ? ? ? 
2 1 sample 'Biological sequence' 1 63  ?     ? ?                              ? ? ? ? ? ? 'enterovirus D68' 42789 ? ? ? ? ? ? ? ? 
'Escherichia coli BL21(DE3)' 469008 ? ? ? ? ? ? ? ? ? ? ? ? ? ? ? ? ? ? ? ? ? 
# 
loop_
_chem_comp.id 
_chem_comp.type 
_chem_comp.mon_nstd_flag 
_chem_comp.name 
_chem_comp.pdbx_synonyms 
_chem_comp.formula 
_chem_comp.formula_weight 
ALA 'L-peptide linking' y ALANINE         ? 'C3 H7 N O2'     89.093  
ARG 'L-peptide linking' y ARGININE        ? 'C6 H15 N4 O2 1' 175.209 
ASN 'L-peptide linking' y ASPARAGINE      ? 'C4 H8 N2 O3'    132.118 
ASP 'L-peptide linking' y 'ASPARTIC ACID' ? 'C4 H7 N O4'     133.103 
CYS 'L-peptide linking' y CYSTEINE        ? 'C3 H7 N O2 S'   121.158 
GLN 'L-peptide linking' y GLUTAMINE       ? 'C5 H10 N2 O3'   146.144 
GLU 'L-peptide linking' y 'GLUTAMIC ACID' ? 'C5 H9 N O4'     147.129 
GLY 'peptide linking'   y GLYCINE         ? 'C2 H5 N O2'     75.067  
HIS 'L-peptide linking' y HISTIDINE       ? 'C6 H10 N3 O2 1' 156.162 
HOH non-polymer         . WATER           ? 'H2 O'           18.015  
ILE 'L-peptide linking' y ISOLEUCINE      ? 'C6 H13 N O2'    131.173 
LEU 'L-peptide linking' y LEUCINE         ? 'C6 H13 N O2'    131.173 
LYS 'L-peptide linking' y LYSINE          ? 'C6 H15 N2 O2 1' 147.195 
MET 'L-peptide linking' y METHIONINE      ? 'C5 H11 N O2 S'  149.211 
PHE 'L-peptide linking' y PHENYLALANINE   ? 'C9 H11 N O2'    165.189 
PRO 'L-peptide linking' y PROLINE         ? 'C5 H9 N O2'     115.130 
SER 'L-peptide linking' y SERINE          ? 'C3 H7 N O3'     105.093 
THR 'L-peptide linking' y THREONINE       ? 'C4 H9 N O3'     119.119 
TRP 'L-peptide linking' y TRYPTOPHAN      ? 'C11 H12 N2 O2'  204.225 
TYR 'L-peptide linking' y TYROSINE        ? 'C9 H11 N O3'    181.189 
VAL 'L-peptide linking' y VALINE          ? 'C5 H11 N O2'    117.146 
# 
loop_
_pdbx_poly_seq_scheme.asym_id 
_pdbx_poly_seq_scheme.entity_id 
_pdbx_poly_seq_scheme.seq_id 
_pdbx_poly_seq_scheme.mon_id 
_pdbx_poly_seq_scheme.ndb_seq_num 
_pdbx_poly_seq_scheme.pdb_seq_num 
_pdbx_poly_seq_scheme.auth_seq_num 
_pdbx_poly_seq_scheme.pdb_mon_id 
_pdbx_poly_seq_scheme.auth_mon_id 
_pdbx_poly_seq_scheme.pdb_strand_id 
_pdbx_poly_seq_scheme.pdb_ins_code 
_pdbx_poly_seq_scheme.hetero 
A 1 1   MET 1   363 363 MET MET A . n 
A 1 2   GLU 2   364 364 GLU GLU A . n 
A 1 3   SER 3   365 365 SER SER A . n 
A 1 4   LEU 4   366 366 LEU LEU A . n 
A 1 5   PRO 5   367 367 PRO PRO A . n 
A 1 6   VAL 6   368 368 VAL VAL A . n 
A 1 7   ILE 7   369 369 ILE ILE A . n 
A 1 8   ALA 8   370 370 ALA ALA A . n 
A 1 9   ALA 9   371 371 ALA ALA A . n 
A 1 10  PRO 10  372 372 PRO PRO A . n 
A 1 11  SER 11  373 373 SER SER A . n 
A 1 12  MET 12  374 374 MET MET A . n 
A 1 13  TRP 13  375 375 TRP TRP A . n 
A 1 14  THR 14  376 376 THR THR A . n 
A 1 15  ARG 15  377 377 ARG ARG A . n 
A 1 16  PRO 16  378 378 PRO PRO A . n 
A 1 17  GLN 17  379 379 GLN GLN A . n 
A 1 18  ILE 18  380 380 ILE ILE A . n 
A 1 19  LYS 19  381 381 LYS LYS A . n 
A 1 20  ASP 20  382 382 ASP ASP A . n 
A 1 21  PHE 21  383 383 PHE PHE A . n 
A 1 22  LYS 22  384 384 LYS LYS A . n 
A 1 23  GLU 23  385 385 GLU GLU A . n 
A 1 24  LYS 24  386 386 LYS LYS A . n 
A 1 25  ILE 25  387 387 ILE ILE A . n 
A 1 26  GLN 26  388 388 GLN GLN A . n 
A 1 27  GLN 27  389 389 GLN GLN A . n 
A 1 28  ASP 28  390 390 ASP ASP A . n 
A 1 29  ALA 29  391 391 ALA ALA A . n 
A 1 30  ASP 30  392 392 ASP ASP A . n 
A 1 31  SER 31  393 393 SER SER A . n 
A 1 32  VAL 32  394 394 VAL VAL A . n 
A 1 33  ILE 33  395 395 ILE ILE A . n 
A 1 34  THR 34  396 396 THR THR A . n 
A 1 35  VAL 35  397 397 VAL VAL A . n 
A 1 36  GLY 36  398 398 GLY GLY A . n 
A 1 37  ARG 37  399 399 ARG ARG A . n 
A 1 38  GLY 38  400 400 GLY GLY A . n 
A 1 39  GLU 39  401 401 GLU GLU A . n 
A 1 40  VAL 40  402 402 VAL VAL A . n 
A 1 41  VAL 41  403 403 VAL VAL A . n 
A 1 42  THR 42  404 404 THR THR A . n 
A 1 43  VAL 43  405 405 VAL VAL A . n 
A 1 44  ARG 44  406 406 ARG ARG A . n 
A 1 45  VAL 45  407 407 VAL VAL A . n 
A 1 46  PRO 46  408 408 PRO PRO A . n 
A 1 47  THR 47  409 409 THR THR A . n 
A 1 48  HIS 48  410 410 HIS HIS A . n 
A 1 49  GLU 49  411 411 GLU GLU A . n 
A 1 50  GLU 50  412 412 GLU GLU A . n 
A 1 51  GLY 51  413 413 GLY GLY A . n 
A 1 52  SER 52  414 414 SER SER A . n 
A 1 53  TYR 53  415 415 TYR TYR A . n 
A 1 54  LEU 54  416 416 LEU LEU A . n 
A 1 55  PHE 55  417 417 PHE PHE A . n 
A 1 56  TRP 56  418 418 TRP TRP A . n 
A 1 57  GLU 57  419 419 GLU GLU A . n 
A 1 58  PHE 58  420 420 PHE PHE A . n 
A 1 59  ALA 59  421 421 ALA ALA A . n 
A 1 60  THR 60  422 422 THR THR A . n 
A 1 61  ASP 61  423 423 ASP ASP A . n 
A 1 62  ASN 62  424 424 ASN ASN A . n 
A 1 63  TYR 63  425 425 TYR TYR A . n 
A 1 64  ASP 64  426 426 ASP ASP A . n 
A 1 65  ILE 65  427 427 ILE ILE A . n 
A 1 66  GLY 66  428 428 GLY GLY A . n 
A 1 67  PHE 67  429 429 PHE PHE A . n 
A 1 68  GLY 68  430 430 GLY GLY A . n 
A 1 69  VAL 69  431 431 VAL VAL A . n 
A 1 70  TYR 70  432 432 TYR TYR A . n 
A 1 71  PHE 71  433 433 PHE PHE A . n 
A 1 72  GLU 72  434 434 GLU GLU A . n 
A 1 73  TRP 73  435 435 TRP TRP A . n 
A 1 74  THR 74  436 436 THR THR A . n 
A 1 75  ASP 75  437 ?   ?   ?   A . n 
A 1 76  SER 76  438 ?   ?   ?   A . n 
A 1 77  PRO 77  439 ?   ?   ?   A . n 
A 1 78  ASN 78  440 ?   ?   ?   A . n 
A 1 79  THR 79  441 ?   ?   ?   A . n 
A 1 80  ALA 80  442 ?   ?   ?   A . n 
A 1 81  VAL 81  443 ?   ?   ?   A . n 
A 1 82  SER 82  444 ?   ?   ?   A . n 
A 1 83  VAL 83  445 ?   ?   ?   A . n 
A 1 84  HIS 84  446 ?   ?   ?   A . n 
A 1 85  VAL 85  447 ?   ?   ?   A . n 
A 1 86  SER 86  448 ?   ?   ?   A . n 
A 1 87  GLU 87  449 ?   ?   ?   A . n 
A 1 88  SER 88  450 ?   ?   ?   A . n 
A 1 89  SER 89  451 ?   ?   ?   A . n 
A 1 90  ASP 90  452 ?   ?   ?   A . n 
A 1 91  ASP 91  453 ?   ?   ?   A . n 
A 1 92  ASP 92  454 ?   ?   ?   A . n 
A 1 93  GLU 93  455 ?   ?   ?   A . n 
A 1 94  GLU 94  456 ?   ?   ?   A . n 
A 1 95  GLU 95  457 ?   ?   ?   A . n 
A 1 96  GLU 96  458 ?   ?   ?   A . n 
A 1 97  GLU 97  459 ?   ?   ?   A . n 
A 1 98  ASN 98  460 ?   ?   ?   A . n 
A 1 99  ILE 99  461 ?   ?   ?   A . n 
A 1 100 GLY 100 462 ?   ?   ?   A . n 
A 1 101 CYS 101 463 ?   ?   ?   A . n 
A 1 102 GLU 102 464 ?   ?   ?   A . n 
A 1 103 GLU 103 465 ?   ?   ?   A . n 
A 1 104 LYS 104 466 ?   ?   ?   A . n 
A 1 105 ALA 105 467 ?   ?   ?   A . n 
A 1 106 LYS 106 468 ?   ?   ?   A . n 
A 1 107 LYS 107 469 ?   ?   ?   A . n 
A 1 108 ASN 108 470 ?   ?   ?   A . n 
A 1 109 ALA 109 471 ?   ?   ?   A . n 
A 1 110 ASN 110 472 ?   ?   ?   A . n 
A 1 111 LYS 111 473 473 LYS LYS A . n 
A 1 112 PRO 112 474 474 PRO PRO A . n 
A 1 113 LEU 113 475 475 LEU LEU A . n 
A 1 114 LEU 114 476 476 LEU LEU A . n 
A 1 115 ASP 115 477 477 ASP ASP A . n 
A 1 116 GLU 116 478 478 GLU GLU A . n 
A 1 117 ILE 117 479 479 ILE ILE A . n 
A 1 118 VAL 118 480 480 VAL VAL A . n 
A 1 119 PRO 119 481 481 PRO PRO A . n 
A 1 120 VAL 120 482 482 VAL VAL A . n 
A 1 121 TYR 121 483 483 TYR TYR A . n 
A 1 122 ARG 122 484 484 ARG ARG A . n 
A 1 123 ARG 123 485 485 ARG ARG A . n 
A 1 124 ASP 124 486 486 ASP ASP A . n 
A 1 125 CYS 125 487 487 CYS CYS A . n 
A 1 126 HIS 126 488 488 HIS HIS A . n 
A 1 127 GLU 127 489 489 GLU GLU A . n 
A 1 128 GLU 128 490 490 GLU GLU A . n 
A 1 129 VAL 129 491 491 VAL VAL A . n 
A 1 130 TYR 130 492 492 TYR TYR A . n 
A 1 131 ALA 131 493 493 ALA ALA A . n 
A 1 132 GLY 132 494 494 GLY GLY A . n 
A 1 133 SER 133 495 495 SER SER A . n 
A 1 134 HIS 134 496 496 HIS HIS A . n 
A 1 135 GLN 135 497 497 GLN GLN A . n 
A 1 136 TYR 136 498 498 TYR TYR A . n 
A 1 137 PRO 137 499 499 PRO PRO A . n 
A 1 138 GLY 138 500 500 GLY GLY A . n 
A 1 139 ARG 139 501 501 ARG ARG A . n 
A 1 140 GLY 140 502 502 GLY GLY A . n 
A 1 141 VAL 141 503 503 VAL VAL A . n 
A 1 142 TYR 142 504 504 TYR TYR A . n 
A 1 143 LEU 143 505 505 LEU LEU A . n 
A 1 144 LEU 144 506 506 LEU LEU A . n 
A 1 145 LYS 145 507 507 LYS LYS A . n 
A 1 146 PHE 146 508 508 PHE PHE A . n 
A 1 147 ASP 147 509 509 ASP ASP A . n 
A 1 148 ASN 148 510 510 ASN ASN A . n 
A 1 149 SER 149 511 511 SER SER A . n 
A 1 150 TYR 150 512 512 TYR TYR A . n 
A 1 151 SER 151 513 513 SER SER A . n 
A 1 152 LEU 152 514 514 LEU LEU A . n 
A 1 153 TRP 153 515 515 TRP TRP A . n 
A 1 154 ARG 154 516 516 ARG ARG A . n 
A 1 155 SER 155 517 517 SER SER A . n 
A 1 156 LYS 156 518 518 LYS LYS A . n 
A 1 157 SER 157 519 519 SER SER A . n 
A 1 158 VAL 158 520 520 VAL VAL A . n 
A 1 159 TYR 159 521 521 TYR TYR A . n 
A 1 160 TYR 160 522 522 TYR TYR A . n 
A 1 161 ARG 161 523 523 ARG ARG A . n 
A 1 162 VAL 162 524 524 VAL VAL A . n 
A 1 163 TYR 163 525 525 TYR TYR A . n 
A 1 164 TYR 164 526 526 TYR TYR A . n 
A 1 165 THR 165 527 527 THR THR A . n 
A 1 166 ARG 166 528 528 ARG ARG A . n 
B 2 1   GLY 1   -2  ?   ?   ?   B . n 
B 2 2   ALA 2   -1  ?   ?   ?   B . n 
B 2 3   MET 3   0   ?   ?   ?   B . n 
B 2 4   GLY 4   1   ?   ?   ?   B . n 
B 2 5   PRO 5   2   ?   ?   ?   B . n 
B 2 6   PRO 6   3   ?   ?   ?   B . n 
B 2 7   GLN 7   4   ?   ?   ?   B . n 
B 2 8   PHE 8   5   ?   ?   ?   B . n 
B 2 9   LYS 9   6   ?   ?   ?   B . n 
B 2 10  GLU 10  7   ?   ?   ?   B . n 
B 2 11  ILE 11  8   ?   ?   ?   B . n 
B 2 12  LYS 12  9   ?   ?   ?   B . n 
B 2 13  ILE 13  10  ?   ?   ?   B . n 
B 2 14  SER 14  11  ?   ?   ?   B . n 
B 2 15  VAL 15  12  ?   ?   ?   B . n 
B 2 16  ALA 16  13  ?   ?   ?   B . n 
B 2 17  PRO 17  14  ?   ?   ?   B . n 
B 2 18  ASP 18  15  ?   ?   ?   B . n 
B 2 19  THR 19  16  16  THR THR B . n 
B 2 20  PRO 20  17  17  PRO PRO B . n 
B 2 21  ALA 21  18  18  ALA ALA B . n 
B 2 22  PRO 22  19  19  PRO PRO B . n 
B 2 23  ASP 23  20  20  ASP ASP B . n 
B 2 24  ALA 24  21  21  ALA ALA B . n 
B 2 25  ILE 25  22  22  ILE ILE B . n 
B 2 26  ASN 26  23  23  ASN ASN B . n 
B 2 27  ASP 27  24  24  ASP ASP B . n 
B 2 28  LEU 28  25  25  LEU LEU B . n 
B 2 29  LEU 29  26  26  LEU LEU B . n 
B 2 30  ARG 30  27  27  ARG ARG B . n 
B 2 31  SER 31  28  28  SER SER B . n 
B 2 32  VAL 32  29  29  VAL VAL B . n 
B 2 33  ASP 33  30  30  ASP ASP B . n 
B 2 34  SER 34  31  31  SER SER B . n 
B 2 35  GLN 35  32  32  GLN GLN B . n 
B 2 36  GLU 36  33  33  GLU GLU B . n 
B 2 37  VAL 37  34  34  VAL VAL B . n 
B 2 38  ARG 38  35  35  ARG ARG B . n 
B 2 39  ASP 39  36  36  ASP ASP B . n 
B 2 40  TYR 40  37  37  TYR TYR B . n 
B 2 41  CYS 41  38  38  CYS CYS B . n 
B 2 42  GLN 42  39  39  GLN GLN B . n 
B 2 43  LYS 43  40  40  LYS LYS B . n 
B 2 44  LYS 44  41  41  LYS LYS B . n 
B 2 45  GLY 45  42  42  GLY GLY B . n 
B 2 46  TRP 46  43  43  TRP TRP B . n 
B 2 47  ILE 47  44  44  ILE ILE B . n 
B 2 48  VAL 48  45  45  VAL VAL B . n 
B 2 49  ILE 49  46  46  ILE ILE B . n 
B 2 50  HIS 50  47  47  HIS HIS B . n 
B 2 51  PRO 51  48  48  PRO PRO B . n 
B 2 52  SER 52  49  49  SER SER B . n 
B 2 53  ASN 53  50  50  ASN ASN B . n 
B 2 54  GLU 54  51  51  GLU GLU B . n 
B 2 55  LEU 55  52  52  LEU LEU B . n 
B 2 56  VAL 56  53  53  VAL VAL B . n 
B 2 57  VAL 57  54  54  VAL VAL B . n 
B 2 58  GLU 58  55  55  GLU GLU B . n 
B 2 59  LYS 59  56  56  LYS LYS B . n 
B 2 60  HIS 60  57  57  HIS HIS B . n 
B 2 61  ILE 61  58  58  ILE ILE B . n 
B 2 62  SER 62  59  ?   ?   ?   B . n 
B 2 63  ARG 63  60  ?   ?   ?   B . n 
# 
loop_
_pdbx_nonpoly_scheme.asym_id 
_pdbx_nonpoly_scheme.entity_id 
_pdbx_nonpoly_scheme.mon_id 
_pdbx_nonpoly_scheme.ndb_seq_num 
_pdbx_nonpoly_scheme.pdb_seq_num 
_pdbx_nonpoly_scheme.auth_seq_num 
_pdbx_nonpoly_scheme.pdb_mon_id 
_pdbx_nonpoly_scheme.auth_mon_id 
_pdbx_nonpoly_scheme.pdb_strand_id 
_pdbx_nonpoly_scheme.pdb_ins_code 
C 3 HOH 1  601 6  HOH HOH A . 
C 3 HOH 2  602 3  HOH HOH A . 
C 3 HOH 3  603 1  HOH HOH A . 
C 3 HOH 4  604 28 HOH HOH A . 
C 3 HOH 5  605 15 HOH HOH A . 
C 3 HOH 6  606 10 HOH HOH A . 
C 3 HOH 7  607 11 HOH HOH A . 
C 3 HOH 8  608 9  HOH HOH A . 
C 3 HOH 9  609 14 HOH HOH A . 
C 3 HOH 10 610 25 HOH HOH A . 
C 3 HOH 11 611 18 HOH HOH A . 
C 3 HOH 12 612 33 HOH HOH A . 
C 3 HOH 13 613 5  HOH HOH A . 
C 3 HOH 14 614 27 HOH HOH A . 
C 3 HOH 15 615 29 HOH HOH A . 
C 3 HOH 16 616 16 HOH HOH A . 
C 3 HOH 17 617 17 HOH HOH A . 
C 3 HOH 18 618 22 HOH HOH A . 
C 3 HOH 19 619 23 HOH HOH A . 
C 3 HOH 20 620 20 HOH HOH A . 
C 3 HOH 21 621 26 HOH HOH A . 
C 3 HOH 22 622 24 HOH HOH A . 
C 3 HOH 23 623 19 HOH HOH A . 
C 3 HOH 24 624 30 HOH HOH A . 
C 3 HOH 25 625 4  HOH HOH A . 
C 3 HOH 26 626 31 HOH HOH A . 
D 3 HOH 1  101 32 HOH HOH B . 
D 3 HOH 2  102 13 HOH HOH B . 
D 3 HOH 3  103 21 HOH HOH B . 
D 3 HOH 4  104 12 HOH HOH B . 
D 3 HOH 5  105 8  HOH HOH B . 
D 3 HOH 6  106 7  HOH HOH B . 
D 3 HOH 7  107 2  HOH HOH B . 
# 
loop_
_pdbx_unobs_or_zero_occ_atoms.id 
_pdbx_unobs_or_zero_occ_atoms.PDB_model_num 
_pdbx_unobs_or_zero_occ_atoms.polymer_flag 
_pdbx_unobs_or_zero_occ_atoms.occupancy_flag 
_pdbx_unobs_or_zero_occ_atoms.auth_asym_id 
_pdbx_unobs_or_zero_occ_atoms.auth_comp_id 
_pdbx_unobs_or_zero_occ_atoms.auth_seq_id 
_pdbx_unobs_or_zero_occ_atoms.PDB_ins_code 
_pdbx_unobs_or_zero_occ_atoms.auth_atom_id 
_pdbx_unobs_or_zero_occ_atoms.label_alt_id 
_pdbx_unobs_or_zero_occ_atoms.label_asym_id 
_pdbx_unobs_or_zero_occ_atoms.label_comp_id 
_pdbx_unobs_or_zero_occ_atoms.label_seq_id 
_pdbx_unobs_or_zero_occ_atoms.label_atom_id 
1 1 Y 1 A LYS 381 ? CG ? A LYS 19  CG 
2 1 Y 1 A LYS 381 ? CD ? A LYS 19  CD 
3 1 Y 1 A LYS 381 ? CE ? A LYS 19  CE 
4 1 Y 1 A LYS 381 ? NZ ? A LYS 19  NZ 
5 1 Y 1 A LYS 473 ? CG ? A LYS 111 CG 
6 1 Y 1 A LYS 473 ? CD ? A LYS 111 CD 
7 1 Y 1 A LYS 473 ? CE ? A LYS 111 CE 
8 1 Y 1 A LYS 473 ? NZ ? A LYS 111 NZ 
# 
loop_
_software.citation_id 
_software.classification 
_software.compiler_name 
_software.compiler_version 
_software.contact_author 
_software.contact_author_email 
_software.date 
_software.description 
_software.dependencies 
_software.hardware 
_software.language 
_software.location 
_software.mods 
_software.name 
_software.os 
_software.os_version 
_software.type 
_software.version 
_software.pdbx_ordinal 
? refinement       ? ? ? ? ? ? ? ? ? ? ? PHENIX ? ? ? 1.9_1692    1 
? 'data reduction' ? ? ? ? ? ? ? ? ? ? ? XDS    ? ? ? 11-Sep-2018 2 
? 'data scaling'   ? ? ? ? ? ? ? ? ? ? ? XDS    ? ? ? 11-Sep-2018 3 
? phasing          ? ? ? ? ? ? ? ? ? ? ? PHASER ? ? ? 2.5.6       4 
# 
_cell.angle_alpha                  90.00 
_cell.angle_alpha_esd              ? 
_cell.angle_beta                   112.05 
_cell.angle_beta_esd               ? 
_cell.angle_gamma                  90.00 
_cell.angle_gamma_esd              ? 
_cell.entry_id                     6HLN 
_cell.details                      ? 
_cell.formula_units_Z              ? 
_cell.length_a                     96.879 
_cell.length_a_esd                 ? 
_cell.length_b                     55.889 
_cell.length_b_esd                 ? 
_cell.length_c                     64.493 
_cell.length_c_esd                 ? 
_cell.volume                       ? 
_cell.volume_esd                   ? 
_cell.Z_PDB                        4 
_cell.reciprocal_angle_alpha       ? 
_cell.reciprocal_angle_beta        ? 
_cell.reciprocal_angle_gamma       ? 
_cell.reciprocal_angle_alpha_esd   ? 
_cell.reciprocal_angle_beta_esd    ? 
_cell.reciprocal_angle_gamma_esd   ? 
_cell.reciprocal_length_a          ? 
_cell.reciprocal_length_b          ? 
_cell.reciprocal_length_c          ? 
_cell.reciprocal_length_a_esd      ? 
_cell.reciprocal_length_b_esd      ? 
_cell.reciprocal_length_c_esd      ? 
_cell.pdbx_unique_axis             ? 
# 
_symmetry.entry_id                         6HLN 
_symmetry.cell_setting                     ? 
_symmetry.Int_Tables_number                5 
_symmetry.space_group_name_Hall            ? 
_symmetry.space_group_name_H-M             'C 1 2 1' 
_symmetry.pdbx_full_space_group_name_H-M   ? 
# 
_exptl.absorpt_coefficient_mu     ? 
_exptl.absorpt_correction_T_max   ? 
_exptl.absorpt_correction_T_min   ? 
_exptl.absorpt_correction_type    ? 
_exptl.absorpt_process_details    ? 
_exptl.entry_id                   6HLN 
_exptl.crystals_number            1 
_exptl.details                    ? 
_exptl.method                     'X-RAY DIFFRACTION' 
_exptl.method_details             ? 
# 
_exptl_crystal.colour                      ? 
_exptl_crystal.density_diffrn              ? 
_exptl_crystal.density_Matthews            3.99 
_exptl_crystal.density_method              ? 
_exptl_crystal.density_percent_sol         69.16 
_exptl_crystal.description                 ? 
_exptl_crystal.F_000                       ? 
_exptl_crystal.id                          1 
_exptl_crystal.preparation                 ? 
_exptl_crystal.size_max                    ? 
_exptl_crystal.size_mid                    ? 
_exptl_crystal.size_min                    ? 
_exptl_crystal.size_rad                    ? 
_exptl_crystal.colour_lustre               ? 
_exptl_crystal.colour_modifier             ? 
_exptl_crystal.colour_primary              ? 
_exptl_crystal.density_meas                ? 
_exptl_crystal.density_meas_esd            ? 
_exptl_crystal.density_meas_gt             ? 
_exptl_crystal.density_meas_lt             ? 
_exptl_crystal.density_meas_temp           ? 
_exptl_crystal.density_meas_temp_esd       ? 
_exptl_crystal.density_meas_temp_gt        ? 
_exptl_crystal.density_meas_temp_lt        ? 
_exptl_crystal.pdbx_crystal_image_url      ? 
_exptl_crystal.pdbx_crystal_image_format   ? 
_exptl_crystal.pdbx_mosaicity              ? 
_exptl_crystal.pdbx_mosaicity_esd          ? 
# 
_exptl_crystal_grow.apparatus       ? 
_exptl_crystal_grow.atmosphere      ? 
_exptl_crystal_grow.crystal_id      1 
_exptl_crystal_grow.details         ? 
_exptl_crystal_grow.method          'VAPOR DIFFUSION, SITTING DROP' 
_exptl_crystal_grow.method_ref      ? 
_exptl_crystal_grow.pH              ? 
_exptl_crystal_grow.pressure        ? 
_exptl_crystal_grow.pressure_esd    ? 
_exptl_crystal_grow.seeding         ? 
_exptl_crystal_grow.seeding_ref     ? 
_exptl_crystal_grow.temp            291 
_exptl_crystal_grow.temp_details    ? 
_exptl_crystal_grow.temp_esd        ? 
_exptl_crystal_grow.time            ? 
_exptl_crystal_grow.pdbx_details    
;10% w/v PEG 8000, 6% v/v 1,5-pentanediol, 14% v/v PEG 200, 10 mM spermine, 10 mM spermidine, 10 mM DL-ornithine, 10 mM 1,4-diaminobutane, 300 mM NaCl, 100 mM GlyGly/AMPD pH 8.5
;
_exptl_crystal_grow.pdbx_pH_range   ? 
# 
_diffrn.ambient_environment              ? 
_diffrn.ambient_temp                     100 
_diffrn.ambient_temp_details             ? 
_diffrn.ambient_temp_esd                 ? 
_diffrn.crystal_id                       1 
_diffrn.crystal_support                  ? 
_diffrn.crystal_treatment                ? 
_diffrn.details                          ? 
_diffrn.id                               1 
_diffrn.ambient_pressure                 ? 
_diffrn.ambient_pressure_esd             ? 
_diffrn.ambient_pressure_gt              ? 
_diffrn.ambient_pressure_lt              ? 
_diffrn.ambient_temp_gt                  ? 
_diffrn.ambient_temp_lt                  ? 
_diffrn.pdbx_serial_crystal_experiment   ? 
# 
_diffrn_detector.details                      ? 
_diffrn_detector.detector                     PIXEL 
_diffrn_detector.diffrn_id                    1 
_diffrn_detector.type                         'DECTRIS PILATUS 6M' 
_diffrn_detector.area_resol_mean              ? 
_diffrn_detector.dtime                        ? 
_diffrn_detector.pdbx_frames_total            ? 
_diffrn_detector.pdbx_collection_time_total   ? 
_diffrn_detector.pdbx_collection_date         2018-03-02 
_diffrn_detector.pdbx_frequency               ? 
# 
_diffrn_radiation.collimation                      ? 
_diffrn_radiation.diffrn_id                        1 
_diffrn_radiation.filter_edge                      ? 
_diffrn_radiation.inhomogeneity                    ? 
_diffrn_radiation.monochromator                    ? 
_diffrn_radiation.polarisn_norm                    ? 
_diffrn_radiation.polarisn_ratio                   ? 
_diffrn_radiation.probe                            ? 
_diffrn_radiation.type                             ? 
_diffrn_radiation.xray_symbol                      ? 
_diffrn_radiation.wavelength_id                    1 
_diffrn_radiation.pdbx_monochromatic_or_laue_m_l   M 
_diffrn_radiation.pdbx_wavelength_list             ? 
_diffrn_radiation.pdbx_wavelength                  ? 
_diffrn_radiation.pdbx_diffrn_protocol             'SINGLE WAVELENGTH' 
_diffrn_radiation.pdbx_analyzer                    ? 
_diffrn_radiation.pdbx_scattering_type             x-ray 
# 
_diffrn_radiation_wavelength.id           1 
_diffrn_radiation_wavelength.wavelength   0.9184 
_diffrn_radiation_wavelength.wt           1.0 
# 
_diffrn_source.current                     ? 
_diffrn_source.details                     ? 
_diffrn_source.diffrn_id                   1 
_diffrn_source.power                       ? 
_diffrn_source.size                        ? 
_diffrn_source.source                      SYNCHROTRON 
_diffrn_source.target                      ? 
_diffrn_source.type                        'BESSY BEAMLINE 14.1' 
_diffrn_source.voltage                     ? 
_diffrn_source.take-off_angle              ? 
_diffrn_source.pdbx_wavelength_list        0.9184 
_diffrn_source.pdbx_wavelength             ? 
_diffrn_source.pdbx_synchrotron_beamline   14.1 
_diffrn_source.pdbx_synchrotron_site       BESSY 
# 
_reflns.B_iso_Wilson_estimate            47.36 
_reflns.entry_id                         6HLN 
_reflns.data_reduction_details           ? 
_reflns.data_reduction_method            ? 
_reflns.d_resolution_high                2.1 
_reflns.d_resolution_low                 47.45 
_reflns.details                          ? 
_reflns.limit_h_max                      ? 
_reflns.limit_h_min                      ? 
_reflns.limit_k_max                      ? 
_reflns.limit_k_min                      ? 
_reflns.limit_l_max                      ? 
_reflns.limit_l_min                      ? 
_reflns.number_all                       ? 
_reflns.number_obs                       18521 
_reflns.observed_criterion               ? 
_reflns.observed_criterion_F_max         ? 
_reflns.observed_criterion_F_min         ? 
_reflns.observed_criterion_I_max         ? 
_reflns.observed_criterion_I_min         ? 
_reflns.observed_criterion_sigma_F       ? 
_reflns.observed_criterion_sigma_I       ? 
_reflns.percent_possible_obs             98.34 
_reflns.R_free_details                   ? 
_reflns.Rmerge_F_all                     ? 
_reflns.Rmerge_F_obs                     ? 
_reflns.Friedel_coverage                 ? 
_reflns.number_gt                        ? 
_reflns.threshold_expression             ? 
_reflns.pdbx_redundancy                  3.8 
_reflns.pdbx_Rmerge_I_obs                ? 
_reflns.pdbx_Rmerge_I_all                ? 
_reflns.pdbx_Rsym_value                  ? 
_reflns.pdbx_netI_over_av_sigmaI         ? 
_reflns.pdbx_netI_over_sigmaI            10.78 
_reflns.pdbx_res_netI_over_av_sigmaI_2   ? 
_reflns.pdbx_res_netI_over_sigmaI_2      ? 
_reflns.pdbx_chi_squared                 ? 
_reflns.pdbx_scaling_rejects             ? 
_reflns.pdbx_d_res_high_opt              ? 
_reflns.pdbx_d_res_low_opt               ? 
_reflns.pdbx_d_res_opt_method            ? 
_reflns.phase_calculation_details        ? 
_reflns.pdbx_Rrim_I_all                  ? 
_reflns.pdbx_Rpim_I_all                  ? 
_reflns.pdbx_d_opt                       ? 
_reflns.pdbx_number_measured_all         ? 
_reflns.pdbx_diffrn_id                   1 
_reflns.pdbx_ordinal                     1 
_reflns.pdbx_CC_half                     0.997 
_reflns.pdbx_R_split                     ? 
# 
_reflns_shell.d_res_high                  2.1 
_reflns_shell.d_res_low                   2.175 
_reflns_shell.meanI_over_sigI_all         ? 
_reflns_shell.meanI_over_sigI_obs         1.21 
_reflns_shell.number_measured_all         ? 
_reflns_shell.number_measured_obs         ? 
_reflns_shell.number_possible             ? 
_reflns_shell.number_unique_all           ? 
_reflns_shell.number_unique_obs           1848 
_reflns_shell.percent_possible_all        99.09 
_reflns_shell.percent_possible_obs        ? 
_reflns_shell.Rmerge_F_all                ? 
_reflns_shell.Rmerge_F_obs                ? 
_reflns_shell.Rmerge_I_all                ? 
_reflns_shell.Rmerge_I_obs                ? 
_reflns_shell.meanI_over_sigI_gt          ? 
_reflns_shell.meanI_over_uI_all           ? 
_reflns_shell.meanI_over_uI_gt            ? 
_reflns_shell.number_measured_gt          ? 
_reflns_shell.number_unique_gt            ? 
_reflns_shell.percent_possible_gt         ? 
_reflns_shell.Rmerge_F_gt                 ? 
_reflns_shell.Rmerge_I_gt                 ? 
_reflns_shell.pdbx_redundancy             3.8 
_reflns_shell.pdbx_Rsym_value             ? 
_reflns_shell.pdbx_chi_squared            ? 
_reflns_shell.pdbx_netI_over_sigmaI_all   ? 
_reflns_shell.pdbx_netI_over_sigmaI_obs   ? 
_reflns_shell.pdbx_Rrim_I_all             ? 
_reflns_shell.pdbx_Rpim_I_all             ? 
_reflns_shell.pdbx_rejects                ? 
_reflns_shell.pdbx_ordinal                1 
_reflns_shell.pdbx_diffrn_id              1 
_reflns_shell.pdbx_CC_half                0.556 
_reflns_shell.pdbx_R_split                ? 
# 
_refine.aniso_B[1][1]                            ? 
_refine.aniso_B[1][2]                            ? 
_refine.aniso_B[1][3]                            ? 
_refine.aniso_B[2][2]                            ? 
_refine.aniso_B[2][3]                            ? 
_refine.aniso_B[3][3]                            ? 
_refine.B_iso_max                                ? 
_refine.B_iso_mean                               47.70 
_refine.B_iso_min                                ? 
_refine.correlation_coeff_Fo_to_Fc               ? 
_refine.correlation_coeff_Fo_to_Fc_free          ? 
_refine.details                                  ? 
_refine.diff_density_max                         ? 
_refine.diff_density_max_esd                     ? 
_refine.diff_density_min                         ? 
_refine.diff_density_min_esd                     ? 
_refine.diff_density_rms                         ? 
_refine.diff_density_rms_esd                     ? 
_refine.entry_id                                 6HLN 
_refine.pdbx_refine_id                           'X-RAY DIFFRACTION' 
_refine.ls_abs_structure_details                 ? 
_refine.ls_abs_structure_Flack                   ? 
_refine.ls_abs_structure_Flack_esd               ? 
_refine.ls_abs_structure_Rogers                  ? 
_refine.ls_abs_structure_Rogers_esd              ? 
_refine.ls_d_res_high                            2.100 
_refine.ls_d_res_low                             47.45 
_refine.ls_extinction_coef                       ? 
_refine.ls_extinction_coef_esd                   ? 
_refine.ls_extinction_expression                 ? 
_refine.ls_extinction_method                     ? 
_refine.ls_goodness_of_fit_all                   ? 
_refine.ls_goodness_of_fit_all_esd               ? 
_refine.ls_goodness_of_fit_obs                   ? 
_refine.ls_goodness_of_fit_obs_esd               ? 
_refine.ls_hydrogen_treatment                    ? 
_refine.ls_matrix_type                           ? 
_refine.ls_number_constraints                    ? 
_refine.ls_number_parameters                     ? 
_refine.ls_number_reflns_all                     ? 
_refine.ls_number_reflns_obs                     18496 
_refine.ls_number_reflns_R_free                  926 
_refine.ls_number_reflns_R_work                  ? 
_refine.ls_number_restraints                     ? 
_refine.ls_percent_reflns_obs                    98.21 
_refine.ls_percent_reflns_R_free                 5.01 
_refine.ls_R_factor_all                          ? 
_refine.ls_R_factor_obs                          0.2222 
_refine.ls_R_factor_R_free                       0.2508 
_refine.ls_R_factor_R_free_error                 ? 
_refine.ls_R_factor_R_free_error_details         ? 
_refine.ls_R_factor_R_work                       0.2206 
_refine.ls_R_Fsqd_factor_obs                     ? 
_refine.ls_R_I_factor_obs                        ? 
_refine.ls_redundancy_reflns_all                 ? 
_refine.ls_redundancy_reflns_obs                 ? 
_refine.ls_restrained_S_all                      ? 
_refine.ls_restrained_S_obs                      ? 
_refine.ls_shift_over_esd_max                    ? 
_refine.ls_shift_over_esd_mean                   ? 
_refine.ls_structure_factor_coef                 ? 
_refine.ls_weighting_details                     ? 
_refine.ls_weighting_scheme                      ? 
_refine.ls_wR_factor_all                         ? 
_refine.ls_wR_factor_obs                         ? 
_refine.ls_wR_factor_R_free                      ? 
_refine.ls_wR_factor_R_work                      ? 
_refine.occupancy_max                            ? 
_refine.occupancy_min                            ? 
_refine.solvent_model_details                    ? 
_refine.solvent_model_param_bsol                 ? 
_refine.solvent_model_param_ksol                 ? 
_refine.ls_R_factor_gt                           ? 
_refine.ls_goodness_of_fit_gt                    ? 
_refine.ls_goodness_of_fit_ref                   ? 
_refine.ls_shift_over_su_max                     ? 
_refine.ls_shift_over_su_max_lt                  ? 
_refine.ls_shift_over_su_mean                    ? 
_refine.ls_shift_over_su_mean_lt                 ? 
_refine.pdbx_ls_sigma_I                          ? 
_refine.pdbx_ls_sigma_F                          1.36 
_refine.pdbx_ls_sigma_Fsqd                       ? 
_refine.pdbx_data_cutoff_high_absF               ? 
_refine.pdbx_data_cutoff_high_rms_absF           ? 
_refine.pdbx_data_cutoff_low_absF                ? 
_refine.pdbx_isotropic_thermal_model             ? 
_refine.pdbx_ls_cross_valid_method               'FREE R-VALUE' 
_refine.pdbx_method_to_determine_struct          'MOLECULAR REPLACEMENT' 
_refine.pdbx_starting_model                      5LZ1 
_refine.pdbx_stereochemistry_target_values       ? 
_refine.pdbx_R_Free_selection_details            'random selection' 
_refine.pdbx_stereochem_target_val_spec_case     ? 
_refine.pdbx_overall_ESU_R                       ? 
_refine.pdbx_overall_ESU_R_Free                  ? 
_refine.pdbx_solvent_vdw_probe_radii             1.11 
_refine.pdbx_solvent_ion_probe_radii             ? 
_refine.pdbx_solvent_shrinkage_radii             0.90 
_refine.pdbx_real_space_R                        ? 
_refine.pdbx_density_correlation                 ? 
_refine.pdbx_pd_number_of_powder_patterns        ? 
_refine.pdbx_pd_number_of_points                 ? 
_refine.pdbx_pd_meas_number_of_points            ? 
_refine.pdbx_pd_proc_ls_prof_R_factor            ? 
_refine.pdbx_pd_proc_ls_prof_wR_factor           ? 
_refine.pdbx_pd_Marquardt_correlation_coeff      ? 
_refine.pdbx_pd_Fsqrd_R_factor                   ? 
_refine.pdbx_pd_ls_matrix_band_width             ? 
_refine.pdbx_overall_phase_error                 30.66 
_refine.pdbx_overall_SU_R_free_Cruickshank_DPI   ? 
_refine.pdbx_overall_SU_R_free_Blow_DPI          ? 
_refine.pdbx_overall_SU_R_Blow_DPI               ? 
_refine.pdbx_TLS_residual_ADP_flag               ? 
_refine.pdbx_diffrn_id                           1 
_refine.overall_SU_B                             ? 
_refine.overall_SU_ML                            0.34 
_refine.overall_SU_R_Cruickshank_DPI             ? 
_refine.overall_SU_R_free                        ? 
_refine.overall_FOM_free_R_set                   ? 
_refine.overall_FOM_work_R_set                   ? 
_refine.pdbx_average_fsc_overall                 ? 
_refine.pdbx_average_fsc_work                    ? 
_refine.pdbx_average_fsc_free                    ? 
# 
_refine_hist.pdbx_refine_id                   'X-RAY DIFFRACTION' 
_refine_hist.cycle_id                         LAST 
_refine_hist.pdbx_number_atoms_protein        1425 
_refine_hist.pdbx_number_atoms_nucleic_acid   0 
_refine_hist.pdbx_number_atoms_ligand         0 
_refine_hist.number_atoms_solvent             33 
_refine_hist.number_atoms_total               1458 
_refine_hist.d_res_high                       2.100 
_refine_hist.d_res_low                        47.45 
# 
loop_
_refine_ls_restr.pdbx_refine_id 
_refine_ls_restr.criterion 
_refine_ls_restr.dev_ideal 
_refine_ls_restr.dev_ideal_target 
_refine_ls_restr.number 
_refine_ls_restr.rejects 
_refine_ls_restr.type 
_refine_ls_restr.weight 
_refine_ls_restr.pdbx_restraint_function 
'X-RAY DIFFRACTION' ? 0.007  ? 1466 ? f_bond_d           ? ? 
'X-RAY DIFFRACTION' ? 1.065  ? 1996 ? f_angle_d          ? ? 
'X-RAY DIFFRACTION' ? 14.159 ? 530  ? f_dihedral_angle_d ? ? 
'X-RAY DIFFRACTION' ? 0.047  ? 211  ? f_chiral_restr     ? ? 
'X-RAY DIFFRACTION' ? 0.005  ? 255  ? f_plane_restr      ? ? 
# 
loop_
_refine_ls_shell.pdbx_refine_id 
_refine_ls_shell.d_res_high 
_refine_ls_shell.d_res_low 
_refine_ls_shell.number_reflns_all 
_refine_ls_shell.number_reflns_obs 
_refine_ls_shell.number_reflns_R_free 
_refine_ls_shell.number_reflns_R_work 
_refine_ls_shell.percent_reflns_obs 
_refine_ls_shell.percent_reflns_R_free 
_refine_ls_shell.R_factor_all 
_refine_ls_shell.R_factor_obs 
_refine_ls_shell.R_factor_R_free 
_refine_ls_shell.R_factor_R_free_error 
_refine_ls_shell.R_factor_R_work 
_refine_ls_shell.redundancy_reflns_all 
_refine_ls_shell.redundancy_reflns_obs 
_refine_ls_shell.wR_factor_all 
_refine_ls_shell.wR_factor_obs 
_refine_ls_shell.wR_factor_R_free 
_refine_ls_shell.wR_factor_R_work 
_refine_ls_shell.pdbx_total_number_of_bins_used 
_refine_ls_shell.pdbx_phase_error 
_refine_ls_shell.pdbx_fsc_work 
_refine_ls_shell.pdbx_fsc_free 
'X-RAY DIFFRACTION' 2.1000 2.2107  . . 132 2518 99.00 . . . 0.3682 . 0.3533 . . . . . . . . . . 
'X-RAY DIFFRACTION' 2.2107 2.3492  . . 132 2487 98.00 . . . 0.3251 . 0.3207 . . . . . . . . . . 
'X-RAY DIFFRACTION' 2.3492 2.5306  . . 130 2478 98.00 . . . 0.3183 . 0.2967 . . . . . . . . . . 
'X-RAY DIFFRACTION' 2.5306 2.7852  . . 132 2497 98.00 . . . 0.3329 . 0.2718 . . . . . . . . . . 
'X-RAY DIFFRACTION' 2.7852 3.1882  . . 132 2515 99.00 . . . 0.2834 . 0.2584 . . . . . . . . . . 
'X-RAY DIFFRACTION' 3.1882 4.0165  . . 133 2519 98.00 . . . 0.2397 . 0.2034 . . . . . . . . . . 
'X-RAY DIFFRACTION' 4.0165 47.4607 . . 135 2556 98.00 . . . 0.1964 . 0.1688 . . . . . . . . . . 
# 
_struct.entry_id                     6HLN 
_struct.title                        'Crystal structure of human ACBD3 GOLD domain in complex with 3A protein of enterovirus-D68' 
_struct.pdbx_model_details           ? 
_struct.pdbx_formula_weight          ? 
_struct.pdbx_formula_weight_method   ? 
_struct.pdbx_model_type_details      ? 
_struct.pdbx_CASP_flag               N 
# 
_struct_keywords.entry_id        6HLN 
_struct_keywords.text            'complex, Golgi, enterovirus, picornavirus, VIRAL PROTEIN' 
_struct_keywords.pdbx_keywords   'VIRAL PROTEIN' 
# 
loop_
_struct_asym.id 
_struct_asym.pdbx_blank_PDB_chainid_flag 
_struct_asym.pdbx_modified 
_struct_asym.entity_id 
_struct_asym.details 
A N N 1 ? 
B N N 2 ? 
C N N 3 ? 
D N N 3 ? 
# 
loop_
_struct_ref.id 
_struct_ref.db_name 
_struct_ref.db_code 
_struct_ref.pdbx_db_accession 
_struct_ref.pdbx_db_isoform 
_struct_ref.entity_id 
_struct_ref.pdbx_seq_one_letter_code 
_struct_ref.pdbx_align_begin 
1 UNP GCP60_HUMAN  Q9H3P7 ? 1 
;ESLPVIAAPSMWTRPQIKDFKEKIQQDADSVITVGRGEVVTVRVPTHEEGSYLFWEFATDNYDIGFGVYFEWTDSPNTAV
SVHVSESSDDDEEEEENIGCEEKAKKNANKPLLDEIVPVYRRDCHEEVYAGSHQYPGRGVYLLKFDNSYSLWRSKSVYYR
VYYTR
;
364  
2 UNP Q68T42_9ENTO Q68T42 ? 2 GPPQFKEIKISVAPDTPAPDAINDLLRSVDSQEVRDYCQKKGWIVIHPSNELVVEKHISR 1438 
# 
loop_
_struct_ref_seq.align_id 
_struct_ref_seq.ref_id 
_struct_ref_seq.pdbx_PDB_id_code 
_struct_ref_seq.pdbx_strand_id 
_struct_ref_seq.seq_align_beg 
_struct_ref_seq.pdbx_seq_align_beg_ins_code 
_struct_ref_seq.seq_align_end 
_struct_ref_seq.pdbx_seq_align_end_ins_code 
_struct_ref_seq.pdbx_db_accession 
_struct_ref_seq.db_align_beg 
_struct_ref_seq.pdbx_db_align_beg_ins_code 
_struct_ref_seq.db_align_end 
_struct_ref_seq.pdbx_db_align_end_ins_code 
_struct_ref_seq.pdbx_auth_seq_align_beg 
_struct_ref_seq.pdbx_auth_seq_align_end 
1 1 6HLN A 2 ? 166 ? Q9H3P7 364  ? 528  ? 364 528 
2 2 6HLN B 4 ? 63  ? Q68T42 1438 ? 1497 ? 1   60  
# 
loop_
_struct_ref_seq_dif.align_id 
_struct_ref_seq_dif.pdbx_pdb_id_code 
_struct_ref_seq_dif.mon_id 
_struct_ref_seq_dif.pdbx_pdb_strand_id 
_struct_ref_seq_dif.seq_num 
_struct_ref_seq_dif.pdbx_pdb_ins_code 
_struct_ref_seq_dif.pdbx_seq_db_name 
_struct_ref_seq_dif.pdbx_seq_db_accession_code 
_struct_ref_seq_dif.db_mon_id 
_struct_ref_seq_dif.pdbx_seq_db_seq_num 
_struct_ref_seq_dif.details 
_struct_ref_seq_dif.pdbx_auth_seq_num 
_struct_ref_seq_dif.pdbx_ordinal 
1 6HLN MET A 1 ? UNP Q9H3P7 ? ? 'initiating methionine' 363 1 
2 6HLN GLY B 1 ? UNP Q68T42 ? ? 'expression tag'        -2  2 
2 6HLN ALA B 2 ? UNP Q68T42 ? ? 'expression tag'        -1  3 
2 6HLN MET B 3 ? UNP Q68T42 ? ? 'expression tag'        0   4 
# 
_pdbx_struct_assembly.id                   1 
_pdbx_struct_assembly.details              author_and_software_defined_assembly 
_pdbx_struct_assembly.method_details       PISA 
_pdbx_struct_assembly.oligomeric_details   dimeric 
_pdbx_struct_assembly.oligomeric_count     2 
# 
loop_
_pdbx_struct_assembly_prop.biol_id 
_pdbx_struct_assembly_prop.type 
_pdbx_struct_assembly_prop.value 
_pdbx_struct_assembly_prop.details 
1 'ABSA (A^2)' 2750 ? 
1 MORE         -12  ? 
1 'SSA (A^2)'  9250 ? 
# 
_pdbx_struct_assembly_gen.assembly_id       1 
_pdbx_struct_assembly_gen.oper_expression   1 
_pdbx_struct_assembly_gen.asym_id_list      A,B,C,D 
# 
_pdbx_struct_assembly_auth_evidence.id                     1 
_pdbx_struct_assembly_auth_evidence.assembly_id            1 
_pdbx_struct_assembly_auth_evidence.experimental_support   'gel filtration' 
_pdbx_struct_assembly_auth_evidence.details                ? 
# 
_pdbx_struct_oper_list.id                   1 
_pdbx_struct_oper_list.type                 'identity operation' 
_pdbx_struct_oper_list.name                 1_555 
_pdbx_struct_oper_list.symmetry_operation   x,y,z 
_pdbx_struct_oper_list.matrix[1][1]         1.0000000000 
_pdbx_struct_oper_list.matrix[1][2]         0.0000000000 
_pdbx_struct_oper_list.matrix[1][3]         0.0000000000 
_pdbx_struct_oper_list.vector[1]            0.0000000000 
_pdbx_struct_oper_list.matrix[2][1]         0.0000000000 
_pdbx_struct_oper_list.matrix[2][2]         1.0000000000 
_pdbx_struct_oper_list.matrix[2][3]         0.0000000000 
_pdbx_struct_oper_list.vector[2]            0.0000000000 
_pdbx_struct_oper_list.matrix[3][1]         0.0000000000 
_pdbx_struct_oper_list.matrix[3][2]         0.0000000000 
_pdbx_struct_oper_list.matrix[3][3]         1.0000000000 
_pdbx_struct_oper_list.vector[3]            0.0000000000 
# 
loop_
_struct_conf.conf_type_id 
_struct_conf.id 
_struct_conf.pdbx_PDB_helix_id 
_struct_conf.beg_label_comp_id 
_struct_conf.beg_label_asym_id 
_struct_conf.beg_label_seq_id 
_struct_conf.pdbx_beg_PDB_ins_code 
_struct_conf.end_label_comp_id 
_struct_conf.end_label_asym_id 
_struct_conf.end_label_seq_id 
_struct_conf.pdbx_end_PDB_ins_code 
_struct_conf.beg_auth_comp_id 
_struct_conf.beg_auth_asym_id 
_struct_conf.beg_auth_seq_id 
_struct_conf.end_auth_comp_id 
_struct_conf.end_auth_asym_id 
_struct_conf.end_auth_seq_id 
_struct_conf.pdbx_PDB_helix_class 
_struct_conf.details 
_struct_conf.pdbx_PDB_helix_length 
HELX_P HELX_P1 AA1 GLN A 17 ? GLN A 27 ? GLN A 379 GLN A 389 1 ? 11 
HELX_P HELX_P2 AA2 ASP A 28 ? ASP A 30 ? ASP A 390 ASP A 392 5 ? 3  
HELX_P HELX_P3 AA3 ALA B 21 ? ASP B 33 ? ALA B 18  ASP B 30  1 ? 13 
HELX_P HELX_P4 AA4 SER B 34 ? LYS B 44 ? SER B 31  LYS B 41  1 ? 11 
HELX_P HELX_P5 AA5 PRO B 51 ? LEU B 55 ? PRO B 48  LEU B 52  5 ? 5  
# 
_struct_conf_type.id          HELX_P 
_struct_conf_type.criteria    ? 
_struct_conf_type.reference   ? 
# 
loop_
_struct_sheet.id 
_struct_sheet.type 
_struct_sheet.number_strands 
_struct_sheet.details 
AA1 ? 5 ? 
AA2 ? 5 ? 
AA3 ? 5 ? 
# 
loop_
_struct_sheet_order.sheet_id 
_struct_sheet_order.range_id_1 
_struct_sheet_order.range_id_2 
_struct_sheet_order.offset 
_struct_sheet_order.sense 
AA1 1 2 ? anti-parallel 
AA1 2 3 ? anti-parallel 
AA1 3 4 ? anti-parallel 
AA1 4 5 ? anti-parallel 
AA2 1 2 ? anti-parallel 
AA2 2 3 ? anti-parallel 
AA2 3 4 ? anti-parallel 
AA2 4 5 ? anti-parallel 
AA3 1 2 ? anti-parallel 
AA3 2 3 ? anti-parallel 
AA3 3 4 ? anti-parallel 
AA3 4 5 ? anti-parallel 
# 
loop_
_struct_sheet_range.sheet_id 
_struct_sheet_range.id 
_struct_sheet_range.beg_label_comp_id 
_struct_sheet_range.beg_label_asym_id 
_struct_sheet_range.beg_label_seq_id 
_struct_sheet_range.pdbx_beg_PDB_ins_code 
_struct_sheet_range.end_label_comp_id 
_struct_sheet_range.end_label_asym_id 
_struct_sheet_range.end_label_seq_id 
_struct_sheet_range.pdbx_end_PDB_ins_code 
_struct_sheet_range.beg_auth_comp_id 
_struct_sheet_range.beg_auth_asym_id 
_struct_sheet_range.beg_auth_seq_id 
_struct_sheet_range.end_auth_comp_id 
_struct_sheet_range.end_auth_asym_id 
_struct_sheet_range.end_auth_seq_id 
AA1 1 SER A 11  ? ARG A 15  ? SER A 373 ARG A 377 
AA1 2 VAL A 129 ? GLN A 135 ? VAL A 491 GLN A 497 
AA1 3 TYR A 53  ? THR A 60  ? TYR A 415 THR A 422 
AA1 4 LYS A 156 ? TYR A 164 ? LYS A 518 TYR A 526 
AA1 5 VAL A 32  ? VAL A 35  ? VAL A 394 VAL A 397 
AA2 1 SER A 11  ? ARG A 15  ? SER A 373 ARG A 377 
AA2 2 VAL A 129 ? GLN A 135 ? VAL A 491 GLN A 497 
AA2 3 TYR A 53  ? THR A 60  ? TYR A 415 THR A 422 
AA2 4 LYS A 156 ? TYR A 164 ? LYS A 518 TYR A 526 
AA2 5 VAL B 48  ? ILE B 49  ? VAL B 45  ILE B 46  
AA3 1 LEU A 114 ? ARG A 123 ? LEU A 476 ARG A 485 
AA3 2 ILE A 65  ? TRP A 73  ? ILE A 427 TRP A 435 
AA3 3 GLY A 140 ? ASP A 147 ? GLY A 502 ASP A 509 
AA3 4 VAL A 40  ? PRO A 46  ? VAL A 402 PRO A 408 
AA3 5 VAL B 56  ? HIS B 60  ? VAL B 53  HIS B 57  
# 
loop_
_pdbx_struct_sheet_hbond.sheet_id 
_pdbx_struct_sheet_hbond.range_id_1 
_pdbx_struct_sheet_hbond.range_id_2 
_pdbx_struct_sheet_hbond.range_1_label_atom_id 
_pdbx_struct_sheet_hbond.range_1_label_comp_id 
_pdbx_struct_sheet_hbond.range_1_label_asym_id 
_pdbx_struct_sheet_hbond.range_1_label_seq_id 
_pdbx_struct_sheet_hbond.range_1_PDB_ins_code 
_pdbx_struct_sheet_hbond.range_1_auth_atom_id 
_pdbx_struct_sheet_hbond.range_1_auth_comp_id 
_pdbx_struct_sheet_hbond.range_1_auth_asym_id 
_pdbx_struct_sheet_hbond.range_1_auth_seq_id 
_pdbx_struct_sheet_hbond.range_2_label_atom_id 
_pdbx_struct_sheet_hbond.range_2_label_comp_id 
_pdbx_struct_sheet_hbond.range_2_label_asym_id 
_pdbx_struct_sheet_hbond.range_2_label_seq_id 
_pdbx_struct_sheet_hbond.range_2_PDB_ins_code 
_pdbx_struct_sheet_hbond.range_2_auth_atom_id 
_pdbx_struct_sheet_hbond.range_2_auth_comp_id 
_pdbx_struct_sheet_hbond.range_2_auth_asym_id 
_pdbx_struct_sheet_hbond.range_2_auth_seq_id 
AA1 1 2 N TRP A 13  ? N TRP A 375 O ALA A 131 ? O ALA A 493 
AA1 2 3 O TYR A 130 ? O TYR A 492 N PHE A 58  ? N PHE A 420 
AA1 3 4 N ALA A 59  ? N ALA A 421 O TYR A 159 ? O TYR A 521 
AA1 4 5 O VAL A 158 ? O VAL A 520 N ILE A 33  ? N ILE A 395 
AA2 1 2 N TRP A 13  ? N TRP A 375 O ALA A 131 ? O ALA A 493 
AA2 2 3 O TYR A 130 ? O TYR A 492 N PHE A 58  ? N PHE A 420 
AA2 3 4 N ALA A 59  ? N ALA A 421 O TYR A 159 ? O TYR A 521 
AA2 4 5 N TYR A 164 ? N TYR A 526 O VAL B 48  ? O VAL B 45  
AA3 1 2 O VAL A 118 ? O VAL A 480 N VAL A 69  ? N VAL A 431 
AA3 2 3 N GLU A 72  ? N GLU A 434 O VAL A 141 ? O VAL A 503 
AA3 3 4 O PHE A 146 ? O PHE A 508 N VAL A 41  ? N VAL A 403 
AA3 4 5 N THR A 42  ? N THR A 404 O GLU B 58  ? O GLU B 55  
# 
loop_
_pdbx_unobs_or_zero_occ_residues.id 
_pdbx_unobs_or_zero_occ_residues.PDB_model_num 
_pdbx_unobs_or_zero_occ_residues.polymer_flag 
_pdbx_unobs_or_zero_occ_residues.occupancy_flag 
_pdbx_unobs_or_zero_occ_residues.auth_asym_id 
_pdbx_unobs_or_zero_occ_residues.auth_comp_id 
_pdbx_unobs_or_zero_occ_residues.auth_seq_id 
_pdbx_unobs_or_zero_occ_residues.PDB_ins_code 
_pdbx_unobs_or_zero_occ_residues.label_asym_id 
_pdbx_unobs_or_zero_occ_residues.label_comp_id 
_pdbx_unobs_or_zero_occ_residues.label_seq_id 
1  1 Y 1 A ASP 437 ? A ASP 75  
2  1 Y 1 A SER 438 ? A SER 76  
3  1 Y 1 A PRO 439 ? A PRO 77  
4  1 Y 1 A ASN 440 ? A ASN 78  
5  1 Y 1 A THR 441 ? A THR 79  
6  1 Y 1 A ALA 442 ? A ALA 80  
7  1 Y 1 A VAL 443 ? A VAL 81  
8  1 Y 1 A SER 444 ? A SER 82  
9  1 Y 1 A VAL 445 ? A VAL 83  
10 1 Y 1 A HIS 446 ? A HIS 84  
11 1 Y 1 A VAL 447 ? A VAL 85  
12 1 Y 1 A SER 448 ? A SER 86  
13 1 Y 1 A GLU 449 ? A GLU 87  
14 1 Y 1 A SER 450 ? A SER 88  
15 1 Y 1 A SER 451 ? A SER 89  
16 1 Y 1 A ASP 452 ? A ASP 90  
17 1 Y 1 A ASP 453 ? A ASP 91  
18 1 Y 1 A ASP 454 ? A ASP 92  
19 1 Y 1 A GLU 455 ? A GLU 93  
20 1 Y 1 A GLU 456 ? A GLU 94  
21 1 Y 1 A GLU 457 ? A GLU 95  
22 1 Y 1 A GLU 458 ? A GLU 96  
23 1 Y 1 A GLU 459 ? A GLU 97  
24 1 Y 1 A ASN 460 ? A ASN 98  
25 1 Y 1 A ILE 461 ? A ILE 99  
26 1 Y 1 A GLY 462 ? A GLY 100 
27 1 Y 1 A CYS 463 ? A CYS 101 
28 1 Y 1 A GLU 464 ? A GLU 102 
29 1 Y 1 A GLU 465 ? A GLU 103 
30 1 Y 1 A LYS 466 ? A LYS 104 
31 1 Y 1 A ALA 467 ? A ALA 105 
32 1 Y 1 A LYS 468 ? A LYS 106 
33 1 Y 1 A LYS 469 ? A LYS 107 
34 1 Y 1 A ASN 470 ? A ASN 108 
35 1 Y 1 A ALA 471 ? A ALA 109 
36 1 Y 1 A ASN 472 ? A ASN 110 
37 1 Y 1 B GLY -2  ? B GLY 1   
38 1 Y 1 B ALA -1  ? B ALA 2   
39 1 Y 1 B MET 0   ? B MET 3   
40 1 Y 1 B GLY 1   ? B GLY 4   
41 1 Y 1 B PRO 2   ? B PRO 5   
42 1 Y 1 B PRO 3   ? B PRO 6   
43 1 Y 1 B GLN 4   ? B GLN 7   
44 1 Y 1 B PHE 5   ? B PHE 8   
45 1 Y 1 B LYS 6   ? B LYS 9   
46 1 Y 1 B GLU 7   ? B GLU 10  
47 1 Y 1 B ILE 8   ? B ILE 11  
48 1 Y 1 B LYS 9   ? B LYS 12  
49 1 Y 1 B ILE 10  ? B ILE 13  
50 1 Y 1 B SER 11  ? B SER 14  
51 1 Y 1 B VAL 12  ? B VAL 15  
52 1 Y 1 B ALA 13  ? B ALA 16  
53 1 Y 1 B PRO 14  ? B PRO 17  
54 1 Y 1 B ASP 15  ? B ASP 18  
55 1 Y 1 B SER 59  ? B SER 62  
56 1 Y 1 B ARG 60  ? B ARG 63  
# 
loop_
_chem_comp_atom.comp_id 
_chem_comp_atom.atom_id 
_chem_comp_atom.type_symbol 
_chem_comp_atom.pdbx_aromatic_flag 
_chem_comp_atom.pdbx_stereo_config 
_chem_comp_atom.pdbx_ordinal 
ALA N    N N N 1   
ALA CA   C N S 2   
ALA C    C N N 3   
ALA O    O N N 4   
ALA CB   C N N 5   
ALA OXT  O N N 6   
ALA H    H N N 7   
ALA H2   H N N 8   
ALA HA   H N N 9   
ALA HB1  H N N 10  
ALA HB2  H N N 11  
ALA HB3  H N N 12  
ALA HXT  H N N 13  
ARG N    N N N 14  
ARG CA   C N S 15  
ARG C    C N N 16  
ARG O    O N N 17  
ARG CB   C N N 18  
ARG CG   C N N 19  
ARG CD   C N N 20  
ARG NE   N N N 21  
ARG CZ   C N N 22  
ARG NH1  N N N 23  
ARG NH2  N N N 24  
ARG OXT  O N N 25  
ARG H    H N N 26  
ARG H2   H N N 27  
ARG HA   H N N 28  
ARG HB2  H N N 29  
ARG HB3  H N N 30  
ARG HG2  H N N 31  
ARG HG3  H N N 32  
ARG HD2  H N N 33  
ARG HD3  H N N 34  
ARG HE   H N N 35  
ARG HH11 H N N 36  
ARG HH12 H N N 37  
ARG HH21 H N N 38  
ARG HH22 H N N 39  
ARG HXT  H N N 40  
ASN N    N N N 41  
ASN CA   C N S 42  
ASN C    C N N 43  
ASN O    O N N 44  
ASN CB   C N N 45  
ASN CG   C N N 46  
ASN OD1  O N N 47  
ASN ND2  N N N 48  
ASN OXT  O N N 49  
ASN H    H N N 50  
ASN H2   H N N 51  
ASN HA   H N N 52  
ASN HB2  H N N 53  
ASN HB3  H N N 54  
ASN HD21 H N N 55  
ASN HD22 H N N 56  
ASN HXT  H N N 57  
ASP N    N N N 58  
ASP CA   C N S 59  
ASP C    C N N 60  
ASP O    O N N 61  
ASP CB   C N N 62  
ASP CG   C N N 63  
ASP OD1  O N N 64  
ASP OD2  O N N 65  
ASP OXT  O N N 66  
ASP H    H N N 67  
ASP H2   H N N 68  
ASP HA   H N N 69  
ASP HB2  H N N 70  
ASP HB3  H N N 71  
ASP HD2  H N N 72  
ASP HXT  H N N 73  
CYS N    N N N 74  
CYS CA   C N R 75  
CYS C    C N N 76  
CYS O    O N N 77  
CYS CB   C N N 78  
CYS SG   S N N 79  
CYS OXT  O N N 80  
CYS H    H N N 81  
CYS H2   H N N 82  
CYS HA   H N N 83  
CYS HB2  H N N 84  
CYS HB3  H N N 85  
CYS HG   H N N 86  
CYS HXT  H N N 87  
GLN N    N N N 88  
GLN CA   C N S 89  
GLN C    C N N 90  
GLN O    O N N 91  
GLN CB   C N N 92  
GLN CG   C N N 93  
GLN CD   C N N 94  
GLN OE1  O N N 95  
GLN NE2  N N N 96  
GLN OXT  O N N 97  
GLN H    H N N 98  
GLN H2   H N N 99  
GLN HA   H N N 100 
GLN HB2  H N N 101 
GLN HB3  H N N 102 
GLN HG2  H N N 103 
GLN HG3  H N N 104 
GLN HE21 H N N 105 
GLN HE22 H N N 106 
GLN HXT  H N N 107 
GLU N    N N N 108 
GLU CA   C N S 109 
GLU C    C N N 110 
GLU O    O N N 111 
GLU CB   C N N 112 
GLU CG   C N N 113 
GLU CD   C N N 114 
GLU OE1  O N N 115 
GLU OE2  O N N 116 
GLU OXT  O N N 117 
GLU H    H N N 118 
GLU H2   H N N 119 
GLU HA   H N N 120 
GLU HB2  H N N 121 
GLU HB3  H N N 122 
GLU HG2  H N N 123 
GLU HG3  H N N 124 
GLU HE2  H N N 125 
GLU HXT  H N N 126 
GLY N    N N N 127 
GLY CA   C N N 128 
GLY C    C N N 129 
GLY O    O N N 130 
GLY OXT  O N N 131 
GLY H    H N N 132 
GLY H2   H N N 133 
GLY HA2  H N N 134 
GLY HA3  H N N 135 
GLY HXT  H N N 136 
HIS N    N N N 137 
HIS CA   C N S 138 
HIS C    C N N 139 
HIS O    O N N 140 
HIS CB   C N N 141 
HIS CG   C Y N 142 
HIS ND1  N Y N 143 
HIS CD2  C Y N 144 
HIS CE1  C Y N 145 
HIS NE2  N Y N 146 
HIS OXT  O N N 147 
HIS H    H N N 148 
HIS H2   H N N 149 
HIS HA   H N N 150 
HIS HB2  H N N 151 
HIS HB3  H N N 152 
HIS HD1  H N N 153 
HIS HD2  H N N 154 
HIS HE1  H N N 155 
HIS HE2  H N N 156 
HIS HXT  H N N 157 
HOH O    O N N 158 
HOH H1   H N N 159 
HOH H2   H N N 160 
ILE N    N N N 161 
ILE CA   C N S 162 
ILE C    C N N 163 
ILE O    O N N 164 
ILE CB   C N S 165 
ILE CG1  C N N 166 
ILE CG2  C N N 167 
ILE CD1  C N N 168 
ILE OXT  O N N 169 
ILE H    H N N 170 
ILE H2   H N N 171 
ILE HA   H N N 172 
ILE HB   H N N 173 
ILE HG12 H N N 174 
ILE HG13 H N N 175 
ILE HG21 H N N 176 
ILE HG22 H N N 177 
ILE HG23 H N N 178 
ILE HD11 H N N 179 
ILE HD12 H N N 180 
ILE HD13 H N N 181 
ILE HXT  H N N 182 
LEU N    N N N 183 
LEU CA   C N S 184 
LEU C    C N N 185 
LEU O    O N N 186 
LEU CB   C N N 187 
LEU CG   C N N 188 
LEU CD1  C N N 189 
LEU CD2  C N N 190 
LEU OXT  O N N 191 
LEU H    H N N 192 
LEU H2   H N N 193 
LEU HA   H N N 194 
LEU HB2  H N N 195 
LEU HB3  H N N 196 
LEU HG   H N N 197 
LEU HD11 H N N 198 
LEU HD12 H N N 199 
LEU HD13 H N N 200 
LEU HD21 H N N 201 
LEU HD22 H N N 202 
LEU HD23 H N N 203 
LEU HXT  H N N 204 
LYS N    N N N 205 
LYS CA   C N S 206 
LYS C    C N N 207 
LYS O    O N N 208 
LYS CB   C N N 209 
LYS CG   C N N 210 
LYS CD   C N N 211 
LYS CE   C N N 212 
LYS NZ   N N N 213 
LYS OXT  O N N 214 
LYS H    H N N 215 
LYS H2   H N N 216 
LYS HA   H N N 217 
LYS HB2  H N N 218 
LYS HB3  H N N 219 
LYS HG2  H N N 220 
LYS HG3  H N N 221 
LYS HD2  H N N 222 
LYS HD3  H N N 223 
LYS HE2  H N N 224 
LYS HE3  H N N 225 
LYS HZ1  H N N 226 
LYS HZ2  H N N 227 
LYS HZ3  H N N 228 
LYS HXT  H N N 229 
MET N    N N N 230 
MET CA   C N S 231 
MET C    C N N 232 
MET O    O N N 233 
MET CB   C N N 234 
MET CG   C N N 235 
MET SD   S N N 236 
MET CE   C N N 237 
MET OXT  O N N 238 
MET H    H N N 239 
MET H2   H N N 240 
MET HA   H N N 241 
MET HB2  H N N 242 
MET HB3  H N N 243 
MET HG2  H N N 244 
MET HG3  H N N 245 
MET HE1  H N N 246 
MET HE2  H N N 247 
MET HE3  H N N 248 
MET HXT  H N N 249 
PHE N    N N N 250 
PHE CA   C N S 251 
PHE C    C N N 252 
PHE O    O N N 253 
PHE CB   C N N 254 
PHE CG   C Y N 255 
PHE CD1  C Y N 256 
PHE CD2  C Y N 257 
PHE CE1  C Y N 258 
PHE CE2  C Y N 259 
PHE CZ   C Y N 260 
PHE OXT  O N N 261 
PHE H    H N N 262 
PHE H2   H N N 263 
PHE HA   H N N 264 
PHE HB2  H N N 265 
PHE HB3  H N N 266 
PHE HD1  H N N 267 
PHE HD2  H N N 268 
PHE HE1  H N N 269 
PHE HE2  H N N 270 
PHE HZ   H N N 271 
PHE HXT  H N N 272 
PRO N    N N N 273 
PRO CA   C N S 274 
PRO C    C N N 275 
PRO O    O N N 276 
PRO CB   C N N 277 
PRO CG   C N N 278 
PRO CD   C N N 279 
PRO OXT  O N N 280 
PRO H    H N N 281 
PRO HA   H N N 282 
PRO HB2  H N N 283 
PRO HB3  H N N 284 
PRO HG2  H N N 285 
PRO HG3  H N N 286 
PRO HD2  H N N 287 
PRO HD3  H N N 288 
PRO HXT  H N N 289 
SER N    N N N 290 
SER CA   C N S 291 
SER C    C N N 292 
SER O    O N N 293 
SER CB   C N N 294 
SER OG   O N N 295 
SER OXT  O N N 296 
SER H    H N N 297 
SER H2   H N N 298 
SER HA   H N N 299 
SER HB2  H N N 300 
SER HB3  H N N 301 
SER HG   H N N 302 
SER HXT  H N N 303 
THR N    N N N 304 
THR CA   C N S 305 
THR C    C N N 306 
THR O    O N N 307 
THR CB   C N R 308 
THR OG1  O N N 309 
THR CG2  C N N 310 
THR OXT  O N N 311 
THR H    H N N 312 
THR H2   H N N 313 
THR HA   H N N 314 
THR HB   H N N 315 
THR HG1  H N N 316 
THR HG21 H N N 317 
THR HG22 H N N 318 
THR HG23 H N N 319 
THR HXT  H N N 320 
TRP N    N N N 321 
TRP CA   C N S 322 
TRP C    C N N 323 
TRP O    O N N 324 
TRP CB   C N N 325 
TRP CG   C Y N 326 
TRP CD1  C Y N 327 
TRP CD2  C Y N 328 
TRP NE1  N Y N 329 
TRP CE2  C Y N 330 
TRP CE3  C Y N 331 
TRP CZ2  C Y N 332 
TRP CZ3  C Y N 333 
TRP CH2  C Y N 334 
TRP OXT  O N N 335 
TRP H    H N N 336 
TRP H2   H N N 337 
TRP HA   H N N 338 
TRP HB2  H N N 339 
TRP HB3  H N N 340 
TRP HD1  H N N 341 
TRP HE1  H N N 342 
TRP HE3  H N N 343 
TRP HZ2  H N N 344 
TRP HZ3  H N N 345 
TRP HH2  H N N 346 
TRP HXT  H N N 347 
TYR N    N N N 348 
TYR CA   C N S 349 
TYR C    C N N 350 
TYR O    O N N 351 
TYR CB   C N N 352 
TYR CG   C Y N 353 
TYR CD1  C Y N 354 
TYR CD2  C Y N 355 
TYR CE1  C Y N 356 
TYR CE2  C Y N 357 
TYR CZ   C Y N 358 
TYR OH   O N N 359 
TYR OXT  O N N 360 
TYR H    H N N 361 
TYR H2   H N N 362 
TYR HA   H N N 363 
TYR HB2  H N N 364 
TYR HB3  H N N 365 
TYR HD1  H N N 366 
TYR HD2  H N N 367 
TYR HE1  H N N 368 
TYR HE2  H N N 369 
TYR HH   H N N 370 
TYR HXT  H N N 371 
VAL N    N N N 372 
VAL CA   C N S 373 
VAL C    C N N 374 
VAL O    O N N 375 
VAL CB   C N N 376 
VAL CG1  C N N 377 
VAL CG2  C N N 378 
VAL OXT  O N N 379 
VAL H    H N N 380 
VAL H2   H N N 381 
VAL HA   H N N 382 
VAL HB   H N N 383 
VAL HG11 H N N 384 
VAL HG12 H N N 385 
VAL HG13 H N N 386 
VAL HG21 H N N 387 
VAL HG22 H N N 388 
VAL HG23 H N N 389 
VAL HXT  H N N 390 
# 
loop_
_chem_comp_bond.comp_id 
_chem_comp_bond.atom_id_1 
_chem_comp_bond.atom_id_2 
_chem_comp_bond.value_order 
_chem_comp_bond.pdbx_aromatic_flag 
_chem_comp_bond.pdbx_stereo_config 
_chem_comp_bond.pdbx_ordinal 
ALA N   CA   sing N N 1   
ALA N   H    sing N N 2   
ALA N   H2   sing N N 3   
ALA CA  C    sing N N 4   
ALA CA  CB   sing N N 5   
ALA CA  HA   sing N N 6   
ALA C   O    doub N N 7   
ALA C   OXT  sing N N 8   
ALA CB  HB1  sing N N 9   
ALA CB  HB2  sing N N 10  
ALA CB  HB3  sing N N 11  
ALA OXT HXT  sing N N 12  
ARG N   CA   sing N N 13  
ARG N   H    sing N N 14  
ARG N   H2   sing N N 15  
ARG CA  C    sing N N 16  
ARG CA  CB   sing N N 17  
ARG CA  HA   sing N N 18  
ARG C   O    doub N N 19  
ARG C   OXT  sing N N 20  
ARG CB  CG   sing N N 21  
ARG CB  HB2  sing N N 22  
ARG CB  HB3  sing N N 23  
ARG CG  CD   sing N N 24  
ARG CG  HG2  sing N N 25  
ARG CG  HG3  sing N N 26  
ARG CD  NE   sing N N 27  
ARG CD  HD2  sing N N 28  
ARG CD  HD3  sing N N 29  
ARG NE  CZ   sing N N 30  
ARG NE  HE   sing N N 31  
ARG CZ  NH1  sing N N 32  
ARG CZ  NH2  doub N N 33  
ARG NH1 HH11 sing N N 34  
ARG NH1 HH12 sing N N 35  
ARG NH2 HH21 sing N N 36  
ARG NH2 HH22 sing N N 37  
ARG OXT HXT  sing N N 38  
ASN N   CA   sing N N 39  
ASN N   H    sing N N 40  
ASN N   H2   sing N N 41  
ASN CA  C    sing N N 42  
ASN CA  CB   sing N N 43  
ASN CA  HA   sing N N 44  
ASN C   O    doub N N 45  
ASN C   OXT  sing N N 46  
ASN CB  CG   sing N N 47  
ASN CB  HB2  sing N N 48  
ASN CB  HB3  sing N N 49  
ASN CG  OD1  doub N N 50  
ASN CG  ND2  sing N N 51  
ASN ND2 HD21 sing N N 52  
ASN ND2 HD22 sing N N 53  
ASN OXT HXT  sing N N 54  
ASP N   CA   sing N N 55  
ASP N   H    sing N N 56  
ASP N   H2   sing N N 57  
ASP CA  C    sing N N 58  
ASP CA  CB   sing N N 59  
ASP CA  HA   sing N N 60  
ASP C   O    doub N N 61  
ASP C   OXT  sing N N 62  
ASP CB  CG   sing N N 63  
ASP CB  HB2  sing N N 64  
ASP CB  HB3  sing N N 65  
ASP CG  OD1  doub N N 66  
ASP CG  OD2  sing N N 67  
ASP OD2 HD2  sing N N 68  
ASP OXT HXT  sing N N 69  
CYS N   CA   sing N N 70  
CYS N   H    sing N N 71  
CYS N   H2   sing N N 72  
CYS CA  C    sing N N 73  
CYS CA  CB   sing N N 74  
CYS CA  HA   sing N N 75  
CYS C   O    doub N N 76  
CYS C   OXT  sing N N 77  
CYS CB  SG   sing N N 78  
CYS CB  HB2  sing N N 79  
CYS CB  HB3  sing N N 80  
CYS SG  HG   sing N N 81  
CYS OXT HXT  sing N N 82  
GLN N   CA   sing N N 83  
GLN N   H    sing N N 84  
GLN N   H2   sing N N 85  
GLN CA  C    sing N N 86  
GLN CA  CB   sing N N 87  
GLN CA  HA   sing N N 88  
GLN C   O    doub N N 89  
GLN C   OXT  sing N N 90  
GLN CB  CG   sing N N 91  
GLN CB  HB2  sing N N 92  
GLN CB  HB3  sing N N 93  
GLN CG  CD   sing N N 94  
GLN CG  HG2  sing N N 95  
GLN CG  HG3  sing N N 96  
GLN CD  OE1  doub N N 97  
GLN CD  NE2  sing N N 98  
GLN NE2 HE21 sing N N 99  
GLN NE2 HE22 sing N N 100 
GLN OXT HXT  sing N N 101 
GLU N   CA   sing N N 102 
GLU N   H    sing N N 103 
GLU N   H2   sing N N 104 
GLU CA  C    sing N N 105 
GLU CA  CB   sing N N 106 
GLU CA  HA   sing N N 107 
GLU C   O    doub N N 108 
GLU C   OXT  sing N N 109 
GLU CB  CG   sing N N 110 
GLU CB  HB2  sing N N 111 
GLU CB  HB3  sing N N 112 
GLU CG  CD   sing N N 113 
GLU CG  HG2  sing N N 114 
GLU CG  HG3  sing N N 115 
GLU CD  OE1  doub N N 116 
GLU CD  OE2  sing N N 117 
GLU OE2 HE2  sing N N 118 
GLU OXT HXT  sing N N 119 
GLY N   CA   sing N N 120 
GLY N   H    sing N N 121 
GLY N   H2   sing N N 122 
GLY CA  C    sing N N 123 
GLY CA  HA2  sing N N 124 
GLY CA  HA3  sing N N 125 
GLY C   O    doub N N 126 
GLY C   OXT  sing N N 127 
GLY OXT HXT  sing N N 128 
HIS N   CA   sing N N 129 
HIS N   H    sing N N 130 
HIS N   H2   sing N N 131 
HIS CA  C    sing N N 132 
HIS CA  CB   sing N N 133 
HIS CA  HA   sing N N 134 
HIS C   O    doub N N 135 
HIS C   OXT  sing N N 136 
HIS CB  CG   sing N N 137 
HIS CB  HB2  sing N N 138 
HIS CB  HB3  sing N N 139 
HIS CG  ND1  sing Y N 140 
HIS CG  CD2  doub Y N 141 
HIS ND1 CE1  doub Y N 142 
HIS ND1 HD1  sing N N 143 
HIS CD2 NE2  sing Y N 144 
HIS CD2 HD2  sing N N 145 
HIS CE1 NE2  sing Y N 146 
HIS CE1 HE1  sing N N 147 
HIS NE2 HE2  sing N N 148 
HIS OXT HXT  sing N N 149 
HOH O   H1   sing N N 150 
HOH O   H2   sing N N 151 
ILE N   CA   sing N N 152 
ILE N   H    sing N N 153 
ILE N   H2   sing N N 154 
ILE CA  C    sing N N 155 
ILE CA  CB   sing N N 156 
ILE CA  HA   sing N N 157 
ILE C   O    doub N N 158 
ILE C   OXT  sing N N 159 
ILE CB  CG1  sing N N 160 
ILE CB  CG2  sing N N 161 
ILE CB  HB   sing N N 162 
ILE CG1 CD1  sing N N 163 
ILE CG1 HG12 sing N N 164 
ILE CG1 HG13 sing N N 165 
ILE CG2 HG21 sing N N 166 
ILE CG2 HG22 sing N N 167 
ILE CG2 HG23 sing N N 168 
ILE CD1 HD11 sing N N 169 
ILE CD1 HD12 sing N N 170 
ILE CD1 HD13 sing N N 171 
ILE OXT HXT  sing N N 172 
LEU N   CA   sing N N 173 
LEU N   H    sing N N 174 
LEU N   H2   sing N N 175 
LEU CA  C    sing N N 176 
LEU CA  CB   sing N N 177 
LEU CA  HA   sing N N 178 
LEU C   O    doub N N 179 
LEU C   OXT  sing N N 180 
LEU CB  CG   sing N N 181 
LEU CB  HB2  sing N N 182 
LEU CB  HB3  sing N N 183 
LEU CG  CD1  sing N N 184 
LEU CG  CD2  sing N N 185 
LEU CG  HG   sing N N 186 
LEU CD1 HD11 sing N N 187 
LEU CD1 HD12 sing N N 188 
LEU CD1 HD13 sing N N 189 
LEU CD2 HD21 sing N N 190 
LEU CD2 HD22 sing N N 191 
LEU CD2 HD23 sing N N 192 
LEU OXT HXT  sing N N 193 
LYS N   CA   sing N N 194 
LYS N   H    sing N N 195 
LYS N   H2   sing N N 196 
LYS CA  C    sing N N 197 
LYS CA  CB   sing N N 198 
LYS CA  HA   sing N N 199 
LYS C   O    doub N N 200 
LYS C   OXT  sing N N 201 
LYS CB  CG   sing N N 202 
LYS CB  HB2  sing N N 203 
LYS CB  HB3  sing N N 204 
LYS CG  CD   sing N N 205 
LYS CG  HG2  sing N N 206 
LYS CG  HG3  sing N N 207 
LYS CD  CE   sing N N 208 
LYS CD  HD2  sing N N 209 
LYS CD  HD3  sing N N 210 
LYS CE  NZ   sing N N 211 
LYS CE  HE2  sing N N 212 
LYS CE  HE3  sing N N 213 
LYS NZ  HZ1  sing N N 214 
LYS NZ  HZ2  sing N N 215 
LYS NZ  HZ3  sing N N 216 
LYS OXT HXT  sing N N 217 
MET N   CA   sing N N 218 
MET N   H    sing N N 219 
MET N   H2   sing N N 220 
MET CA  C    sing N N 221 
MET CA  CB   sing N N 222 
MET CA  HA   sing N N 223 
MET C   O    doub N N 224 
MET C   OXT  sing N N 225 
MET CB  CG   sing N N 226 
MET CB  HB2  sing N N 227 
MET CB  HB3  sing N N 228 
MET CG  SD   sing N N 229 
MET CG  HG2  sing N N 230 
MET CG  HG3  sing N N 231 
MET SD  CE   sing N N 232 
MET CE  HE1  sing N N 233 
MET CE  HE2  sing N N 234 
MET CE  HE3  sing N N 235 
MET OXT HXT  sing N N 236 
PHE N   CA   sing N N 237 
PHE N   H    sing N N 238 
PHE N   H2   sing N N 239 
PHE CA  C    sing N N 240 
PHE CA  CB   sing N N 241 
PHE CA  HA   sing N N 242 
PHE C   O    doub N N 243 
PHE C   OXT  sing N N 244 
PHE CB  CG   sing N N 245 
PHE CB  HB2  sing N N 246 
PHE CB  HB3  sing N N 247 
PHE CG  CD1  doub Y N 248 
PHE CG  CD2  sing Y N 249 
PHE CD1 CE1  sing Y N 250 
PHE CD1 HD1  sing N N 251 
PHE CD2 CE2  doub Y N 252 
PHE CD2 HD2  sing N N 253 
PHE CE1 CZ   doub Y N 254 
PHE CE1 HE1  sing N N 255 
PHE CE2 CZ   sing Y N 256 
PHE CE2 HE2  sing N N 257 
PHE CZ  HZ   sing N N 258 
PHE OXT HXT  sing N N 259 
PRO N   CA   sing N N 260 
PRO N   CD   sing N N 261 
PRO N   H    sing N N 262 
PRO CA  C    sing N N 263 
PRO CA  CB   sing N N 264 
PRO CA  HA   sing N N 265 
PRO C   O    doub N N 266 
PRO C   OXT  sing N N 267 
PRO CB  CG   sing N N 268 
PRO CB  HB2  sing N N 269 
PRO CB  HB3  sing N N 270 
PRO CG  CD   sing N N 271 
PRO CG  HG2  sing N N 272 
PRO CG  HG3  sing N N 273 
PRO CD  HD2  sing N N 274 
PRO CD  HD3  sing N N 275 
PRO OXT HXT  sing N N 276 
SER N   CA   sing N N 277 
SER N   H    sing N N 278 
SER N   H2   sing N N 279 
SER CA  C    sing N N 280 
SER CA  CB   sing N N 281 
SER CA  HA   sing N N 282 
SER C   O    doub N N 283 
SER C   OXT  sing N N 284 
SER CB  OG   sing N N 285 
SER CB  HB2  sing N N 286 
SER CB  HB3  sing N N 287 
SER OG  HG   sing N N 288 
SER OXT HXT  sing N N 289 
THR N   CA   sing N N 290 
THR N   H    sing N N 291 
THR N   H2   sing N N 292 
THR CA  C    sing N N 293 
THR CA  CB   sing N N 294 
THR CA  HA   sing N N 295 
THR C   O    doub N N 296 
THR C   OXT  sing N N 297 
THR CB  OG1  sing N N 298 
THR CB  CG2  sing N N 299 
THR CB  HB   sing N N 300 
THR OG1 HG1  sing N N 301 
THR CG2 HG21 sing N N 302 
THR CG2 HG22 sing N N 303 
THR CG2 HG23 sing N N 304 
THR OXT HXT  sing N N 305 
TRP N   CA   sing N N 306 
TRP N   H    sing N N 307 
TRP N   H2   sing N N 308 
TRP CA  C    sing N N 309 
TRP CA  CB   sing N N 310 
TRP CA  HA   sing N N 311 
TRP C   O    doub N N 312 
TRP C   OXT  sing N N 313 
TRP CB  CG   sing N N 314 
TRP CB  HB2  sing N N 315 
TRP CB  HB3  sing N N 316 
TRP CG  CD1  doub Y N 317 
TRP CG  CD2  sing Y N 318 
TRP CD1 NE1  sing Y N 319 
TRP CD1 HD1  sing N N 320 
TRP CD2 CE2  doub Y N 321 
TRP CD2 CE3  sing Y N 322 
TRP NE1 CE2  sing Y N 323 
TRP NE1 HE1  sing N N 324 
TRP CE2 CZ2  sing Y N 325 
TRP CE3 CZ3  doub Y N 326 
TRP CE3 HE3  sing N N 327 
TRP CZ2 CH2  doub Y N 328 
TRP CZ2 HZ2  sing N N 329 
TRP CZ3 CH2  sing Y N 330 
TRP CZ3 HZ3  sing N N 331 
TRP CH2 HH2  sing N N 332 
TRP OXT HXT  sing N N 333 
TYR N   CA   sing N N 334 
TYR N   H    sing N N 335 
TYR N   H2   sing N N 336 
TYR CA  C    sing N N 337 
TYR CA  CB   sing N N 338 
TYR CA  HA   sing N N 339 
TYR C   O    doub N N 340 
TYR C   OXT  sing N N 341 
TYR CB  CG   sing N N 342 
TYR CB  HB2  sing N N 343 
TYR CB  HB3  sing N N 344 
TYR CG  CD1  doub Y N 345 
TYR CG  CD2  sing Y N 346 
TYR CD1 CE1  sing Y N 347 
TYR CD1 HD1  sing N N 348 
TYR CD2 CE2  doub Y N 349 
TYR CD2 HD2  sing N N 350 
TYR CE1 CZ   doub Y N 351 
TYR CE1 HE1  sing N N 352 
TYR CE2 CZ   sing Y N 353 
TYR CE2 HE2  sing N N 354 
TYR CZ  OH   sing N N 355 
TYR OH  HH   sing N N 356 
TYR OXT HXT  sing N N 357 
VAL N   CA   sing N N 358 
VAL N   H    sing N N 359 
VAL N   H2   sing N N 360 
VAL CA  C    sing N N 361 
VAL CA  CB   sing N N 362 
VAL CA  HA   sing N N 363 
VAL C   O    doub N N 364 
VAL C   OXT  sing N N 365 
VAL CB  CG1  sing N N 366 
VAL CB  CG2  sing N N 367 
VAL CB  HB   sing N N 368 
VAL CG1 HG11 sing N N 369 
VAL CG1 HG12 sing N N 370 
VAL CG1 HG13 sing N N 371 
VAL CG2 HG21 sing N N 372 
VAL CG2 HG22 sing N N 373 
VAL CG2 HG23 sing N N 374 
VAL OXT HXT  sing N N 375 
# 
_pdbx_audit_support.funding_organization   'Czech Science Foundation' 
_pdbx_audit_support.country                'Czech Republic' 
_pdbx_audit_support.grant_number           17-07058Y 
_pdbx_audit_support.ordinal                1 
# 
_pdbx_initial_refinement_model.id               1 
_pdbx_initial_refinement_model.entity_id_list   ? 
_pdbx_initial_refinement_model.type             'experimental model' 
_pdbx_initial_refinement_model.source_name      PDB 
_pdbx_initial_refinement_model.accession_code   5LZ1 
_pdbx_initial_refinement_model.details          ? 
# 
_atom_sites.entry_id                    6HLN 
_atom_sites.fract_transf_matrix[1][1]   -0.00526720 
_atom_sites.fract_transf_matrix[1][2]   0.00979705 
_atom_sites.fract_transf_matrix[1][3]   -0.00054658 
_atom_sites.fract_transf_matrix[2][1]   0.00468285 
_atom_sites.fract_transf_matrix[2][2]   0.00346156 
_atom_sites.fract_transf_matrix[2][3]   0.01691886 
_atom_sites.fract_transf_matrix[3][1]   0.01007440 
_atom_sites.fract_transf_matrix[3][2]   0.01226009 
_atom_sites.fract_transf_matrix[3][3]   -0.00529681 
_atom_sites.fract_transf_vector[1]      0.405433 
_atom_sites.fract_transf_vector[2]      0.102949 
_atom_sites.fract_transf_vector[3]      0.159075 
# 
loop_
_atom_type.symbol 
C 
N 
O 
S 
# 
loop_
_atom_site.group_PDB 
_atom_site.id 
_atom_site.type_symbol 
_atom_site.label_atom_id 
_atom_site.label_alt_id 
_atom_site.label_comp_id 
_atom_site.label_asym_id 
_atom_site.label_entity_id 
_atom_site.label_seq_id 
_atom_site.pdbx_PDB_ins_code 
_atom_site.Cartn_x 
_atom_site.Cartn_y 
_atom_site.Cartn_z 
_atom_site.occupancy 
_atom_site.B_iso_or_equiv 
_atom_site.pdbx_formal_charge 
_atom_site.auth_seq_id 
_atom_site.auth_comp_id 
_atom_site.auth_asym_id 
_atom_site.auth_atom_id 
_atom_site.pdbx_PDB_model_num 
ATOM   1    N N   . MET A 1 1   ? -5.442  -15.320 -29.123 1.00 56.89 ? 363 MET A N   1 
ATOM   2    C CA  . MET A 1 1   ? -5.598  -16.435 -28.197 1.00 60.23 ? 363 MET A CA  1 
ATOM   3    C C   . MET A 1 1   ? -5.542  -15.946 -26.757 1.00 59.84 ? 363 MET A C   1 
ATOM   4    O O   . MET A 1 1   ? -4.934  -14.915 -26.469 1.00 60.99 ? 363 MET A O   1 
ATOM   5    C CB  . MET A 1 1   ? -4.506  -17.485 -28.423 1.00 51.86 ? 363 MET A CB  1 
ATOM   6    C CG  . MET A 1 1   ? -4.475  -18.085 -29.819 1.00 55.03 ? 363 MET A CG  1 
ATOM   7    S SD  . MET A 1 1   ? -3.356  -19.502 -29.899 1.00 56.19 ? 363 MET A SD  1 
ATOM   8    C CE  . MET A 1 1   ? -3.579  -20.049 -31.591 1.00 54.91 ? 363 MET A CE  1 
ATOM   9    N N   . GLU A 1 2   ? -6.174  -16.687 -25.851 1.00 60.20 ? 364 GLU A N   1 
ATOM   10   C CA  . GLU A 1 2   ? -6.047  -16.393 -24.433 1.00 58.33 ? 364 GLU A CA  1 
ATOM   11   C C   . GLU A 1 2   ? -4.597  -16.576 -24.021 1.00 54.06 ? 364 GLU A C   1 
ATOM   12   O O   . GLU A 1 2   ? -3.906  -17.460 -24.531 1.00 54.65 ? 364 GLU A O   1 
ATOM   13   C CB  . GLU A 1 2   ? -6.939  -17.301 -23.578 1.00 55.82 ? 364 GLU A CB  1 
ATOM   14   C CG  . GLU A 1 2   ? -8.432  -17.218 -23.863 1.00 55.69 ? 364 GLU A CG  1 
ATOM   15   C CD  . GLU A 1 2   ? -8.955  -15.790 -23.892 1.00 64.41 ? 364 GLU A CD  1 
ATOM   16   O OE1 . GLU A 1 2   ? -9.207  -15.224 -22.808 1.00 66.12 ? 364 GLU A OE1 1 
ATOM   17   O OE2 . GLU A 1 2   ? -9.120  -15.235 -24.999 1.00 58.27 ? 364 GLU A OE2 1 
ATOM   18   N N   . SER A 1 3   ? -4.141  -15.735 -23.104 1.00 58.00 ? 365 SER A N   1 
ATOM   19   C CA  . SER A 1 3   ? -2.822  -15.884 -22.511 1.00 60.14 ? 365 SER A CA  1 
ATOM   20   C C   . SER A 1 3   ? -2.914  -15.501 -21.044 1.00 60.38 ? 365 SER A C   1 
ATOM   21   O O   . SER A 1 3   ? -3.819  -14.764 -20.645 1.00 55.99 ? 365 SER A O   1 
ATOM   22   C CB  . SER A 1 3   ? -1.784  -15.017 -23.228 1.00 68.04 ? 365 SER A CB  1 
ATOM   23   O OG  . SER A 1 3   ? -0.466  -15.435 -22.906 1.00 68.51 ? 365 SER A OG  1 
ATOM   24   N N   . LEU A 1 4   ? -1.988  -16.004 -20.239 1.00 56.59 ? 366 LEU A N   1 
ATOM   25   C CA  . LEU A 1 4   ? -1.943  -15.621 -18.840 1.00 56.94 ? 366 LEU A CA  1 
ATOM   26   C C   . LEU A 1 4   ? -1.103  -14.360 -18.711 1.00 56.04 ? 366 LEU A C   1 
ATOM   27   O O   . LEU A 1 4   ? 0.035   -14.329 -19.186 1.00 56.18 ? 366 LEU A O   1 
ATOM   28   C CB  . LEU A 1 4   ? -1.371  -16.739 -17.973 1.00 48.77 ? 366 LEU A CB  1 
ATOM   29   C CG  . LEU A 1 4   ? -2.147  -18.057 -17.965 1.00 41.17 ? 366 LEU A CG  1 
ATOM   30   C CD1 . LEU A 1 4   ? -1.582  -18.966 -16.892 1.00 49.36 ? 366 LEU A CD1 1 
ATOM   31   C CD2 . LEU A 1 4   ? -3.645  -17.846 -17.753 1.00 43.62 ? 366 LEU A CD2 1 
ATOM   32   N N   . PRO A 1 5   ? -1.667  -13.306 -18.093 1.00 55.18 ? 367 PRO A N   1 
ATOM   33   C CA  . PRO A 1 5   ? -0.904  -12.071 -17.894 1.00 58.19 ? 367 PRO A CA  1 
ATOM   34   C C   . PRO A 1 5   ? 0.434   -12.324 -17.220 1.00 59.18 ? 367 PRO A C   1 
ATOM   35   O O   . PRO A 1 5   ? 0.489   -13.060 -16.232 1.00 58.82 ? 367 PRO A O   1 
ATOM   36   C CB  . PRO A 1 5   ? -1.814  -11.244 -16.984 1.00 55.42 ? 367 PRO A CB  1 
ATOM   37   C CG  . PRO A 1 5   ? -3.178  -11.724 -17.284 1.00 59.59 ? 367 PRO A CG  1 
ATOM   38   C CD  . PRO A 1 5   ? -3.036  -13.190 -17.560 1.00 56.95 ? 367 PRO A CD  1 
ATOM   39   N N   . VAL A 1 6   ? 1.499   -11.735 -17.749 1.00 60.90 ? 368 VAL A N   1 
ATOM   40   C CA  . VAL A 1 6   ? 2.768   -11.742 -17.047 1.00 61.40 ? 368 VAL A CA  1 
ATOM   41   C C   . VAL A 1 6   ? 2.638   -10.679 -15.969 1.00 62.53 ? 368 VAL A C   1 
ATOM   42   O O   . VAL A 1 6   ? 2.151   -9.577  -16.226 1.00 65.58 ? 368 VAL A O   1 
ATOM   43   C CB  . VAL A 1 6   ? 3.970   -11.452 -17.963 1.00 62.40 ? 368 VAL A CB  1 
ATOM   44   C CG1 . VAL A 1 6   ? 5.269   -11.849 -17.272 1.00 53.19 ? 368 VAL A CG1 1 
ATOM   45   C CG2 . VAL A 1 6   ? 3.836   -12.197 -19.278 1.00 57.73 ? 368 VAL A CG2 1 
ATOM   46   N N   . ILE A 1 7   ? 3.044   -11.027 -14.758 1.00 58.97 ? 369 ILE A N   1 
ATOM   47   C CA  . ILE A 1 7   ? 2.862   -10.144 -13.617 1.00 54.23 ? 369 ILE A CA  1 
ATOM   48   C C   . ILE A 1 7   ? 4.187   -9.489  -13.285 1.00 49.43 ? 369 ILE A C   1 
ATOM   49   O O   . ILE A 1 7   ? 5.180   -10.170 -13.042 1.00 45.40 ? 369 ILE A O   1 
ATOM   50   C CB  . ILE A 1 7   ? 2.308   -10.917 -12.400 1.00 50.87 ? 369 ILE A CB  1 
ATOM   51   C CG1 . ILE A 1 7   ? 0.889   -11.401 -12.710 1.00 51.46 ? 369 ILE A CG1 1 
ATOM   52   C CG2 . ILE A 1 7   ? 2.320   -10.049 -11.145 1.00 43.57 ? 369 ILE A CG2 1 
ATOM   53   C CD1 . ILE A 1 7   ? 0.227   -12.189 -11.596 1.00 52.30 ? 369 ILE A CD1 1 
ATOM   54   N N   . ALA A 1 8   ? 4.200   -8.161  -13.299 1.00 48.44 ? 370 ALA A N   1 
ATOM   55   C CA  . ALA A 1 8   ? 5.426   -7.409  -13.077 1.00 43.89 ? 370 ALA A CA  1 
ATOM   56   C C   . ALA A 1 8   ? 5.878   -7.578  -11.640 1.00 43.68 ? 370 ALA A C   1 
ATOM   57   O O   . ALA A 1 8   ? 5.056   -7.770  -10.743 1.00 45.92 ? 370 ALA A O   1 
ATOM   58   C CB  . ALA A 1 8   ? 5.219   -5.939  -13.399 1.00 41.80 ? 370 ALA A CB  1 
ATOM   59   N N   . ALA A 1 9   ? 7.186   -7.521  -11.422 1.00 43.85 ? 371 ALA A N   1 
ATOM   60   C CA  . ALA A 1 9   ? 7.712   -7.516  -10.068 1.00 39.91 ? 371 ALA A CA  1 
ATOM   61   C C   . ALA A 1 9   ? 7.308   -6.209  -9.402  1.00 44.35 ? 371 ALA A C   1 
ATOM   62   O O   . ALA A 1 9   ? 7.301   -5.160  -10.048 1.00 42.50 ? 371 ALA A O   1 
ATOM   63   C CB  . ALA A 1 9   ? 9.219   -7.672  -10.068 1.00 42.01 ? 371 ALA A CB  1 
ATOM   64   N N   . PRO A 1 10  ? 6.943   -6.266  -8.113  1.00 42.38 ? 372 PRO A N   1 
ATOM   65   C CA  . PRO A 1 10  ? 6.648   -5.025  -7.399  1.00 42.57 ? 372 PRO A CA  1 
ATOM   66   C C   . PRO A 1 10  ? 7.926   -4.280  -7.027  1.00 46.87 ? 372 PRO A C   1 
ATOM   67   O O   . PRO A 1 10  ? 9.004   -4.878  -7.032  1.00 43.05 ? 372 PRO A O   1 
ATOM   68   C CB  . PRO A 1 10  ? 5.913   -5.514  -6.156  1.00 37.75 ? 372 PRO A CB  1 
ATOM   69   C CG  . PRO A 1 10  ? 6.545   -6.829  -5.878  1.00 45.22 ? 372 PRO A CG  1 
ATOM   70   C CD  . PRO A 1 10  ? 6.793   -7.441  -7.237  1.00 42.82 ? 372 PRO A CD  1 
ATOM   71   N N   . SER A 1 11  ? 7.802   -2.995  -6.722  1.00 46.66 ? 373 SER A N   1 
ATOM   72   C CA  . SER A 1 11  ? 8.919   -2.226  -6.191  1.00 42.41 ? 373 SER A CA  1 
ATOM   73   C C   . SER A 1 11  ? 8.665   -1.932  -4.724  1.00 43.55 ? 373 SER A C   1 
ATOM   74   O O   . SER A 1 11  ? 7.521   -1.739  -4.315  1.00 41.05 ? 373 SER A O   1 
ATOM   75   C CB  . SER A 1 11  ? 9.110   -0.924  -6.966  1.00 46.23 ? 373 SER A CB  1 
ATOM   76   O OG  . SER A 1 11  ? 9.000   -1.138  -8.361  1.00 53.97 ? 373 SER A OG  1 
ATOM   77   N N   . MET A 1 12  ? 9.732   -1.909  -3.933  1.00 45.24 ? 374 MET A N   1 
ATOM   78   C CA  . MET A 1 12  ? 9.636   -1.566  -2.517  1.00 43.97 ? 374 MET A CA  1 
ATOM   79   C C   . MET A 1 12  ? 10.819  -0.707  -2.112  1.00 46.47 ? 374 MET A C   1 
ATOM   80   O O   . MET A 1 12  ? 11.948  -0.938  -2.547  1.00 41.37 ? 374 MET A O   1 
ATOM   81   C CB  . MET A 1 12  ? 9.579   -2.823  -1.644  1.00 41.64 ? 374 MET A CB  1 
ATOM   82   C CG  . MET A 1 12  ? 8.304   -3.642  -1.810  1.00 52.33 ? 374 MET A CG  1 
ATOM   83   S SD  . MET A 1 12  ? 7.564   -4.129  -0.236  1.00 61.65 ? 374 MET A SD  1 
ATOM   84   C CE  . MET A 1 12  ? 7.042   -2.537  0.406   1.00 42.11 ? 374 MET A CE  1 
ATOM   85   N N   . TRP A 1 13  ? 10.551  0.292   -1.280  1.00 42.01 ? 375 TRP A N   1 
ATOM   86   C CA  . TRP A 1 13  ? 11.604  1.149   -0.762  1.00 41.31 ? 375 TRP A CA  1 
ATOM   87   C C   . TRP A 1 13  ? 11.173  1.744   0.565   1.00 42.07 ? 375 TRP A C   1 
ATOM   88   O O   . TRP A 1 13  ? 10.051  1.516   1.013   1.00 42.84 ? 375 TRP A O   1 
ATOM   89   C CB  . TRP A 1 13  ? 11.947  2.255   -1.771  1.00 41.70 ? 375 TRP A CB  1 
ATOM   90   C CG  . TRP A 1 13  ? 10.838  3.242   -2.076  1.00 42.54 ? 375 TRP A CG  1 
ATOM   91   C CD1 . TRP A 1 13  ? 10.626  4.448   -1.469  1.00 42.48 ? 375 TRP A CD1 1 
ATOM   92   C CD2 . TRP A 1 13  ? 9.823   3.120   -3.084  1.00 40.68 ? 375 TRP A CD2 1 
ATOM   93   N NE1 . TRP A 1 13  ? 9.540   5.081   -2.032  1.00 39.56 ? 375 TRP A NE1 1 
ATOM   94   C CE2 . TRP A 1 13  ? 9.031   4.285   -3.027  1.00 42.32 ? 375 TRP A CE2 1 
ATOM   95   C CE3 . TRP A 1 13  ? 9.506   2.137   -4.030  1.00 38.06 ? 375 TRP A CE3 1 
ATOM   96   C CZ2 . TRP A 1 13  ? 7.942   4.494   -3.870  1.00 37.13 ? 375 TRP A CZ2 1 
ATOM   97   C CZ3 . TRP A 1 13  ? 8.421   2.347   -4.868  1.00 38.40 ? 375 TRP A CZ3 1 
ATOM   98   C CH2 . TRP A 1 13  ? 7.652   3.513   -4.781  1.00 39.43 ? 375 TRP A CH2 1 
ATOM   99   N N   . THR A 1 14  ? 12.073  2.498   1.189   1.00 39.39 ? 376 THR A N   1 
ATOM   100  C CA  . THR A 1 14  ? 11.759  3.226   2.413   1.00 41.90 ? 376 THR A CA  1 
ATOM   101  C C   . THR A 1 14  ? 12.150  4.681   2.260   1.00 43.27 ? 376 THR A C   1 
ATOM   102  O O   . THR A 1 14  ? 12.926  5.037   1.372   1.00 40.40 ? 376 THR A O   1 
ATOM   103  C CB  . THR A 1 14  ? 12.490  2.658   3.652   1.00 44.38 ? 376 THR A CB  1 
ATOM   104  O OG1 . THR A 1 14  ? 13.903  2.869   3.525   1.00 41.30 ? 376 THR A OG1 1 
ATOM   105  C CG2 . THR A 1 14  ? 12.210  1.176   3.818   1.00 41.94 ? 376 THR A CG2 1 
ATOM   106  N N   . ARG A 1 15  ? 11.597  5.520   3.128   1.00 38.73 ? 377 ARG A N   1 
ATOM   107  C CA  . ARG A 1 15  ? 12.061  6.888   3.257   1.00 48.01 ? 377 ARG A CA  1 
ATOM   108  C C   . ARG A 1 15  ? 12.005  7.297   4.725   1.00 50.07 ? 377 ARG A C   1 
ATOM   109  O O   . ARG A 1 15  ? 11.157  6.812   5.475   1.00 43.00 ? 377 ARG A O   1 
ATOM   110  C CB  . ARG A 1 15  ? 11.238  7.835   2.385   1.00 44.00 ? 377 ARG A CB  1 
ATOM   111  C CG  . ARG A 1 15  ? 9.809   8.055   2.842   1.00 41.76 ? 377 ARG A CG  1 
ATOM   112  C CD  . ARG A 1 15  ? 9.176   9.188   2.054   1.00 46.79 ? 377 ARG A CD  1 
ATOM   113  N NE  . ARG A 1 15  ? 7.896   9.599   2.621   1.00 43.97 ? 377 ARG A NE  1 
ATOM   114  C CZ  . ARG A 1 15  ? 6.713   9.124   2.247   1.00 44.59 ? 377 ARG A CZ  1 
ATOM   115  N NH1 . ARG A 1 15  ? 6.613   8.208   1.290   1.00 45.52 ? 377 ARG A NH1 1 
ATOM   116  N NH2 . ARG A 1 15  ? 5.615   9.573   2.838   1.00 40.28 ? 377 ARG A NH2 1 
ATOM   117  N N   . PRO A 1 16  ? 12.927  8.180   5.142   1.00 51.84 ? 378 PRO A N   1 
ATOM   118  C CA  . PRO A 1 16  ? 13.210  8.395   6.565   1.00 49.74 ? 378 PRO A CA  1 
ATOM   119  C C   . PRO A 1 16  ? 12.178  9.163   7.398   1.00 44.34 ? 378 PRO A C   1 
ATOM   120  O O   . PRO A 1 16  ? 12.206  9.005   8.622   1.00 48.53 ? 378 PRO A O   1 
ATOM   121  C CB  . PRO A 1 16  ? 14.521  9.193   6.541   1.00 48.29 ? 378 PRO A CB  1 
ATOM   122  C CG  . PRO A 1 16  ? 14.989  9.189   5.119   1.00 50.19 ? 378 PRO A CG  1 
ATOM   123  C CD  . PRO A 1 16  ? 13.756  9.060   4.305   1.00 51.07 ? 378 PRO A CD  1 
ATOM   124  N N   . GLN A 1 17  ? 11.290  9.957   6.805   1.00 47.90 ? 379 GLN A N   1 
ATOM   125  C CA  . GLN A 1 17  ? 10.568  10.913  7.636   1.00 55.24 ? 379 GLN A CA  1 
ATOM   126  C C   . GLN A 1 17  ? 9.248   10.261  7.995   1.00 51.30 ? 379 GLN A C   1 
ATOM   127  O O   . GLN A 1 17  ? 8.246   10.374  7.286   1.00 52.96 ? 379 GLN A O   1 
ATOM   128  C CB  . GLN A 1 17  ? 10.357  12.246  6.891   1.00 55.43 ? 379 GLN A CB  1 
ATOM   129  C CG  . GLN A 1 17  ? 11.483  12.618  5.925   1.00 56.66 ? 379 GLN A CG  1 
ATOM   130  C CD  . GLN A 1 17  ? 11.377  11.902  4.586   1.00 59.88 ? 379 GLN A CD  1 
ATOM   131  O OE1 . GLN A 1 17  ? 10.674  10.899  4.457   1.00 61.41 ? 379 GLN A OE1 1 
ATOM   132  N NE2 . GLN A 1 17  ? 12.080  12.415  3.583   1.00 58.96 ? 379 GLN A NE2 1 
ATOM   133  N N   . ILE A 1 18  ? 9.276   9.605   9.150   1.00 48.39 ? 380 ILE A N   1 
ATOM   134  C CA  . ILE A 1 18  ? 8.157   8.818   9.642   1.00 50.71 ? 380 ILE A CA  1 
ATOM   135  C C   . ILE A 1 18  ? 7.224   9.661   10.507  1.00 50.74 ? 380 ILE A C   1 
ATOM   136  O O   . ILE A 1 18  ? 6.004   9.526   10.432  1.00 46.71 ? 380 ILE A O   1 
ATOM   137  C CB  . ILE A 1 18  ? 8.671   7.556   10.390  1.00 48.44 ? 380 ILE A CB  1 
ATOM   138  C CG1 . ILE A 1 18  ? 7.501   6.670   10.823  1.00 45.52 ? 380 ILE A CG1 1 
ATOM   139  C CG2 . ILE A 1 18  ? 9.586   7.919   11.560  1.00 45.01 ? 380 ILE A CG2 1 
ATOM   140  C CD1 . ILE A 1 18  ? 7.929   5.341   11.405  1.00 44.56 ? 380 ILE A CD1 1 
ATOM   141  N N   . LYS A 1 19  ? 7.814   10.518  11.335  1.00 53.78 ? 381 LYS A N   1 
ATOM   142  C CA  . LYS A 1 19  ? 7.053   11.459  12.152  1.00 53.96 ? 381 LYS A CA  1 
ATOM   143  C C   . LYS A 1 19  ? 6.122   12.309  11.292  1.00 51.72 ? 381 LYS A C   1 
ATOM   144  O O   . LYS A 1 19  ? 4.936   12.446  11.596  1.00 55.65 ? 381 LYS A O   1 
ATOM   145  C CB  . LYS A 1 19  ? 7.996   12.365  12.946  1.00 56.18 ? 381 LYS A CB  1 
ATOM   146  N N   . ASP A 1 20  ? 6.660   12.878  10.216  1.00 52.20 ? 382 ASP A N   1 
ATOM   147  C CA  . ASP A 1 20  ? 5.866   13.716  9.318   1.00 52.27 ? 382 ASP A CA  1 
ATOM   148  C C   . ASP A 1 20  ? 4.791   12.912  8.586   1.00 51.66 ? 382 ASP A C   1 
ATOM   149  O O   . ASP A 1 20  ? 3.678   13.400  8.385   1.00 47.24 ? 382 ASP A O   1 
ATOM   150  C CB  . ASP A 1 20  ? 6.766   14.424  8.298   1.00 52.92 ? 382 ASP A CB  1 
ATOM   151  C CG  . ASP A 1 20  ? 7.735   15.399  8.949   1.00 60.76 ? 382 ASP A CG  1 
ATOM   152  O OD1 . ASP A 1 20  ? 7.400   15.952  10.018  1.00 58.88 ? 382 ASP A OD1 1 
ATOM   153  O OD2 . ASP A 1 20  ? 8.832   15.617  8.390   1.00 55.53 ? 382 ASP A OD2 1 
ATOM   154  N N   . PHE A 1 21  ? 5.118   11.684  8.188   1.00 49.82 ? 383 PHE A N   1 
ATOM   155  C CA  . PHE A 1 21  ? 4.145   10.830  7.510   1.00 45.31 ? 383 PHE A CA  1 
ATOM   156  C C   . PHE A 1 21  ? 2.944   10.587  8.419   1.00 44.08 ? 383 PHE A C   1 
ATOM   157  O O   . PHE A 1 21  ? 1.806   10.836  8.032   1.00 43.05 ? 383 PHE A O   1 
ATOM   158  C CB  . PHE A 1 21  ? 4.780   9.498   7.088   1.00 42.13 ? 383 PHE A CB  1 
ATOM   159  C CG  . PHE A 1 21  ? 3.797   8.499   6.520   1.00 47.24 ? 383 PHE A CG  1 
ATOM   160  C CD1 . PHE A 1 21  ? 3.165   8.731   5.305   1.00 40.82 ? 383 PHE A CD1 1 
ATOM   161  C CD2 . PHE A 1 21  ? 3.523   7.322   7.198   1.00 39.74 ? 383 PHE A CD2 1 
ATOM   162  C CE1 . PHE A 1 21  ? 2.270   7.808   4.783   1.00 43.14 ? 383 PHE A CE1 1 
ATOM   163  C CE2 . PHE A 1 21  ? 2.629   6.397   6.684   1.00 41.54 ? 383 PHE A CE2 1 
ATOM   164  C CZ  . PHE A 1 21  ? 1.999   6.641   5.476   1.00 38.09 ? 383 PHE A CZ  1 
ATOM   165  N N   . LYS A 1 22  ? 3.203   10.129  9.638   1.00 43.12 ? 384 LYS A N   1 
ATOM   166  C CA  . LYS A 1 22  ? 2.125   9.824   10.575  1.00 48.14 ? 384 LYS A CA  1 
ATOM   167  C C   . LYS A 1 22  ? 1.292   11.064  10.914  1.00 47.83 ? 384 LYS A C   1 
ATOM   168  O O   . LYS A 1 22  ? 0.068   10.987  11.006  1.00 51.38 ? 384 LYS A O   1 
ATOM   169  C CB  . LYS A 1 22  ? 2.688   9.197   11.852  1.00 48.43 ? 384 LYS A CB  1 
ATOM   170  C CG  . LYS A 1 22  ? 3.364   7.851   11.611  1.00 45.59 ? 384 LYS A CG  1 
ATOM   171  C CD  . LYS A 1 22  ? 3.541   7.040   12.891  1.00 45.68 ? 384 LYS A CD  1 
ATOM   172  C CE  . LYS A 1 22  ? 4.902   7.256   13.539  1.00 51.96 ? 384 LYS A CE  1 
ATOM   173  N NZ  . LYS A 1 22  ? 5.530   5.964   13.940  1.00 48.88 ? 384 LYS A NZ  1 
ATOM   174  N N   . GLU A 1 23  ? 1.953   12.203  11.092  1.00 52.69 ? 385 GLU A N   1 
ATOM   175  C CA  . GLU A 1 23  ? 1.249   13.456  11.368  1.00 49.98 ? 385 GLU A CA  1 
ATOM   176  C C   . GLU A 1 23  ? 0.304   13.813  10.223  1.00 48.27 ? 385 GLU A C   1 
ATOM   177  O O   . GLU A 1 23  ? -0.849  14.178  10.450  1.00 48.25 ? 385 GLU A O   1 
ATOM   178  C CB  . GLU A 1 23  ? 2.246   14.595  11.607  1.00 57.67 ? 385 GLU A CB  1 
ATOM   179  C CG  . GLU A 1 23  ? 2.829   14.616  13.015  1.00 58.20 ? 385 GLU A CG  1 
ATOM   180  C CD  . GLU A 1 23  ? 3.836   15.733  13.222  1.00 70.88 ? 385 GLU A CD  1 
ATOM   181  O OE1 . GLU A 1 23  ? 3.731   16.776  12.539  1.00 68.39 ? 385 GLU A OE1 1 
ATOM   182  O OE2 . GLU A 1 23  ? 4.737   15.569  14.071  1.00 67.93 ? 385 GLU A OE2 1 
ATOM   183  N N   . LYS A 1 24  ? 0.803   13.700  8.996   1.00 44.63 ? 386 LYS A N   1 
ATOM   184  C CA  . LYS A 1 24  ? -0.013  13.890  7.799   1.00 44.57 ? 386 LYS A CA  1 
ATOM   185  C C   . LYS A 1 24  ? -1.188  12.912  7.783   1.00 51.43 ? 386 LYS A C   1 
ATOM   186  O O   . LYS A 1 24  ? -2.338  13.307  7.594   1.00 51.82 ? 386 LYS A O   1 
ATOM   187  C CB  . LYS A 1 24  ? 0.847   13.710  6.543   1.00 46.62 ? 386 LYS A CB  1 
ATOM   188  C CG  . LYS A 1 24  ? 0.110   13.822  5.207   1.00 52.78 ? 386 LYS A CG  1 
ATOM   189  C CD  . LYS A 1 24  ? -0.219  15.261  4.842   1.00 56.36 ? 386 LYS A CD  1 
ATOM   190  C CE  . LYS A 1 24  ? -0.488  15.379  3.347   1.00 62.17 ? 386 LYS A CE  1 
ATOM   191  N NZ  . LYS A 1 24  ? -1.177  16.643  2.976   1.00 67.98 ? 386 LYS A NZ  1 
ATOM   192  N N   . ILE A 1 25  ? -0.887  11.633  7.985   1.00 49.95 ? 387 ILE A N   1 
ATOM   193  C CA  . ILE A 1 25  ? -1.900  10.580  7.942   1.00 49.45 ? 387 ILE A CA  1 
ATOM   194  C C   . ILE A 1 25  ? -2.891  10.686  9.100   1.00 48.64 ? 387 ILE A C   1 
ATOM   195  O O   . ILE A 1 25  ? -4.082  10.426  8.933   1.00 47.04 ? 387 ILE A O   1 
ATOM   196  C CB  . ILE A 1 25  ? -1.237  9.185   7.965   1.00 49.42 ? 387 ILE A CB  1 
ATOM   197  C CG1 . ILE A 1 25  ? -0.406  8.969   6.696   1.00 45.51 ? 387 ILE A CG1 1 
ATOM   198  C CG2 . ILE A 1 25  ? -2.274  8.088   8.104   1.00 49.58 ? 387 ILE A CG2 1 
ATOM   199  C CD1 . ILE A 1 25  ? -1.177  9.144   5.399   1.00 48.27 ? 387 ILE A CD1 1 
ATOM   200  N N   . GLN A 1 26  ? -2.393  11.074  10.269  1.00 52.87 ? 388 GLN A N   1 
ATOM   201  C CA  . GLN A 1 26  ? -3.224  11.221  11.465  1.00 59.61 ? 388 GLN A CA  1 
ATOM   202  C C   . GLN A 1 26  ? -4.407  12.160  11.249  1.00 60.24 ? 388 GLN A C   1 
ATOM   203  O O   . GLN A 1 26  ? -5.410  12.074  11.954  1.00 66.86 ? 388 GLN A O   1 
ATOM   204  C CB  . GLN A 1 26  ? -2.378  11.734  12.634  1.00 57.64 ? 388 GLN A CB  1 
ATOM   205  C CG  . GLN A 1 26  ? -1.775  10.639  13.500  1.00 63.91 ? 388 GLN A CG  1 
ATOM   206  C CD  . GLN A 1 26  ? -0.852  11.188  14.568  1.00 66.69 ? 388 GLN A CD  1 
ATOM   207  O OE1 . GLN A 1 26  ? -0.654  12.400  14.667  1.00 67.82 ? 388 GLN A OE1 1 
ATOM   208  N NE2 . GLN A 1 26  ? -0.280  10.298  15.376  1.00 63.49 ? 388 GLN A NE2 1 
ATOM   209  N N   . GLN A 1 27  ? -4.287  13.055  10.273  1.00 55.75 ? 389 GLN A N   1 
ATOM   210  C CA  . GLN A 1 27  ? -5.327  14.046  10.009  1.00 57.86 ? 389 GLN A CA  1 
ATOM   211  C C   . GLN A 1 27  ? -6.632  13.415  9.511   1.00 61.41 ? 389 GLN A C   1 
ATOM   212  O O   . GLN A 1 27  ? -7.641  14.105  9.363   1.00 65.90 ? 389 GLN A O   1 
ATOM   213  C CB  . GLN A 1 27  ? -4.819  15.079  8.999   1.00 58.59 ? 389 GLN A CB  1 
ATOM   214  C CG  . GLN A 1 27  ? -3.710  15.963  9.552   1.00 56.99 ? 389 GLN A CG  1 
ATOM   215  C CD  . GLN A 1 27  ? -3.126  16.895  8.512   1.00 66.46 ? 389 GLN A CD  1 
ATOM   216  O OE1 . GLN A 1 27  ? -3.606  16.961  7.381   1.00 72.60 ? 389 GLN A OE1 1 
ATOM   217  N NE2 . GLN A 1 27  ? -2.080  17.622  8.891   1.00 61.99 ? 389 GLN A NE2 1 
ATOM   218  N N   . ASP A 1 28  ? -6.604  12.110  9.238   1.00 60.02 ? 390 ASP A N   1 
ATOM   219  C CA  . ASP A 1 28  ? -7.816  11.368  8.880   1.00 62.43 ? 390 ASP A CA  1 
ATOM   220  C C   . ASP A 1 28  ? -7.855  10.013  9.587   1.00 64.41 ? 390 ASP A C   1 
ATOM   221  O O   . ASP A 1 28  ? -6.952  9.193   9.434   1.00 64.28 ? 390 ASP A O   1 
ATOM   222  C CB  . ASP A 1 28  ? -7.900  11.186  7.362   1.00 59.44 ? 390 ASP A CB  1 
ATOM   223  C CG  . ASP A 1 28  ? -8.949  10.170  6.947   1.00 69.91 ? 390 ASP A CG  1 
ATOM   224  O OD1 . ASP A 1 28  ? -10.011 10.095  7.600   1.00 68.24 ? 390 ASP A OD1 1 
ATOM   225  O OD2 . ASP A 1 28  ? -8.710  9.442   5.959   1.00 71.79 ? 390 ASP A OD2 1 
ATOM   226  N N   . ALA A 1 29  ? -8.925  9.790   10.350  1.00 68.62 ? 391 ALA A N   1 
ATOM   227  C CA  . ALA A 1 29  ? -9.070  8.597   11.187  1.00 64.42 ? 391 ALA A CA  1 
ATOM   228  C C   . ALA A 1 29  ? -9.059  7.293   10.393  1.00 67.09 ? 391 ALA A C   1 
ATOM   229  O O   . ALA A 1 29  ? -8.448  6.312   10.818  1.00 71.46 ? 391 ALA A O   1 
ATOM   230  C CB  . ALA A 1 29  ? -10.358 8.692   11.996  1.00 60.11 ? 391 ALA A CB  1 
ATOM   231  N N   . ASP A 1 30  ? -9.736  7.277   9.249   1.00 67.85 ? 392 ASP A N   1 
ATOM   232  C CA  . ASP A 1 30  ? -9.907  6.041   8.486   1.00 66.06 ? 392 ASP A CA  1 
ATOM   233  C C   . ASP A 1 30  ? -8.582  5.525   7.927   1.00 62.25 ? 392 ASP A C   1 
ATOM   234  O O   . ASP A 1 30  ? -8.484  4.375   7.497   1.00 67.18 ? 392 ASP A O   1 
ATOM   235  C CB  . ASP A 1 30  ? -10.904 6.246   7.339   1.00 63.33 ? 392 ASP A CB  1 
ATOM   236  C CG  . ASP A 1 30  ? -12.320 5.816   7.701   1.00 68.52 ? 392 ASP A CG  1 
ATOM   237  O OD1 . ASP A 1 30  ? -12.482 4.794   8.402   1.00 70.37 ? 392 ASP A OD1 1 
ATOM   238  O OD2 . ASP A 1 30  ? -13.275 6.496   7.271   1.00 70.02 ? 392 ASP A OD2 1 
ATOM   239  N N   . SER A 1 31  ? -7.565  6.380   7.936   1.00 60.80 ? 393 SER A N   1 
ATOM   240  C CA  . SER A 1 31  ? -6.236  5.996   7.479   1.00 57.11 ? 393 SER A CA  1 
ATOM   241  C C   . SER A 1 31  ? -5.393  5.425   8.616   1.00 54.81 ? 393 SER A C   1 
ATOM   242  O O   . SER A 1 31  ? -4.207  5.153   8.430   1.00 41.30 ? 393 SER A O   1 
ATOM   243  C CB  . SER A 1 31  ? -5.521  7.192   6.845   1.00 54.65 ? 393 SER A CB  1 
ATOM   244  O OG  . SER A 1 31  ? -6.179  7.602   5.658   1.00 60.69 ? 393 SER A OG  1 
ATOM   245  N N   . VAL A 1 32  ? -6.001  5.262   9.792   1.00 53.35 ? 394 VAL A N   1 
ATOM   246  C CA  . VAL A 1 32  ? -5.322  4.653   10.932  1.00 50.32 ? 394 VAL A CA  1 
ATOM   247  C C   . VAL A 1 32  ? -6.061  3.401   11.416  1.00 50.09 ? 394 VAL A C   1 
ATOM   248  O O   . VAL A 1 32  ? -7.212  3.462   11.857  1.00 53.84 ? 394 VAL A O   1 
ATOM   249  C CB  . VAL A 1 32  ? -5.178  5.636   12.101  1.00 50.62 ? 394 VAL A CB  1 
ATOM   250  C CG1 . VAL A 1 32  ? -4.253  5.054   13.158  1.00 45.46 ? 394 VAL A CG1 1 
ATOM   251  C CG2 . VAL A 1 32  ? -4.636  6.967   11.606  1.00 52.46 ? 394 VAL A CG2 1 
ATOM   252  N N   . ILE A 1 33  ? -5.368  2.270   11.332  1.00 42.87 ? 395 ILE A N   1 
ATOM   253  C CA  . ILE A 1 33  ? -5.929  0.965   11.658  1.00 41.57 ? 395 ILE A CA  1 
ATOM   254  C C   . ILE A 1 33  ? -5.334  0.415   12.949  1.00 40.94 ? 395 ILE A C   1 
ATOM   255  O O   . ILE A 1 33  ? -4.136  0.555   13.194  1.00 44.19 ? 395 ILE A O   1 
ATOM   256  C CB  . ILE A 1 33  ? -5.665  -0.048  10.519  1.00 43.31 ? 395 ILE A CB  1 
ATOM   257  C CG1 . ILE A 1 33  ? -6.385  0.390   9.243   1.00 47.29 ? 395 ILE A CG1 1 
ATOM   258  C CG2 . ILE A 1 33  ? -6.090  -1.463  10.925  1.00 41.31 ? 395 ILE A CG2 1 
ATOM   259  C CD1 . ILE A 1 33  ? -6.110  -0.503  8.051   1.00 49.49 ? 395 ILE A CD1 1 
ATOM   260  N N   . THR A 1 34  ? -6.177  -0.215  13.764  1.00 41.84 ? 396 THR A N   1 
ATOM   261  C CA  . THR A 1 34  ? -5.708  -0.979  14.915  1.00 44.39 ? 396 THR A CA  1 
ATOM   262  C C   . THR A 1 34  ? -5.724  -2.463  14.569  1.00 41.54 ? 396 THR A C   1 
ATOM   263  O O   . THR A 1 34  ? -6.762  -3.008  14.192  1.00 44.16 ? 396 THR A O   1 
ATOM   264  C CB  . THR A 1 34  ? -6.568  -0.741  16.170  1.00 46.86 ? 396 THR A CB  1 
ATOM   265  O OG1 . THR A 1 34  ? -6.653  0.663   16.437  1.00 47.13 ? 396 THR A OG1 1 
ATOM   266  C CG2 . THR A 1 34  ? -5.962  -1.452  17.379  1.00 40.19 ? 396 THR A CG2 1 
ATOM   267  N N   . VAL A 1 35  ? -4.565  -3.103  14.685  1.00 39.29 ? 397 VAL A N   1 
ATOM   268  C CA  . VAL A 1 35  ? -4.449  -4.538  14.465  1.00 41.04 ? 397 VAL A CA  1 
ATOM   269  C C   . VAL A 1 35  ? -4.187  -5.208  15.805  1.00 39.33 ? 397 VAL A C   1 
ATOM   270  O O   . VAL A 1 35  ? -3.101  -5.092  16.371  1.00 37.90 ? 397 VAL A O   1 
ATOM   271  C CB  . VAL A 1 35  ? -3.317  -4.875  13.473  1.00 34.66 ? 397 VAL A CB  1 
ATOM   272  C CG1 . VAL A 1 35  ? -3.427  -6.320  13.007  1.00 38.44 ? 397 VAL A CG1 1 
ATOM   273  C CG2 . VAL A 1 35  ? -3.355  -3.932  12.285  1.00 34.86 ? 397 VAL A CG2 1 
ATOM   274  N N   . GLY A 1 36  ? -5.189  -5.919  16.307  1.00 40.49 ? 398 GLY A N   1 
ATOM   275  C CA  . GLY A 1 36  ? -5.088  -6.540  17.613  1.00 45.30 ? 398 GLY A CA  1 
ATOM   276  C C   . GLY A 1 36  ? -4.094  -7.681  17.617  1.00 42.05 ? 398 GLY A C   1 
ATOM   277  O O   . GLY A 1 36  ? -3.534  -8.042  16.585  1.00 40.64 ? 398 GLY A O   1 
ATOM   278  N N   . ARG A 1 37  ? -3.877  -8.255  18.791  1.00 42.85 ? 399 ARG A N   1 
ATOM   279  C CA  . ARG A 1 37  ? -2.952  -9.370  18.922  1.00 43.37 ? 399 ARG A CA  1 
ATOM   280  C C   . ARG A 1 37  ? -3.471  -10.549 18.120  1.00 41.23 ? 399 ARG A C   1 
ATOM   281  O O   . ARG A 1 37  ? -4.662  -10.853 18.161  1.00 39.30 ? 399 ARG A O   1 
ATOM   282  C CB  . ARG A 1 37  ? -2.785  -9.793  20.378  1.00 46.41 ? 399 ARG A CB  1 
ATOM   283  C CG  . ARG A 1 37  ? -2.791  -8.682  21.408  1.00 47.32 ? 399 ARG A CG  1 
ATOM   284  C CD  . ARG A 1 37  ? -3.183  -9.228  22.756  1.00 56.74 ? 399 ARG A CD  1 
ATOM   285  N NE  . ARG A 1 37  ? -2.707  -8.362  23.822  1.00 59.57 ? 399 ARG A NE  1 
ATOM   286  C CZ  . ARG A 1 37  ? -2.569  -8.735  25.090  1.00 64.54 ? 399 ARG A CZ  1 
ATOM   287  N NH1 . ARG A 1 37  ? -2.868  -9.976  25.463  1.00 68.00 ? 399 ARG A NH1 1 
ATOM   288  N NH2 . ARG A 1 37  ? -2.124  -7.861  25.983  1.00 70.06 ? 399 ARG A NH2 1 
ATOM   289  N N   . GLY A 1 38  ? -2.578  -11.208 17.392  1.00 43.36 ? 400 GLY A N   1 
ATOM   290  C CA  . GLY A 1 38  ? -2.947  -12.387 16.634  1.00 37.76 ? 400 GLY A CA  1 
ATOM   291  C C   . GLY A 1 38  ? -3.858  -12.073 15.462  1.00 41.59 ? 400 GLY A C   1 
ATOM   292  O O   . GLY A 1 38  ? -4.371  -12.985 14.815  1.00 41.53 ? 400 GLY A O   1 
ATOM   293  N N   . GLU A 1 39  ? -4.043  -10.786 15.171  1.00 44.31 ? 401 GLU A N   1 
ATOM   294  C CA  . GLU A 1 39  ? -4.990  -10.350 14.143  1.00 44.13 ? 401 GLU A CA  1 
ATOM   295  C C   . GLU A 1 39  ? -4.317  -10.032 12.823  1.00 42.20 ? 401 GLU A C   1 
ATOM   296  O O   . GLU A 1 39  ? -3.166  -9.601  12.770  1.00 39.73 ? 401 GLU A O   1 
ATOM   297  C CB  . GLU A 1 39  ? -5.768  -9.110  14.582  1.00 43.65 ? 401 GLU A CB  1 
ATOM   298  C CG  . GLU A 1 39  ? -6.823  -9.341  15.647  1.00 50.12 ? 401 GLU A CG  1 
ATOM   299  C CD  . GLU A 1 39  ? -7.748  -8.145  15.807  1.00 60.41 ? 401 GLU A CD  1 
ATOM   300  O OE1 . GLU A 1 39  ? -7.537  -7.123  15.115  1.00 54.32 ? 401 GLU A OE1 1 
ATOM   301  O OE2 . GLU A 1 39  ? -8.690  -8.221  16.620  1.00 55.18 ? 401 GLU A OE2 1 
ATOM   302  N N   . VAL A 1 40  ? -5.066  -10.273 11.757  1.00 38.91 ? 402 VAL A N   1 
ATOM   303  C CA  . VAL A 1 40  ? -4.671  -9.899  10.411  1.00 40.05 ? 402 VAL A CA  1 
ATOM   304  C C   . VAL A 1 40  ? -5.719  -8.961  9.831   1.00 41.66 ? 402 VAL A C   1 
ATOM   305  O O   . VAL A 1 40  ? -6.910  -9.274  9.848   1.00 45.88 ? 402 VAL A O   1 
ATOM   306  C CB  . VAL A 1 40  ? -4.526  -11.128 9.506   1.00 41.91 ? 402 VAL A CB  1 
ATOM   307  C CG1 . VAL A 1 40  ? -4.113  -10.712 8.103   1.00 38.20 ? 402 VAL A CG1 1 
ATOM   308  C CG2 . VAL A 1 40  ? -3.534  -12.114 10.106  1.00 41.41 ? 402 VAL A CG2 1 
ATOM   309  N N   . VAL A 1 41  ? -5.278  -7.808  9.333   1.00 42.93 ? 403 VAL A N   1 
ATOM   310  C CA  . VAL A 1 41  ? -6.182  -6.846  8.710   1.00 38.39 ? 403 VAL A CA  1 
ATOM   311  C C   . VAL A 1 41  ? -5.890  -6.708  7.223   1.00 38.36 ? 403 VAL A C   1 
ATOM   312  O O   . VAL A 1 41  ? -4.741  -6.544  6.811   1.00 38.08 ? 403 VAL A O   1 
ATOM   313  C CB  . VAL A 1 41  ? -6.098  -5.462  9.379   1.00 42.34 ? 403 VAL A CB  1 
ATOM   314  C CG1 . VAL A 1 41  ? -6.845  -4.423  8.549   1.00 40.41 ? 403 VAL A CG1 1 
ATOM   315  C CG2 . VAL A 1 41  ? -6.660  -5.527  10.786  1.00 40.98 ? 403 VAL A CG2 1 
ATOM   316  N N   . THR A 1 42  ? -6.956  -6.780  6.432   1.00 35.83 ? 404 THR A N   1 
ATOM   317  C CA  . THR A 1 42  ? -6.879  -6.694  4.979   1.00 35.21 ? 404 THR A CA  1 
ATOM   318  C C   . THR A 1 42  ? -7.561  -5.433  4.472   1.00 34.47 ? 404 THR A C   1 
ATOM   319  O O   . THR A 1 42  ? -8.725  -5.185  4.777   1.00 40.17 ? 404 THR A O   1 
ATOM   320  C CB  . THR A 1 42  ? -7.537  -7.917  4.310   1.00 42.34 ? 404 THR A CB  1 
ATOM   321  O OG1 . THR A 1 42  ? -6.845  -9.108  4.702   1.00 43.43 ? 404 THR A OG1 1 
ATOM   322  C CG2 . THR A 1 42  ? -7.515  -7.786  2.789   1.00 44.06 ? 404 THR A CG2 1 
ATOM   323  N N   . VAL A 1 43  ? -6.824  -4.643  3.697   1.00 35.57 ? 405 VAL A N   1 
ATOM   324  C CA  . VAL A 1 43  ? -7.373  -3.455  3.046   1.00 34.59 ? 405 VAL A CA  1 
ATOM   325  C C   . VAL A 1 43  ? -7.547  -3.718  1.560   1.00 31.80 ? 405 VAL A C   1 
ATOM   326  O O   . VAL A 1 43  ? -6.571  -3.969  0.854   1.00 35.11 ? 405 VAL A O   1 
ATOM   327  C CB  . VAL A 1 43  ? -6.466  -2.229  3.238   1.00 35.36 ? 405 VAL A CB  1 
ATOM   328  C CG1 . VAL A 1 43  ? -7.002  -1.049  2.449   1.00 37.46 ? 405 VAL A CG1 1 
ATOM   329  C CG2 . VAL A 1 43  ? -6.349  -1.875  4.712   1.00 30.58 ? 405 VAL A CG2 1 
ATOM   330  N N   . ARG A 1 44  ? -8.790  -3.659  1.091   1.00 33.21 ? 406 ARG A N   1 
ATOM   331  C CA  . ARG A 1 44  ? -9.102  -3.923  -0.311  1.00 35.77 ? 406 ARG A CA  1 
ATOM   332  C C   . ARG A 1 44  ? -9.024  -2.645  -1.148  1.00 37.90 ? 406 ARG A C   1 
ATOM   333  O O   . ARG A 1 44  ? -9.668  -1.642  -0.833  1.00 31.50 ? 406 ARG A O   1 
ATOM   334  C CB  . ARG A 1 44  ? -10.488 -4.566  -0.428  1.00 33.72 ? 406 ARG A CB  1 
ATOM   335  C CG  . ARG A 1 44  ? -10.557 -5.949  0.215   1.00 41.55 ? 406 ARG A CG  1 
ATOM   336  C CD  . ARG A 1 44  ? -11.951 -6.554  0.143   1.00 35.53 ? 406 ARG A CD  1 
ATOM   337  N NE  . ARG A 1 44  ? -12.335 -6.897  -1.224  1.00 44.44 ? 406 ARG A NE  1 
ATOM   338  C CZ  . ARG A 1 44  ? -12.055 -8.052  -1.819  1.00 43.86 ? 406 ARG A CZ  1 
ATOM   339  N NH1 . ARG A 1 44  ? -11.385 -9.000  -1.179  1.00 39.49 ? 406 ARG A NH1 1 
ATOM   340  N NH2 . ARG A 1 44  ? -12.450 -8.260  -3.065  1.00 42.95 ? 406 ARG A NH2 1 
ATOM   341  N N   . VAL A 1 45  ? -8.214  -2.693  -2.205  1.00 38.28 ? 407 VAL A N   1 
ATOM   342  C CA  . VAL A 1 45  ? -8.005  -1.556  -3.100  1.00 38.68 ? 407 VAL A CA  1 
ATOM   343  C C   . VAL A 1 45  ? -8.297  -1.945  -4.553  1.00 41.06 ? 407 VAL A C   1 
ATOM   344  O O   . VAL A 1 45  ? -7.422  -2.471  -5.238  1.00 36.74 ? 407 VAL A O   1 
ATOM   345  C CB  . VAL A 1 45  ? -6.562  -1.018  -3.022  1.00 35.72 ? 407 VAL A CB  1 
ATOM   346  C CG1 . VAL A 1 45  ? -6.468  0.319   -3.743  1.00 36.11 ? 407 VAL A CG1 1 
ATOM   347  C CG2 . VAL A 1 45  ? -6.116  -0.869  -1.579  1.00 34.21 ? 407 VAL A CG2 1 
ATOM   348  N N   . PRO A 1 46  ? -9.531  -1.706  -5.024  1.00 42.45 ? 408 PRO A N   1 
ATOM   349  C CA  . PRO A 1 46  ? -9.855  -2.034  -6.419  1.00 43.86 ? 408 PRO A CA  1 
ATOM   350  C C   . PRO A 1 46  ? -9.003  -1.274  -7.436  1.00 47.08 ? 408 PRO A C   1 
ATOM   351  O O   . PRO A 1 46  ? -8.644  -0.121  -7.196  1.00 39.76 ? 408 PRO A O   1 
ATOM   352  C CB  . PRO A 1 46  ? -11.328 -1.626  -6.553  1.00 41.81 ? 408 PRO A CB  1 
ATOM   353  C CG  . PRO A 1 46  ? -11.610 -0.741  -5.394  1.00 45.70 ? 408 PRO A CG  1 
ATOM   354  C CD  . PRO A 1 46  ? -10.683 -1.143  -4.301  1.00 44.35 ? 408 PRO A CD  1 
ATOM   355  N N   . THR A 1 47  ? -8.680  -1.917  -8.555  1.00 45.90 ? 409 THR A N   1 
ATOM   356  C CA  . THR A 1 47  ? -8.082  -1.206  -9.678  1.00 43.26 ? 409 THR A CA  1 
ATOM   357  C C   . THR A 1 47  ? -9.070  -0.163  -10.181 1.00 47.49 ? 409 THR A C   1 
ATOM   358  O O   . THR A 1 47  ? -10.253 -0.455  -10.353 1.00 53.12 ? 409 THR A O   1 
ATOM   359  C CB  . THR A 1 47  ? -7.714  -2.142  -10.849 1.00 44.02 ? 409 THR A CB  1 
ATOM   360  O OG1 . THR A 1 47  ? -8.847  -2.948  -11.194 1.00 50.45 ? 409 THR A OG1 1 
ATOM   361  C CG2 . THR A 1 47  ? -6.539  -3.043  -10.493 1.00 46.33 ? 409 THR A CG2 1 
ATOM   362  N N   . HIS A 1 48  ? -8.586  1.053   -10.410 1.00 48.74 ? 410 HIS A N   1 
ATOM   363  C CA  . HIS A 1 48  ? -9.419  2.111   -10.966 1.00 52.99 ? 410 HIS A CA  1 
ATOM   364  C C   . HIS A 1 48  ? -9.460  1.956   -12.484 1.00 56.02 ? 410 HIS A C   1 
ATOM   365  O O   . HIS A 1 48  ? -8.477  1.537   -13.094 1.00 52.28 ? 410 HIS A O   1 
ATOM   366  C CB  . HIS A 1 48  ? -8.882  3.487   -10.567 1.00 51.71 ? 410 HIS A CB  1 
ATOM   367  C CG  . HIS A 1 48  ? -9.827  4.613   -10.854 1.00 56.99 ? 410 HIS A CG  1 
ATOM   368  N ND1 . HIS A 1 48  ? -10.031 5.108   -12.122 1.00 57.62 ? 410 HIS A ND1 1 
ATOM   369  C CD2 . HIS A 1 48  ? -10.615 5.346   -10.033 1.00 55.66 ? 410 HIS A CD2 1 
ATOM   370  C CE1 . HIS A 1 48  ? -10.909 6.095   -12.074 1.00 58.45 ? 410 HIS A CE1 1 
ATOM   371  N NE2 . HIS A 1 48  ? -11.280 6.258   -10.816 1.00 58.53 ? 410 HIS A NE2 1 
ATOM   372  N N   . GLU A 1 49  ? -10.600 2.281   -13.086 1.00 61.47 ? 411 GLU A N   1 
ATOM   373  C CA  . GLU A 1 49  ? -10.809 2.049   -14.513 1.00 61.30 ? 411 GLU A CA  1 
ATOM   374  C C   . GLU A 1 49  ? -9.776  2.783   -15.370 1.00 61.20 ? 411 GLU A C   1 
ATOM   375  O O   . GLU A 1 49  ? -9.405  2.319   -16.449 1.00 58.83 ? 411 GLU A O   1 
ATOM   376  C CB  . GLU A 1 49  ? -12.226 2.480   -14.912 1.00 61.64 ? 411 GLU A CB  1 
ATOM   377  C CG  . GLU A 1 49  ? -12.874 1.595   -15.966 1.00 69.75 ? 411 GLU A CG  1 
ATOM   378  C CD  . GLU A 1 49  ? -13.052 0.164   -15.492 1.00 74.76 ? 411 GLU A CD  1 
ATOM   379  O OE1 . GLU A 1 49  ? -13.423 -0.035  -14.316 1.00 76.29 ? 411 GLU A OE1 1 
ATOM   380  O OE2 . GLU A 1 49  ? -12.813 -0.764  -16.290 1.00 74.51 ? 411 GLU A OE2 1 
ATOM   381  N N   . GLU A 1 50  ? -9.327  3.932   -14.878 1.00 57.98 ? 412 GLU A N   1 
ATOM   382  C CA  . GLU A 1 50  ? -8.335  4.755   -15.567 1.00 64.61 ? 412 GLU A CA  1 
ATOM   383  C C   . GLU A 1 50  ? -6.900  4.531   -15.056 1.00 65.84 ? 412 GLU A C   1 
ATOM   384  O O   . GLU A 1 50  ? -5.974  5.199   -15.516 1.00 63.86 ? 412 GLU A O   1 
ATOM   385  C CB  . GLU A 1 50  ? -8.723  6.235   -15.430 1.00 64.30 ? 412 GLU A CB  1 
ATOM   386  C CG  . GLU A 1 50  ? -10.019 6.595   -16.165 1.00 67.63 ? 412 GLU A CG  1 
ATOM   387  C CD  . GLU A 1 50  ? -10.749 7.794   -15.578 1.00 78.01 ? 412 GLU A CD  1 
ATOM   388  O OE1 . GLU A 1 50  ? -10.140 8.562   -14.804 1.00 79.09 ? 412 GLU A OE1 1 
ATOM   389  O OE2 . GLU A 1 50  ? -11.946 7.965   -15.898 1.00 83.99 ? 412 GLU A OE2 1 
ATOM   390  N N   . GLY A 1 51  ? -6.720  3.618   -14.099 1.00 60.37 ? 413 GLY A N   1 
ATOM   391  C CA  . GLY A 1 51  ? -5.415  3.409   -13.482 1.00 55.41 ? 413 GLY A CA  1 
ATOM   392  C C   . GLY A 1 51  ? -4.440  2.441   -14.144 1.00 52.33 ? 413 GLY A C   1 
ATOM   393  O O   . GLY A 1 51  ? -4.849  1.414   -14.682 1.00 56.51 ? 413 GLY A O   1 
ATOM   394  N N   . SER A 1 52  ? -3.153  2.795   -14.143 1.00 54.10 ? 414 SER A N   1 
ATOM   395  C CA  . SER A 1 52  ? -2.054  1.873   -14.484 1.00 52.96 ? 414 SER A CA  1 
ATOM   396  C C   . SER A 1 52  ? -1.421  1.106   -13.297 1.00 48.68 ? 414 SER A C   1 
ATOM   397  O O   . SER A 1 52  ? -1.137  -0.088  -13.400 1.00 47.65 ? 414 SER A O   1 
ATOM   398  C CB  . SER A 1 52  ? -0.955  2.641   -15.225 1.00 54.16 ? 414 SER A CB  1 
ATOM   399  O OG  . SER A 1 52  ? -0.404  3.661   -14.413 1.00 59.24 ? 414 SER A OG  1 
ATOM   400  N N   . TYR A 1 53  ? -1.193  1.813   -12.188 1.00 44.92 ? 415 TYR A N   1 
ATOM   401  C CA  . TYR A 1 53  ? -0.351  1.338   -11.077 1.00 46.45 ? 415 TYR A CA  1 
ATOM   402  C C   . TYR A 1 53  ? -1.029  1.589   -9.731  1.00 48.43 ? 415 TYR A C   1 
ATOM   403  O O   . TYR A 1 53  ? -1.846  2.502   -9.612  1.00 44.77 ? 415 TYR A O   1 
ATOM   404  C CB  . TYR A 1 53  ? 1.004   2.066   -11.054 1.00 51.29 ? 415 TYR A CB  1 
ATOM   405  C CG  . TYR A 1 53  ? 2.152   1.523   -11.890 1.00 53.75 ? 415 TYR A CG  1 
ATOM   406  C CD1 . TYR A 1 53  ? 3.316   1.071   -11.276 1.00 51.99 ? 415 TYR A CD1 1 
ATOM   407  C CD2 . TYR A 1 53  ? 2.106   1.520   -13.280 1.00 53.69 ? 415 TYR A CD2 1 
ATOM   408  C CE1 . TYR A 1 53  ? 4.385   0.599   -12.014 1.00 51.83 ? 415 TYR A CE1 1 
ATOM   409  C CE2 . TYR A 1 53  ? 3.178   1.047   -14.030 1.00 53.14 ? 415 TYR A CE2 1 
ATOM   410  C CZ  . TYR A 1 53  ? 4.315   0.594   -13.390 1.00 55.64 ? 415 TYR A CZ  1 
ATOM   411  O OH  . TYR A 1 53  ? 5.384   0.120   -14.117 1.00 63.22 ? 415 TYR A OH  1 
ATOM   412  N N   . LEU A 1 54  ? -0.663  0.806   -8.717  1.00 40.49 ? 416 LEU A N   1 
ATOM   413  C CA  . LEU A 1 54  ? -1.010  1.110   -7.327  1.00 39.94 ? 416 LEU A CA  1 
ATOM   414  C C   . LEU A 1 54  ? 0.256   1.462   -6.553  1.00 41.06 ? 416 LEU A C   1 
ATOM   415  O O   . LEU A 1 54  ? 1.267   0.776   -6.673  1.00 39.14 ? 416 LEU A O   1 
ATOM   416  C CB  . LEU A 1 54  ? -1.728  -0.071  -6.666  1.00 35.49 ? 416 LEU A CB  1 
ATOM   417  C CG  . LEU A 1 54  ? -1.965  0.019   -5.153  1.00 34.94 ? 416 LEU A CG  1 
ATOM   418  C CD1 . LEU A 1 54  ? -3.000  1.078   -4.802  1.00 34.29 ? 416 LEU A CD1 1 
ATOM   419  C CD2 . LEU A 1 54  ? -2.388  -1.335  -4.603  1.00 35.21 ? 416 LEU A CD2 1 
ATOM   420  N N   . PHE A 1 55  ? 0.192   2.547   -5.783  1.00 36.68 ? 417 PHE A N   1 
ATOM   421  C CA  . PHE A 1 55  ? 1.280   2.956   -4.898  1.00 33.60 ? 417 PHE A CA  1 
ATOM   422  C C   . PHE A 1 55  ? 0.787   2.918   -3.464  1.00 39.14 ? 417 PHE A C   1 
ATOM   423  O O   . PHE A 1 55  ? -0.320  3.365   -3.175  1.00 39.62 ? 417 PHE A O   1 
ATOM   424  C CB  . PHE A 1 55  ? 1.783   4.360   -5.243  1.00 38.19 ? 417 PHE A CB  1 
ATOM   425  C CG  . PHE A 1 55  ? 2.515   4.441   -6.550  1.00 41.47 ? 417 PHE A CG  1 
ATOM   426  C CD1 . PHE A 1 55  ? 1.832   4.340   -7.744  1.00 45.45 ? 417 PHE A CD1 1 
ATOM   427  C CD2 . PHE A 1 55  ? 3.885   4.636   -6.581  1.00 38.85 ? 417 PHE A CD2 1 
ATOM   428  C CE1 . PHE A 1 55  ? 2.502   4.422   -8.950  1.00 45.50 ? 417 PHE A CE1 1 
ATOM   429  C CE2 . PHE A 1 55  ? 4.561   4.719   -7.783  1.00 44.69 ? 417 PHE A CE2 1 
ATOM   430  C CZ  . PHE A 1 55  ? 3.866   4.613   -8.969  1.00 45.43 ? 417 PHE A CZ  1 
ATOM   431  N N   . TRP A 1 56  ? 1.610   2.373   -2.573  1.00 35.99 ? 418 TRP A N   1 
ATOM   432  C CA  . TRP A 1 56  ? 1.257   2.280   -1.163  1.00 33.22 ? 418 TRP A CA  1 
ATOM   433  C C   . TRP A 1 56  ? 2.368   2.796   -0.262  1.00 30.94 ? 418 TRP A C   1 
ATOM   434  O O   . TRP A 1 56  ? 3.538   2.810   -0.638  1.00 32.47 ? 418 TRP A O   1 
ATOM   435  C CB  . TRP A 1 56  ? 0.920   0.832   -0.787  1.00 35.54 ? 418 TRP A CB  1 
ATOM   436  C CG  . TRP A 1 56  ? 2.045   -0.116  -0.985  1.00 33.71 ? 418 TRP A CG  1 
ATOM   437  C CD1 . TRP A 1 56  ? 3.102   -0.327  -0.143  1.00 34.00 ? 418 TRP A CD1 1 
ATOM   438  C CD2 . TRP A 1 56  ? 2.229   -1.001  -2.093  1.00 32.96 ? 418 TRP A CD2 1 
ATOM   439  N NE1 . TRP A 1 56  ? 3.935   -1.285  -0.665  1.00 34.07 ? 418 TRP A NE1 1 
ATOM   440  C CE2 . TRP A 1 56  ? 3.420   -1.719  -1.863  1.00 30.36 ? 418 TRP A CE2 1 
ATOM   441  C CE3 . TRP A 1 56  ? 1.503   -1.257  -3.263  1.00 35.40 ? 418 TRP A CE3 1 
ATOM   442  C CZ2 . TRP A 1 56  ? 3.907   -2.671  -2.760  1.00 34.43 ? 418 TRP A CZ2 1 
ATOM   443  C CZ3 . TRP A 1 56  ? 1.981   -2.205  -4.149  1.00 34.27 ? 418 TRP A CZ3 1 
ATOM   444  C CH2 . TRP A 1 56  ? 3.173   -2.902  -3.892  1.00 35.71 ? 418 TRP A CH2 1 
ATOM   445  N N   . GLU A 1 57  ? 1.970   3.231   0.926   1.00 34.80 ? 419 GLU A N   1 
ATOM   446  C CA  . GLU A 1 57  ? 2.884   3.648   1.979   1.00 32.84 ? 419 GLU A CA  1 
ATOM   447  C C   . GLU A 1 57  ? 2.307   3.144   3.277   1.00 32.65 ? 419 GLU A C   1 
ATOM   448  O O   . GLU A 1 57  ? 1.089   3.105   3.426   1.00 35.22 ? 419 GLU A O   1 
ATOM   449  C CB  . GLU A 1 57  ? 3.037   5.168   2.045   1.00 35.80 ? 419 GLU A CB  1 
ATOM   450  C CG  . GLU A 1 57  ? 3.674   5.821   0.839   1.00 37.02 ? 419 GLU A CG  1 
ATOM   451  C CD  . GLU A 1 57  ? 3.267   7.279   0.706   1.00 43.36 ? 419 GLU A CD  1 
ATOM   452  O OE1 . GLU A 1 57  ? 2.120   7.537   0.289   1.00 43.06 ? 419 GLU A OE1 1 
ATOM   453  O OE2 . GLU A 1 57  ? 4.085   8.162   1.036   1.00 38.68 ? 419 GLU A OE2 1 
ATOM   454  N N   . PHE A 1 58  ? 3.157   2.747   4.214   1.00 34.20 ? 420 PHE A N   1 
ATOM   455  C CA  . PHE A 1 58  ? 2.661   2.419   5.541   1.00 34.58 ? 420 PHE A CA  1 
ATOM   456  C C   . PHE A 1 58  ? 3.731   2.566   6.608   1.00 32.58 ? 420 PHE A C   1 
ATOM   457  O O   . PHE A 1 58  ? 4.925   2.511   6.326   1.00 31.91 ? 420 PHE A O   1 
ATOM   458  C CB  . PHE A 1 58  ? 2.076   0.999   5.563   1.00 32.66 ? 420 PHE A CB  1 
ATOM   459  C CG  . PHE A 1 58  ? 3.078   -0.084  5.279   1.00 33.71 ? 420 PHE A CG  1 
ATOM   460  C CD1 . PHE A 1 58  ? 3.420   -0.411  3.977   1.00 32.94 ? 420 PHE A CD1 1 
ATOM   461  C CD2 . PHE A 1 58  ? 3.665   -0.787  6.316   1.00 36.94 ? 420 PHE A CD2 1 
ATOM   462  C CE1 . PHE A 1 58  ? 4.331   -1.411  3.715   1.00 35.35 ? 420 PHE A CE1 1 
ATOM   463  C CE2 . PHE A 1 58  ? 4.576   -1.796  6.062   1.00 34.48 ? 420 PHE A CE2 1 
ATOM   464  C CZ  . PHE A 1 58  ? 4.914   -2.106  4.760   1.00 34.19 ? 420 PHE A CZ  1 
ATOM   465  N N   . ALA A 1 59  ? 3.276   2.779   7.837   1.00 34.56 ? 421 ALA A N   1 
ATOM   466  C CA  . ALA A 1 59  ? 4.161   2.836   8.987   1.00 39.06 ? 421 ALA A CA  1 
ATOM   467  C C   . ALA A 1 59  ? 3.400   2.498   10.256  1.00 38.08 ? 421 ALA A C   1 
ATOM   468  O O   . ALA A 1 59  ? 2.176   2.606   10.310  1.00 40.82 ? 421 ALA A O   1 
ATOM   469  C CB  . ALA A 1 59  ? 4.798   4.203   9.105   1.00 40.58 ? 421 ALA A CB  1 
ATOM   470  N N   . THR A 1 60  ? 4.140   2.119   11.268  1.00 37.73 ? 422 THR A N   1 
ATOM   471  C CA  . THR A 1 60  ? 3.606   1.731   12.539  1.00 38.88 ? 422 THR A CA  1 
ATOM   472  C C   . THR A 1 60  ? 4.283   2.489   13.636  1.00 45.24 ? 422 THR A C   1 
ATOM   473  O O   . THR A 1 60  ? 5.334   3.028   13.431  1.00 43.50 ? 422 THR A O   1 
ATOM   474  C CB  . THR A 1 60  ? 3.863   0.267   12.821  1.00 43.92 ? 422 THR A CB  1 
ATOM   475  O OG1 . THR A 1 60  ? 5.194   -0.050  12.469  1.00 37.52 ? 422 THR A OG1 1 
ATOM   476  C CG2 . THR A 1 60  ? 2.941   -0.556  12.064  1.00 39.14 ? 422 THR A CG2 1 
ATOM   477  N N   . ASP A 1 61  ? 3.646   2.588   14.789  1.00 48.06 ? 423 ASP A N   1 
ATOM   478  C CA  . ASP A 1 61  ? 4.242   3.314   15.897  1.00 50.87 ? 423 ASP A CA  1 
ATOM   479  C C   . ASP A 1 61  ? 5.400   2.723   16.671  1.00 52.63 ? 423 ASP A C   1 
ATOM   480  O O   . ASP A 1 61  ? 6.425   3.351   16.746  1.00 59.93 ? 423 ASP A O   1 
ATOM   481  C CB  . ASP A 1 61  ? 3.159   3.671   16.905  1.00 50.48 ? 423 ASP A CB  1 
ATOM   482  C CG  . ASP A 1 61  ? 2.483   4.930   16.586  1.00 46.10 ? 423 ASP A CG  1 
ATOM   483  O OD1 . ASP A 1 61  ? 3.109   5.818   16.037  1.00 51.22 ? 423 ASP A OD1 1 
ATOM   484  O OD2 . ASP A 1 61  ? 1.312   5.032   16.884  1.00 49.01 ? 423 ASP A OD2 1 
ATOM   485  N N   . ASN A 1 62  ? 5.276   1.520   17.194  1.00 50.26 ? 424 ASN A N   1 
ATOM   486  C CA  . ASN A 1 62  ? 6.283   1.022   18.108  1.00 52.57 ? 424 ASN A CA  1 
ATOM   487  C C   . ASN A 1 62  ? 6.862   -0.321  17.788  1.00 55.52 ? 424 ASN A C   1 
ATOM   488  O O   . ASN A 1 62  ? 7.789   -0.753  18.429  1.00 53.97 ? 424 ASN A O   1 
ATOM   489  C CB  . ASN A 1 62  ? 5.713   0.944   19.496  1.00 54.28 ? 424 ASN A CB  1 
ATOM   490  C CG  . ASN A 1 62  ? 5.605   2.280   20.151  1.00 60.05 ? 424 ASN A CG  1 
ATOM   491  O OD1 . ASN A 1 62  ? 6.541   3.049   20.161  1.00 61.42 ? 424 ASN A OD1 1 
ATOM   492  N ND2 . ASN A 1 62  ? 4.460   2.554   20.716  1.00 56.06 ? 424 ASN A ND2 1 
ATOM   493  N N   . TYR A 1 63  ? 6.289   -0.988  16.813  1.00 49.71 ? 425 TYR A N   1 
ATOM   494  C CA  . TYR A 1 63  ? 6.639   -2.387  16.545  1.00 48.42 ? 425 TYR A CA  1 
ATOM   495  C C   . TYR A 1 63  ? 6.596   -2.685  15.060  1.00 46.90 ? 425 TYR A C   1 
ATOM   496  O O   . TYR A 1 63  ? 5.993   -1.942  14.284  1.00 41.87 ? 425 TYR A O   1 
ATOM   497  C CB  . TYR A 1 63  ? 5.688   -3.331  17.293  1.00 50.88 ? 425 TYR A CB  1 
ATOM   498  C CG  . TYR A 1 63  ? 5.712   -3.157  18.795  1.00 55.82 ? 425 TYR A CG  1 
ATOM   499  C CD1 . TYR A 1 63  ? 6.776   -3.626  19.551  1.00 56.53 ? 425 TYR A CD1 1 
ATOM   500  C CD2 . TYR A 1 63  ? 4.669   -2.523  19.458  1.00 52.80 ? 425 TYR A CD2 1 
ATOM   501  C CE1 . TYR A 1 63  ? 6.804   -3.465  20.924  1.00 54.54 ? 425 TYR A CE1 1 
ATOM   502  C CE2 . TYR A 1 63  ? 4.688   -2.358  20.830  1.00 58.19 ? 425 TYR A CE2 1 
ATOM   503  C CZ  . TYR A 1 63  ? 5.757   -2.830  21.558  1.00 57.13 ? 425 TYR A CZ  1 
ATOM   504  O OH  . TYR A 1 63  ? 5.776   -2.669  22.924  1.00 64.60 ? 425 TYR A OH  1 
ATOM   505  N N   . ASP A 1 64  ? 7.235   -3.778  14.665  1.00 42.12 ? 426 ASP A N   1 
ATOM   506  C CA  . ASP A 1 64  ? 7.198   -4.195  13.278  1.00 41.08 ? 426 ASP A CA  1 
ATOM   507  C C   . ASP A 1 64  ? 5.824   -4.790  12.999  1.00 38.46 ? 426 ASP A C   1 
ATOM   508  O O   . ASP A 1 64  ? 5.013   -4.948  13.913  1.00 35.25 ? 426 ASP A O   1 
ATOM   509  C CB  . ASP A 1 64  ? 8.322   -5.204  12.992  1.00 39.66 ? 426 ASP A CB  1 
ATOM   510  C CG  . ASP A 1 64  ? 8.119   -6.538  13.695  1.00 41.34 ? 426 ASP A CG  1 
ATOM   511  O OD1 . ASP A 1 64  ? 7.272   -6.619  14.606  1.00 41.09 ? 426 ASP A OD1 1 
ATOM   512  O OD2 . ASP A 1 64  ? 8.813   -7.508  13.329  1.00 42.13 ? 426 ASP A OD2 1 
ATOM   513  N N   . ILE A 1 65  ? 5.561   -5.114  11.741  1.00 37.85 ? 427 ILE A N   1 
ATOM   514  C CA  . ILE A 1 65  ? 4.349   -5.829  11.392  1.00 37.25 ? 427 ILE A CA  1 
ATOM   515  C C   . ILE A 1 65  ? 4.559   -6.540  10.063  1.00 34.49 ? 427 ILE A C   1 
ATOM   516  O O   . ILE A 1 65  ? 5.383   -6.126  9.245   1.00 33.30 ? 427 ILE A O   1 
ATOM   517  C CB  . ILE A 1 65  ? 3.126   -4.890  11.325  1.00 36.10 ? 427 ILE A CB  1 
ATOM   518  C CG1 . ILE A 1 65  ? 1.836   -5.692  11.529  1.00 37.17 ? 427 ILE A CG1 1 
ATOM   519  C CG2 . ILE A 1 65  ? 3.108   -4.125  10.012  1.00 33.68 ? 427 ILE A CG2 1 
ATOM   520  C CD1 . ILE A 1 65  ? 0.598   -4.836  11.701  1.00 38.54 ? 427 ILE A CD1 1 
ATOM   521  N N   . GLY A 1 66  ? 3.824   -7.625  9.860   1.00 37.34 ? 428 GLY A N   1 
ATOM   522  C CA  . GLY A 1 66  ? 3.874   -8.341  8.603   1.00 28.77 ? 428 GLY A CA  1 
ATOM   523  C C   . GLY A 1 66  ? 3.172   -7.556  7.513   1.00 29.53 ? 428 GLY A C   1 
ATOM   524  O O   . GLY A 1 66  ? 2.110   -6.980  7.741   1.00 31.78 ? 428 GLY A O   1 
ATOM   525  N N   . PHE A 1 67  ? 3.779   -7.514  6.333   1.00 36.33 ? 429 PHE A N   1 
ATOM   526  C CA  . PHE A 1 67  ? 3.164   -6.855  5.184   1.00 37.65 ? 429 PHE A CA  1 
ATOM   527  C C   . PHE A 1 67  ? 3.319   -7.694  3.930   1.00 37.03 ? 429 PHE A C   1 
ATOM   528  O O   . PHE A 1 67  ? 4.414   -8.146  3.604   1.00 37.04 ? 429 PHE A O   1 
ATOM   529  C CB  . PHE A 1 67  ? 3.770   -5.472  4.943   1.00 30.15 ? 429 PHE A CB  1 
ATOM   530  C CG  . PHE A 1 67  ? 3.194   -4.764  3.745   1.00 34.29 ? 429 PHE A CG  1 
ATOM   531  C CD1 . PHE A 1 67  ? 1.929   -4.197  3.797   1.00 34.59 ? 429 PHE A CD1 1 
ATOM   532  C CD2 . PHE A 1 67  ? 3.915   -4.675  2.564   1.00 38.01 ? 429 PHE A CD2 1 
ATOM   533  C CE1 . PHE A 1 67  ? 1.396   -3.551  2.699   1.00 33.85 ? 429 PHE A CE1 1 
ATOM   534  C CE2 . PHE A 1 67  ? 3.385   -4.025  1.462   1.00 35.65 ? 429 PHE A CE2 1 
ATOM   535  C CZ  . PHE A 1 67  ? 2.124   -3.464  1.531   1.00 30.12 ? 429 PHE A CZ  1 
ATOM   536  N N   . GLY A 1 68  ? 2.207   -7.891  3.231   1.00 38.57 ? 430 GLY A N   1 
ATOM   537  C CA  . GLY A 1 68  ? 2.208   -8.554  1.941   1.00 40.38 ? 430 GLY A CA  1 
ATOM   538  C C   . GLY A 1 68  ? 1.118   -7.988  1.062   1.00 34.02 ? 430 GLY A C   1 
ATOM   539  O O   . GLY A 1 68  ? 0.180   -7.358  1.549   1.00 30.34 ? 430 GLY A O   1 
ATOM   540  N N   . VAL A 1 69  ? 1.245   -8.228  -0.238  1.00 32.67 ? 431 VAL A N   1 
ATOM   541  C CA  . VAL A 1 69  ? 0.291   -7.734  -1.217  1.00 32.45 ? 431 VAL A CA  1 
ATOM   542  C C   . VAL A 1 69  ? -0.140  -8.870  -2.113  1.00 35.92 ? 431 VAL A C   1 
ATOM   543  O O   . VAL A 1 69  ? 0.693   -9.642  -2.588  1.00 41.47 ? 431 VAL A O   1 
ATOM   544  C CB  . VAL A 1 69  ? 0.886   -6.606  -2.074  1.00 30.90 ? 431 VAL A CB  1 
ATOM   545  C CG1 . VAL A 1 69  ? -0.137  -6.105  -3.081  1.00 30.57 ? 431 VAL A CG1 1 
ATOM   546  C CG2 . VAL A 1 69  ? 1.375   -5.469  -1.187  1.00 33.66 ? 431 VAL A CG2 1 
ATOM   547  N N   . TYR A 1 70  ? -1.447  -8.968  -2.323  1.00 29.67 ? 432 TYR A N   1 
ATOM   548  C CA  . TYR A 1 70  ? -2.035  -9.997  -3.165  1.00 37.98 ? 432 TYR A CA  1 
ATOM   549  C C   . TYR A 1 70  ? -2.991  -9.338  -4.146  1.00 39.11 ? 432 TYR A C   1 
ATOM   550  O O   . TYR A 1 70  ? -3.497  -8.243  -3.886  1.00 37.99 ? 432 TYR A O   1 
ATOM   551  C CB  . TYR A 1 70  ? -2.755  -11.037 -2.304  1.00 36.81 ? 432 TYR A CB  1 
ATOM   552  C CG  . TYR A 1 70  ? -1.926  -11.498 -1.123  1.00 38.96 ? 432 TYR A CG  1 
ATOM   553  C CD1 . TYR A 1 70  ? -1.231  -12.693 -1.167  1.00 42.37 ? 432 TYR A CD1 1 
ATOM   554  C CD2 . TYR A 1 70  ? -1.822  -10.721 0.027   1.00 44.00 ? 432 TYR A CD2 1 
ATOM   555  C CE1 . TYR A 1 70  ? -0.464  -13.109 -0.103  1.00 42.70 ? 432 TYR A CE1 1 
ATOM   556  C CE2 . TYR A 1 70  ? -1.055  -11.126 1.096   1.00 43.17 ? 432 TYR A CE2 1 
ATOM   557  C CZ  . TYR A 1 70  ? -0.377  -12.322 1.028   1.00 48.03 ? 432 TYR A CZ  1 
ATOM   558  O OH  . TYR A 1 70  ? 0.392   -12.729 2.092   1.00 55.67 ? 432 TYR A OH  1 
ATOM   559  N N   . PHE A 1 71  ? -3.225  -9.992  -5.279  1.00 40.58 ? 433 PHE A N   1 
ATOM   560  C CA  . PHE A 1 71  ? -4.130  -9.458  -6.288  1.00 37.90 ? 433 PHE A CA  1 
ATOM   561  C C   . PHE A 1 71  ? -5.263  -10.434 -6.560  1.00 40.66 ? 433 PHE A C   1 
ATOM   562  O O   . PHE A 1 71  ? -5.032  -11.594 -6.905  1.00 43.71 ? 433 PHE A O   1 
ATOM   563  C CB  . PHE A 1 71  ? -3.376  -9.147  -7.580  1.00 38.26 ? 433 PHE A CB  1 
ATOM   564  C CG  . PHE A 1 71  ? -4.198  -8.404  -8.593  1.00 39.25 ? 433 PHE A CG  1 
ATOM   565  C CD1 . PHE A 1 71  ? -4.342  -7.031  -8.507  1.00 41.28 ? 433 PHE A CD1 1 
ATOM   566  C CD2 . PHE A 1 71  ? -4.826  -9.076  -9.629  1.00 44.66 ? 433 PHE A CD2 1 
ATOM   567  C CE1 . PHE A 1 71  ? -5.095  -6.338  -9.434  1.00 41.98 ? 433 PHE A CE1 1 
ATOM   568  C CE2 . PHE A 1 71  ? -5.584  -8.388  -10.558 1.00 44.86 ? 433 PHE A CE2 1 
ATOM   569  C CZ  . PHE A 1 71  ? -5.717  -7.015  -10.461 1.00 45.08 ? 433 PHE A CZ  1 
ATOM   570  N N   . GLU A 1 72  ? -6.486  -9.945  -6.398  1.00 39.26 ? 434 GLU A N   1 
ATOM   571  C CA  . GLU A 1 72  ? -7.680  -10.758 -6.565  1.00 43.44 ? 434 GLU A CA  1 
ATOM   572  C C   . GLU A 1 72  ? -8.354  -10.439 -7.892  1.00 45.59 ? 434 GLU A C   1 
ATOM   573  O O   . GLU A 1 72  ? -8.733  -9.298  -8.152  1.00 43.47 ? 434 GLU A O   1 
ATOM   574  C CB  . GLU A 1 72  ? -8.644  -10.518 -5.404  1.00 43.59 ? 434 GLU A CB  1 
ATOM   575  C CG  . GLU A 1 72  ? -9.826  -11.472 -5.361  1.00 44.71 ? 434 GLU A CG  1 
ATOM   576  C CD  . GLU A 1 72  ? -10.784 -11.150 -4.235  1.00 44.79 ? 434 GLU A CD  1 
ATOM   577  O OE1 . GLU A 1 72  ? -10.664 -11.761 -3.152  1.00 46.80 ? 434 GLU A OE1 1 
ATOM   578  O OE2 . GLU A 1 72  ? -11.656 -10.279 -4.427  1.00 43.73 ? 434 GLU A OE2 1 
ATOM   579  N N   . TRP A 1 73  ? -8.494  -11.461 -8.729  1.00 48.64 ? 435 TRP A N   1 
ATOM   580  C CA  . TRP A 1 73  ? -9.068  -11.305 -10.059 1.00 50.57 ? 435 TRP A CA  1 
ATOM   581  C C   . TRP A 1 73  ? -10.595 -11.302 -10.017 1.00 54.90 ? 435 TRP A C   1 
ATOM   582  O O   . TRP A 1 73  ? -11.207 -12.236 -9.498  1.00 57.43 ? 435 TRP A O   1 
ATOM   583  C CB  . TRP A 1 73  ? -8.569  -12.426 -10.973 1.00 50.75 ? 435 TRP A CB  1 
ATOM   584  C CG  . TRP A 1 73  ? -7.105  -12.343 -11.277 1.00 48.27 ? 435 TRP A CG  1 
ATOM   585  C CD1 . TRP A 1 73  ? -6.090  -12.978 -10.617 1.00 46.89 ? 435 TRP A CD1 1 
ATOM   586  C CD2 . TRP A 1 73  ? -6.489  -11.579 -12.319 1.00 46.20 ? 435 TRP A CD2 1 
ATOM   587  N NE1 . TRP A 1 73  ? -4.881  -12.654 -11.187 1.00 49.19 ? 435 TRP A NE1 1 
ATOM   588  C CE2 . TRP A 1 73  ? -5.100  -11.794 -12.232 1.00 45.57 ? 435 TRP A CE2 1 
ATOM   589  C CE3 . TRP A 1 73  ? -6.978  -10.730 -13.315 1.00 49.87 ? 435 TRP A CE3 1 
ATOM   590  C CZ2 . TRP A 1 73  ? -4.197  -11.196 -13.106 1.00 51.62 ? 435 TRP A CZ2 1 
ATOM   591  C CZ3 . TRP A 1 73  ? -6.081  -10.139 -14.179 1.00 49.89 ? 435 TRP A CZ3 1 
ATOM   592  C CH2 . TRP A 1 73  ? -4.707  -10.375 -14.070 1.00 51.16 ? 435 TRP A CH2 1 
ATOM   593  N N   . THR A 1 74  ? -11.204 -10.253 -10.563 1.00 59.58 ? 436 THR A N   1 
ATOM   594  C CA  . THR A 1 74  ? -12.662 -10.174 -10.652 1.00 67.03 ? 436 THR A CA  1 
ATOM   595  C C   . THR A 1 74  ? -13.146 -10.791 -11.961 1.00 69.68 ? 436 THR A C   1 
ATOM   596  O O   . THR A 1 74  ? -14.043 -11.634 -11.967 1.00 75.45 ? 436 THR A O   1 
ATOM   597  C CB  . THR A 1 74  ? -13.179 -8.719  -10.566 1.00 69.73 ? 436 THR A CB  1 
ATOM   598  O OG1 . THR A 1 74  ? -12.473 -7.893  -11.500 1.00 64.06 ? 436 THR A OG1 1 
ATOM   599  C CG2 . THR A 1 74  ? -13.001 -8.159  -9.166  1.00 57.52 ? 436 THR A CG2 1 
ATOM   600  N N   . LYS A 1 111 ? -12.956 -18.864 -4.312  1.00 69.13 ? 473 LYS A N   1 
ATOM   601  C CA  . LYS A 1 111 ? -13.358 -18.989 -5.707  1.00 64.20 ? 473 LYS A CA  1 
ATOM   602  C C   . LYS A 1 111 ? -12.469 -18.154 -6.619  1.00 61.07 ? 473 LYS A C   1 
ATOM   603  O O   . LYS A 1 111 ? -11.825 -18.694 -7.521  1.00 65.81 ? 473 LYS A O   1 
ATOM   604  C CB  . LYS A 1 111 ? -14.822 -18.573 -5.880  1.00 64.05 ? 473 LYS A CB  1 
ATOM   605  N N   . PRO A 1 112 ? -12.417 -16.833 -6.386  1.00 60.14 ? 474 PRO A N   1 
ATOM   606  C CA  . PRO A 1 112 ? -11.671 -16.012 -7.341  1.00 55.22 ? 474 PRO A CA  1 
ATOM   607  C C   . PRO A 1 112 ? -10.168 -16.258 -7.237  1.00 52.32 ? 474 PRO A C   1 
ATOM   608  O O   . PRO A 1 112 ? -9.680  -16.546 -6.144  1.00 49.42 ? 474 PRO A O   1 
ATOM   609  C CB  . PRO A 1 112 ? -12.042 -14.586 -6.937  1.00 57.08 ? 474 PRO A CB  1 
ATOM   610  C CG  . PRO A 1 112 ? -12.308 -14.673 -5.475  1.00 57.53 ? 474 PRO A CG  1 
ATOM   611  C CD  . PRO A 1 112 ? -12.848 -16.057 -5.208  1.00 57.31 ? 474 PRO A CD  1 
ATOM   612  N N   . LEU A 1 113 ? -9.456  -16.163 -8.357  1.00 50.93 ? 475 LEU A N   1 
ATOM   613  C CA  . LEU A 1 113 ? -8.025  -16.443 -8.375  1.00 48.87 ? 475 LEU A CA  1 
ATOM   614  C C   . LEU A 1 113 ? -7.252  -15.380 -7.599  1.00 47.96 ? 475 LEU A C   1 
ATOM   615  O O   . LEU A 1 113 ? -7.574  -14.194 -7.672  1.00 47.50 ? 475 LEU A O   1 
ATOM   616  C CB  . LEU A 1 113 ? -7.494  -16.512 -9.811  1.00 45.67 ? 475 LEU A CB  1 
ATOM   617  C CG  . LEU A 1 113 ? -7.816  -17.727 -10.688 1.00 54.55 ? 475 LEU A CG  1 
ATOM   618  C CD1 . LEU A 1 113 ? -7.295  -17.456 -12.088 1.00 57.82 ? 475 LEU A CD1 1 
ATOM   619  C CD2 . LEU A 1 113 ? -7.215  -19.022 -10.149 1.00 47.41 ? 475 LEU A CD2 1 
ATOM   620  N N   . LEU A 1 114 ? -6.229  -15.818 -6.868  1.00 47.39 ? 476 LEU A N   1 
ATOM   621  C CA  . LEU A 1 114 ? -5.416  -14.931 -6.042  1.00 47.84 ? 476 LEU A CA  1 
ATOM   622  C C   . LEU A 1 114 ? -3.934  -15.088 -6.377  1.00 50.00 ? 476 LEU A C   1 
ATOM   623  O O   . LEU A 1 114 ? -3.395  -16.194 -6.321  1.00 49.29 ? 476 LEU A O   1 
ATOM   624  C CB  . LEU A 1 114 ? -5.657  -15.228 -4.556  1.00 48.94 ? 476 LEU A CB  1 
ATOM   625  C CG  . LEU A 1 114 ? -5.575  -14.049 -3.581  1.00 52.42 ? 476 LEU A CG  1 
ATOM   626  C CD1 . LEU A 1 114 ? -6.706  -13.067 -3.844  1.00 47.00 ? 476 LEU A CD1 1 
ATOM   627  C CD2 . LEU A 1 114 ? -5.608  -14.533 -2.136  1.00 49.36 ? 476 LEU A CD2 1 
ATOM   628  N N   . ASP A 1 115 ? -3.272  -13.991 -6.695  1.00 47.41 ? 477 ASP A N   1 
ATOM   629  C CA  . ASP A 1 115 ? -1.857  -13.986 -6.992  1.00 44.32 ? 477 ASP A CA  1 
ATOM   630  C C   . ASP A 1 115 ? -1.032  -13.340 -5.905  1.00 49.05 ? 477 ASP A C   1 
ATOM   631  O O   . ASP A 1 115 ? -1.414  -12.329 -5.392  1.00 47.19 ? 477 ASP A O   1 
ATOM   632  C CB  . ASP A 1 115 ? -1.630  -13.243 -8.273  1.00 46.26 ? 477 ASP A CB  1 
ATOM   633  C CG  . ASP A 1 115 ? -1.814  -14.105 -9.460  1.00 52.05 ? 477 ASP A CG  1 
ATOM   634  O OD1 . ASP A 1 115 ? -1.327  -15.224 -9.441  1.00 51.32 ? 477 ASP A OD1 1 
ATOM   635  O OD2 . ASP A 1 115 ? -2.463  -13.675 -10.398 1.00 54.70 ? 477 ASP A OD2 1 
ATOM   636  N N   . GLU A 1 116 ? 0.104   -13.927 -5.568  1.00 46.54 ? 478 GLU A N   1 
ATOM   637  C CA  . GLU A 1 116 ? 0.999   -13.374 -4.569  1.00 44.86 ? 478 GLU A CA  1 
ATOM   638  C C   . GLU A 1 116 ? 1.906   -12.347 -5.216  1.00 44.93 ? 478 GLU A C   1 
ATOM   639  O O   . GLU A 1 116 ? 2.651   -12.662 -6.098  1.00 40.40 ? 478 GLU A O   1 
ATOM   640  C CB  . GLU A 1 116 ? 1.818   -14.488 -3.934  1.00 44.83 ? 478 GLU A CB  1 
ATOM   641  C CG  . GLU A 1 116 ? 2.810   -14.081 -2.881  1.00 45.68 ? 478 GLU A CG  1 
ATOM   642  C CD  . GLU A 1 116 ? 3.331   -15.235 -2.062  1.00 52.67 ? 478 GLU A CD  1 
ATOM   643  O OE1 . GLU A 1 116 ? 3.809   -16.195 -2.632  1.00 56.01 ? 478 GLU A OE1 1 
ATOM   644  O OE2 . GLU A 1 116 ? 3.264   -15.186 -0.842  1.00 48.99 ? 478 GLU A OE2 1 
ATOM   645  N N   . ILE A 1 117 ? 1.763   -11.082 -4.817  1.00 40.09 ? 479 ILE A N   1 
ATOM   646  C CA  . ILE A 1 117 ? 2.572   -10.009 -5.398  1.00 39.22 ? 479 ILE A CA  1 
ATOM   647  C C   . ILE A 1 117 ? 3.752   -9.607  -4.514  1.00 42.34 ? 479 ILE A C   1 
ATOM   648  O O   . ILE A 1 117 ? 4.891   -9.547  -4.978  1.00 46.52 ? 479 ILE A O   1 
ATOM   649  C CB  . ILE A 1 117 ? 1.717   -8.755  -5.667  1.00 42.77 ? 479 ILE A CB  1 
ATOM   650  C CG1 . ILE A 1 117 ? 0.441   -9.135  -6.420  1.00 37.53 ? 479 ILE A CG1 1 
ATOM   651  C CG2 . ILE A 1 117 ? 2.515   -7.730  -6.457  1.00 38.10 ? 479 ILE A CG2 1 
ATOM   652  C CD1 . ILE A 1 117 ? 0.673   -9.471  -7.877  1.00 42.50 ? 479 ILE A CD1 1 
ATOM   653  N N   . VAL A 1 118 ? 3.480   -9.348  -3.237  1.00 38.39 ? 480 VAL A N   1 
ATOM   654  C CA  . VAL A 1 118 ? 4.506   -9.173  -2.278  1.00 38.20 ? 480 VAL A CA  1 
ATOM   655  C C   . VAL A 1 118 ? 4.291   -10.191 -1.206  1.00 38.76 ? 480 VAL A C   1 
ATOM   656  O O   . VAL A 1 118 ? 3.314   -10.165 -0.516  1.00 42.05 ? 480 VAL A O   1 
ATOM   657  C CB  . VAL A 1 118 ? 4.493   -7.781  -1.676  1.00 38.48 ? 480 VAL A CB  1 
ATOM   658  C CG1 . VAL A 1 118 ? 5.496   -7.681  -0.583  1.00 41.75 ? 480 VAL A CG1 1 
ATOM   659  C CG2 . VAL A 1 118 ? 4.810   -6.763  -2.713  1.00 36.66 ? 480 VAL A CG2 1 
ATOM   660  N N   . PRO A 1 119 ? 5.228   -11.124 -1.073  1.00 43.43 ? 481 PRO A N   1 
ATOM   661  C CA  . PRO A 1 119 ? 5.090   -12.180 -0.064  1.00 39.89 ? 481 PRO A CA  1 
ATOM   662  C C   . PRO A 1 119 ? 5.086   -11.582 1.336   1.00 41.12 ? 481 PRO A C   1 
ATOM   663  O O   . PRO A 1 119 ? 5.848   -10.649 1.592   1.00 37.80 ? 481 PRO A O   1 
ATOM   664  C CB  . PRO A 1 119 ? 6.338   -13.036 -0.281  1.00 39.80 ? 481 PRO A CB  1 
ATOM   665  C CG  . PRO A 1 119 ? 6.687   -12.836 -1.716  1.00 45.40 ? 481 PRO A CG  1 
ATOM   666  C CD  . PRO A 1 119 ? 6.278   -11.432 -2.059  1.00 39.18 ? 481 PRO A CD  1 
ATOM   667  N N   . VAL A 1 120 ? 4.243   -12.095 2.226   1.00 33.66 ? 482 VAL A N   1 
ATOM   668  C CA  . VAL A 1 120 ? 4.133   -11.502 3.554   1.00 40.30 ? 482 VAL A CA  1 
ATOM   669  C C   . VAL A 1 120 ? 5.449   -11.671 4.310   1.00 43.20 ? 482 VAL A C   1 
ATOM   670  O O   . VAL A 1 120 ? 5.995   -12.769 4.415   1.00 39.21 ? 482 VAL A O   1 
ATOM   671  C CB  . VAL A 1 120 ? 2.957   -12.100 4.374   1.00 38.49 ? 482 VAL A CB  1 
ATOM   672  C CG1 . VAL A 1 120 ? 3.210   -13.557 4.748   1.00 45.99 ? 482 VAL A CG1 1 
ATOM   673  C CG2 . VAL A 1 120 ? 2.709   -11.265 5.625   1.00 35.61 ? 482 VAL A CG2 1 
ATOM   674  N N   . TYR A 1 121 ? 5.966   -10.554 4.801   1.00 35.50 ? 483 TYR A N   1 
ATOM   675  C CA  . TYR A 1 121 ? 7.185   -10.549 5.594   1.00 44.34 ? 483 TYR A CA  1 
ATOM   676  C C   . TYR A 1 121 ? 7.140   -9.394  6.572   1.00 42.50 ? 483 TYR A C   1 
ATOM   677  O O   . TYR A 1 121 ? 6.587   -8.337  6.270   1.00 41.03 ? 483 TYR A O   1 
ATOM   678  C CB  . TYR A 1 121 ? 8.425   -10.433 4.705   1.00 45.80 ? 483 TYR A CB  1 
ATOM   679  C CG  . TYR A 1 121 ? 9.688   -10.915 5.378   1.00 58.02 ? 483 TYR A CG  1 
ATOM   680  C CD1 . TYR A 1 121 ? 9.988   -12.271 5.435   1.00 61.01 ? 483 TYR A CD1 1 
ATOM   681  C CD2 . TYR A 1 121 ? 10.578  -10.017 5.963   1.00 54.19 ? 483 TYR A CD2 1 
ATOM   682  C CE1 . TYR A 1 121 ? 11.138  -12.725 6.055   1.00 67.07 ? 483 TYR A CE1 1 
ATOM   683  C CE2 . TYR A 1 121 ? 11.731  -10.459 6.584   1.00 61.37 ? 483 TYR A CE2 1 
ATOM   684  C CZ  . TYR A 1 121 ? 12.005  -11.814 6.627   1.00 68.57 ? 483 TYR A CZ  1 
ATOM   685  O OH  . TYR A 1 121 ? 13.149  -12.260 7.241   1.00 73.36 ? 483 TYR A OH  1 
ATOM   686  N N   . ARG A 1 122 ? 7.733   -9.596  7.740   1.00 40.43 ? 484 ARG A N   1 
ATOM   687  C CA  . ARG A 1 122 ? 7.798   -8.551  8.751   1.00 41.78 ? 484 ARG A CA  1 
ATOM   688  C C   . ARG A 1 122 ? 8.744   -7.436  8.316   1.00 40.78 ? 484 ARG A C   1 
ATOM   689  O O   . ARG A 1 122 ? 9.820   -7.690  7.777   1.00 46.29 ? 484 ARG A O   1 
ATOM   690  C CB  . ARG A 1 122 ? 8.230   -9.147  10.089  1.00 44.02 ? 484 ARG A CB  1 
ATOM   691  C CG  . ARG A 1 122 ? 7.189   -10.092 10.667  1.00 42.09 ? 484 ARG A CG  1 
ATOM   692  C CD  . ARG A 1 122 ? 7.726   -10.941 11.807  1.00 42.98 ? 484 ARG A CD  1 
ATOM   693  N NE  . ARG A 1 122 ? 8.222   -10.142 12.922  1.00 42.49 ? 484 ARG A NE  1 
ATOM   694  C CZ  . ARG A 1 122 ? 8.549   -10.646 14.109  1.00 45.42 ? 484 ARG A CZ  1 
ATOM   695  N NH1 . ARG A 1 122 ? 8.427   -11.947 14.339  1.00 37.72 ? 484 ARG A NH1 1 
ATOM   696  N NH2 . ARG A 1 122 ? 8.997   -9.851  15.073  1.00 46.70 ? 484 ARG A NH2 1 
ATOM   697  N N   . ARG A 1 123 ? 8.312   -6.200  8.546   1.00 38.82 ? 485 ARG A N   1 
ATOM   698  C CA  . ARG A 1 123 ? 9.052   -5.009  8.149   1.00 37.93 ? 485 ARG A CA  1 
ATOM   699  C C   . ARG A 1 123 ? 9.220   -4.138  9.368   1.00 41.64 ? 485 ARG A C   1 
ATOM   700  O O   . ARG A 1 123 ? 8.306   -4.073  10.185  1.00 45.29 ? 485 ARG A O   1 
ATOM   701  C CB  . ARG A 1 123 ? 8.301   -4.215  7.081   1.00 36.87 ? 485 ARG A CB  1 
ATOM   702  C CG  . ARG A 1 123 ? 7.576   -5.032  6.043   1.00 36.63 ? 485 ARG A CG  1 
ATOM   703  C CD  . ARG A 1 123 ? 8.490   -5.694  5.041   1.00 44.34 ? 485 ARG A CD  1 
ATOM   704  N NE  . ARG A 1 123 ? 7.675   -6.536  4.175   1.00 51.30 ? 485 ARG A NE  1 
ATOM   705  C CZ  . ARG A 1 123 ? 8.089   -7.126  3.060   1.00 49.89 ? 485 ARG A CZ  1 
ATOM   706  N NH1 . ARG A 1 123 ? 9.339   -6.984  2.634   1.00 42.09 ? 485 ARG A NH1 1 
ATOM   707  N NH2 . ARG A 1 123 ? 7.234   -7.867  2.368   1.00 47.51 ? 485 ARG A NH2 1 
ATOM   708  N N   . ASP A 1 124 ? 10.318  -3.398  9.469   1.00 45.10 ? 486 ASP A N   1 
ATOM   709  C CA  . ASP A 1 124 ? 10.404  -2.460  10.566  1.00 49.11 ? 486 ASP A CA  1 
ATOM   710  C C   . ASP A 1 124 ? 9.937   -1.155  9.979   1.00 48.50 ? 486 ASP A C   1 
ATOM   711  O O   . ASP A 1 124 ? 10.731  -0.337  9.528   1.00 50.59 ? 486 ASP A O   1 
ATOM   712  C CB  . ASP A 1 124 ? 11.840  -2.352  11.091  1.00 49.61 ? 486 ASP A CB  1 
ATOM   713  C CG  . ASP A 1 124 ? 12.359  -3.664  11.657  1.00 47.63 ? 486 ASP A CG  1 
ATOM   714  O OD1 . ASP A 1 124 ? 11.610  -4.335  12.395  1.00 53.07 ? 486 ASP A OD1 1 
ATOM   715  O OD2 . ASP A 1 124 ? 13.514  -4.028  11.352  1.00 47.12 ? 486 ASP A OD2 1 
ATOM   716  N N   . CYS A 1 125 ? 8.633   -0.943  10.085  1.00 47.70 ? 487 CYS A N   1 
ATOM   717  C CA  . CYS A 1 125 ? 7.990   0.255   9.572   1.00 46.84 ? 487 CYS A CA  1 
ATOM   718  C C   . CYS A 1 125 ? 7.688   1.202   10.724  1.00 44.53 ? 487 CYS A C   1 
ATOM   719  O O   . CYS A 1 125 ? 7.073   2.249   10.535  1.00 45.80 ? 487 CYS A O   1 
ATOM   720  C CB  . CYS A 1 125 ? 6.739   -0.104  8.763   1.00 42.77 ? 487 CYS A CB  1 
ATOM   721  S SG  . CYS A 1 125 ? 5.600   -1.259  9.537   1.00 39.26 ? 487 CYS A SG  1 
ATOM   722  N N   . HIS A 1 126 ? 8.091   0.794   11.924  1.00 45.78 ? 488 HIS A N   1 
ATOM   723  C CA  . HIS A 1 126 ? 8.126   1.693   13.072  1.00 48.49 ? 488 HIS A CA  1 
ATOM   724  C C   . HIS A 1 126 ? 9.373   2.574   13.011  1.00 46.01 ? 488 HIS A C   1 
ATOM   725  O O   . HIS A 1 126 ? 9.384   3.680   13.548  1.00 53.03 ? 488 HIS A O   1 
ATOM   726  C CB  . HIS A 1 126 ? 8.060   0.913   14.404  1.00 47.62 ? 488 HIS A CB  1 
ATOM   727  C CG  . HIS A 1 126 ? 9.121   -0.134  14.579  1.00 48.11 ? 488 HIS A CG  1 
ATOM   728  N ND1 . HIS A 1 126 ? 9.487   -1.019  13.586  1.00 44.60 ? 488 HIS A ND1 1 
ATOM   729  C CD2 . HIS A 1 126 ? 9.874   -0.457  15.659  1.00 51.06 ? 488 HIS A CD2 1 
ATOM   730  C CE1 . HIS A 1 126 ? 10.426  -1.828  14.041  1.00 48.69 ? 488 HIS A CE1 1 
ATOM   731  N NE2 . HIS A 1 126 ? 10.679  -1.508  15.297  1.00 45.35 ? 488 HIS A NE2 1 
ATOM   732  N N   . GLU A 1 127 ? 10.422  2.077   12.361  1.00 48.11 ? 489 GLU A N   1 
ATOM   733  C CA  . GLU A 1 127 ? 11.655  2.841   12.182  1.00 47.59 ? 489 GLU A CA  1 
ATOM   734  C C   . GLU A 1 127 ? 11.624  3.794   10.975  1.00 52.78 ? 489 GLU A C   1 
ATOM   735  O O   . GLU A 1 127 ? 12.097  4.927   11.069  1.00 52.30 ? 489 GLU A O   1 
ATOM   736  C CB  . GLU A 1 127 ? 12.834  1.877   12.072  1.00 49.91 ? 489 GLU A CB  1 
ATOM   737  C CG  . GLU A 1 127 ? 12.986  1.021   13.320  1.00 52.13 ? 489 GLU A CG  1 
ATOM   738  C CD  . GLU A 1 127 ? 14.171  0.083   13.262  1.00 54.68 ? 489 GLU A CD  1 
ATOM   739  O OE1 . GLU A 1 127 ? 14.736  -0.106  12.164  1.00 66.58 ? 489 GLU A OE1 1 
ATOM   740  O OE2 . GLU A 1 127 ? 14.539  -0.464  14.322  1.00 56.31 ? 489 GLU A OE2 1 
ATOM   741  N N   . GLU A 1 128 ? 11.075  3.330   9.851   1.00 49.16 ? 490 GLU A N   1 
ATOM   742  C CA  . GLU A 1 128 ? 10.974  4.141   8.629   1.00 48.44 ? 490 GLU A CA  1 
ATOM   743  C C   . GLU A 1 128 ? 9.623   3.944   7.954   1.00 47.31 ? 490 GLU A C   1 
ATOM   744  O O   . GLU A 1 128 ? 8.904   2.998   8.262   1.00 46.38 ? 490 GLU A O   1 
ATOM   745  C CB  . GLU A 1 128 ? 12.078  3.783   7.626   1.00 47.72 ? 490 GLU A CB  1 
ATOM   746  C CG  . GLU A 1 128 ? 13.504  4.101   8.055   1.00 53.85 ? 490 GLU A CG  1 
ATOM   747  C CD  . GLU A 1 128 ? 14.524  3.706   7.000   1.00 57.76 ? 490 GLU A CD  1 
ATOM   748  O OE1 . GLU A 1 128 ? 14.452  2.564   6.499   1.00 57.06 ? 490 GLU A OE1 1 
ATOM   749  O OE2 . GLU A 1 128 ? 15.393  4.539   6.665   1.00 60.37 ? 490 GLU A OE2 1 
ATOM   750  N N   . VAL A 1 129 ? 9.289   4.835   7.025   1.00 43.33 ? 491 VAL A N   1 
ATOM   751  C CA  . VAL A 1 129 ? 8.113   4.656   6.186   1.00 39.13 ? 491 VAL A CA  1 
ATOM   752  C C   . VAL A 1 129 ? 8.418   3.650   5.096   1.00 42.24 ? 491 VAL A C   1 
ATOM   753  O O   . VAL A 1 129 ? 9.395   3.802   4.367   1.00 39.81 ? 491 VAL A O   1 
ATOM   754  C CB  . VAL A 1 129 ? 7.659   5.968   5.523   1.00 41.94 ? 491 VAL A CB  1 
ATOM   755  C CG1 . VAL A 1 129 ? 6.366   5.742   4.749   1.00 36.37 ? 491 VAL A CG1 1 
ATOM   756  C CG2 . VAL A 1 129 ? 7.478   7.056   6.561   1.00 44.73 ? 491 VAL A CG2 1 
ATOM   757  N N   . TYR A 1 130 ? 7.585   2.620   4.992   1.00 40.50 ? 492 TYR A N   1 
ATOM   758  C CA  . TYR A 1 130 ? 7.704   1.650   3.913   1.00 39.15 ? 492 TYR A CA  1 
ATOM   759  C C   . TYR A 1 130 ? 6.736   1.987   2.803   1.00 39.85 ? 492 TYR A C   1 
ATOM   760  O O   . TYR A 1 130 ? 5.557   2.238   3.044   1.00 43.16 ? 492 TYR A O   1 
ATOM   761  C CB  . TYR A 1 130 ? 7.467   0.232   4.430   1.00 38.50 ? 492 TYR A CB  1 
ATOM   762  C CG  . TYR A 1 130 ? 8.706   -0.351  5.046   1.00 41.12 ? 492 TYR A CG  1 
ATOM   763  C CD1 . TYR A 1 130 ? 9.270   0.229   6.167   1.00 43.75 ? 492 TYR A CD1 1 
ATOM   764  C CD2 . TYR A 1 130 ? 9.326   -1.467  4.497   1.00 42.22 ? 492 TYR A CD2 1 
ATOM   765  C CE1 . TYR A 1 130 ? 10.409  -0.281  6.728   1.00 43.57 ? 492 TYR A CE1 1 
ATOM   766  C CE2 . TYR A 1 130 ? 10.471  -1.991  5.061   1.00 43.72 ? 492 TYR A CE2 1 
ATOM   767  C CZ  . TYR A 1 130 ? 11.007  -1.391  6.179   1.00 44.55 ? 492 TYR A CZ  1 
ATOM   768  O OH  . TYR A 1 130 ? 12.146  -1.896  6.758   1.00 50.88 ? 492 TYR A OH  1 
ATOM   769  N N   . ALA A 1 131 ? 7.266   2.008   1.588   1.00 36.12 ? 493 ALA A N   1 
ATOM   770  C CA  . ALA A 1 131 ? 6.498   2.340   0.403   1.00 40.50 ? 493 ALA A CA  1 
ATOM   771  C C   . ALA A 1 131 ? 6.798   1.343   -0.698  1.00 35.14 ? 493 ALA A C   1 
ATOM   772  O O   . ALA A 1 131 ? 7.827   0.673   -0.673  1.00 35.92 ? 493 ALA A O   1 
ATOM   773  C CB  . ALA A 1 131 ? 6.816   3.753   -0.063  1.00 36.21 ? 493 ALA A CB  1 
ATOM   774  N N   . GLY A 1 132 ? 5.889   1.246   -1.659  1.00 32.65 ? 494 GLY A N   1 
ATOM   775  C CA  . GLY A 1 132 ? 6.092   0.386   -2.810  1.00 32.67 ? 494 GLY A CA  1 
ATOM   776  C C   . GLY A 1 132 ? 5.090   0.679   -3.899  1.00 36.39 ? 494 GLY A C   1 
ATOM   777  O O   . GLY A 1 132 ? 4.254   1.573   -3.766  1.00 35.79 ? 494 GLY A O   1 
ATOM   778  N N   . SER A 1 133 ? 5.179   -0.077  -4.988  1.00 33.14 ? 495 SER A N   1 
ATOM   779  C CA  . SER A 1 133 ? 4.221   0.046   -6.075  1.00 39.26 ? 495 SER A CA  1 
ATOM   780  C C   . SER A 1 133 ? 4.137   -1.238  -6.888  1.00 41.64 ? 495 SER A C   1 
ATOM   781  O O   . SER A 1 133 ? 5.040   -2.075  -6.850  1.00 39.94 ? 495 SER A O   1 
ATOM   782  C CB  . SER A 1 133 ? 4.593   1.213   -6.990  1.00 40.85 ? 495 SER A CB  1 
ATOM   783  O OG  . SER A 1 133 ? 5.767   0.915   -7.717  1.00 41.49 ? 495 SER A OG  1 
ATOM   784  N N   . HIS A 1 134 ? 3.037   -1.391  -7.612  1.00 42.35 ? 496 HIS A N   1 
ATOM   785  C CA  . HIS A 1 134 ? 2.887   -2.502  -8.537  1.00 41.21 ? 496 HIS A CA  1 
ATOM   786  C C   . HIS A 1 134 ? 2.054   -2.081  -9.734  1.00 39.50 ? 496 HIS A C   1 
ATOM   787  O O   . HIS A 1 134 ? 1.072   -1.353  -9.593  1.00 37.89 ? 496 HIS A O   1 
ATOM   788  C CB  . HIS A 1 134 ? 2.239   -3.703  -7.853  1.00 41.53 ? 496 HIS A CB  1 
ATOM   789  C CG  . HIS A 1 134 ? 2.251   -4.943  -8.692  1.00 41.57 ? 496 HIS A CG  1 
ATOM   790  N ND1 . HIS A 1 134 ? 1.102   -5.507  -9.196  1.00 42.38 ? 496 HIS A ND1 1 
ATOM   791  C CD2 . HIS A 1 134 ? 3.277   -5.711  -9.127  1.00 45.03 ? 496 HIS A CD2 1 
ATOM   792  C CE1 . HIS A 1 134 ? 1.417   -6.581  -9.902  1.00 39.92 ? 496 HIS A CE1 1 
ATOM   793  N NE2 . HIS A 1 134 ? 2.728   -6.727  -9.873  1.00 42.85 ? 496 HIS A NE2 1 
ATOM   794  N N   . GLN A 1 135 ? 2.449   -2.558  -10.911 1.00 42.99 ? 497 GLN A N   1 
ATOM   795  C CA  . GLN A 1 135 ? 1.716   -2.309  -12.144 1.00 46.65 ? 497 GLN A CA  1 
ATOM   796  C C   . GLN A 1 135 ? 0.499   -3.225  -12.231 1.00 45.32 ? 497 GLN A C   1 
ATOM   797  O O   . GLN A 1 135 ? 0.599   -4.420  -11.947 1.00 47.21 ? 497 GLN A O   1 
ATOM   798  C CB  . GLN A 1 135 ? 2.641   -2.521  -13.348 1.00 47.04 ? 497 GLN A CB  1 
ATOM   799  C CG  . GLN A 1 135 ? 1.947   -2.593  -14.699 1.00 48.55 ? 497 GLN A CG  1 
ATOM   800  C CD  . GLN A 1 135 ? 2.918   -2.901  -15.822 1.00 55.15 ? 497 GLN A CD  1 
ATOM   801  O OE1 . GLN A 1 135 ? 4.070   -2.464  -15.801 1.00 58.07 ? 497 GLN A OE1 1 
ATOM   802  N NE2 . GLN A 1 135 ? 2.461   -3.667  -16.803 1.00 59.43 ? 497 GLN A NE2 1 
ATOM   803  N N   . TYR A 1 136 ? -0.646  -2.670  -12.622 1.00 49.45 ? 498 TYR A N   1 
ATOM   804  C CA  . TYR A 1 136 ? -1.860  -3.465  -12.788 1.00 44.60 ? 498 TYR A CA  1 
ATOM   805  C C   . TYR A 1 136 ? -1.644  -4.629  -13.763 1.00 47.37 ? 498 TYR A C   1 
ATOM   806  O O   . TYR A 1 136 ? -1.328  -4.397  -14.931 1.00 50.85 ? 498 TYR A O   1 
ATOM   807  C CB  . TYR A 1 136 ? -3.015  -2.615  -13.324 1.00 45.09 ? 498 TYR A CB  1 
ATOM   808  C CG  . TYR A 1 136 ? -3.621  -1.580  -12.395 1.00 46.93 ? 498 TYR A CG  1 
ATOM   809  C CD1 . TYR A 1 136 ? -3.189  -1.411  -11.084 1.00 44.45 ? 498 TYR A CD1 1 
ATOM   810  C CD2 . TYR A 1 136 ? -4.652  -0.774  -12.848 1.00 45.95 ? 498 TYR A CD2 1 
ATOM   811  C CE1 . TYR A 1 136 ? -3.775  -0.451  -10.260 1.00 47.09 ? 498 TYR A CE1 1 
ATOM   812  C CE2 . TYR A 1 136 ? -5.235  0.177   -12.042 1.00 47.84 ? 498 TYR A CE2 1 
ATOM   813  C CZ  . TYR A 1 136 ? -4.797  0.338   -10.752 1.00 46.58 ? 498 TYR A CZ  1 
ATOM   814  O OH  . TYR A 1 136 ? -5.394  1.293   -9.960  1.00 46.71 ? 498 TYR A OH  1 
ATOM   815  N N   . PRO A 1 137 ? -1.810  -5.881  -13.296 1.00 47.99 ? 499 PRO A N   1 
ATOM   816  C CA  . PRO A 1 137 ? -1.809  -7.026  -14.213 1.00 48.10 ? 499 PRO A CA  1 
ATOM   817  C C   . PRO A 1 137 ? -3.095  -7.102  -15.045 1.00 52.47 ? 499 PRO A C   1 
ATOM   818  O O   . PRO A 1 137 ? -3.150  -7.813  -16.050 1.00 59.52 ? 499 PRO A O   1 
ATOM   819  C CB  . PRO A 1 137 ? -1.686  -8.223  -13.270 1.00 46.75 ? 499 PRO A CB  1 
ATOM   820  C CG  . PRO A 1 137 ? -2.369  -7.779  -12.037 1.00 48.67 ? 499 PRO A CG  1 
ATOM   821  C CD  . PRO A 1 137 ? -2.114  -6.297  -11.914 1.00 41.63 ? 499 PRO A CD  1 
ATOM   822  N N   . GLY A 1 138 ? -4.118  -6.375  -14.607 1.00 47.24 ? 500 GLY A N   1 
ATOM   823  C CA  . GLY A 1 138 ? -5.448  -6.467  -15.185 1.00 45.13 ? 500 GLY A CA  1 
ATOM   824  C C   . GLY A 1 138 ? -6.456  -5.827  -14.251 1.00 50.79 ? 500 GLY A C   1 
ATOM   825  O O   . GLY A 1 138 ? -6.071  -5.083  -13.349 1.00 50.88 ? 500 GLY A O   1 
ATOM   826  N N   . ARG A 1 139 ? -7.740  -6.111  -14.458 1.00 53.74 ? 501 ARG A N   1 
ATOM   827  C CA  . ARG A 1 139 ? -8.783  -5.579  -13.584 1.00 52.46 ? 501 ARG A CA  1 
ATOM   828  C C   . ARG A 1 139 ? -9.015  -6.520  -12.408 1.00 53.15 ? 501 ARG A C   1 
ATOM   829  O O   . ARG A 1 139 ? -9.101  -7.739  -12.571 1.00 49.15 ? 501 ARG A O   1 
ATOM   830  C CB  . ARG A 1 139 ? -10.092 -5.361  -14.348 1.00 53.36 ? 501 ARG A CB  1 
ATOM   831  C CG  . ARG A 1 139 ? -11.196 -4.733  -13.499 1.00 59.50 ? 501 ARG A CG  1 
ATOM   832  C CD  . ARG A 1 139 ? -12.536 -4.715  -14.219 1.00 69.02 ? 501 ARG A CD  1 
ATOM   833  N NE  . ARG A 1 139 ? -12.599 -3.702  -15.271 1.00 74.95 ? 501 ARG A NE  1 
ATOM   834  C CZ  . ARG A 1 139 ? -12.313 -3.915  -16.554 1.00 73.37 ? 501 ARG A CZ  1 
ATOM   835  N NH1 . ARG A 1 139 ? -11.934 -5.117  -16.976 1.00 67.91 ? 501 ARG A NH1 1 
ATOM   836  N NH2 . ARG A 1 139 ? -12.406 -2.920  -17.425 1.00 76.66 ? 501 ARG A NH2 1 
ATOM   837  N N   . GLY A 1 140 ? -9.121  -5.939  -11.219 1.00 49.03 ? 502 GLY A N   1 
ATOM   838  C CA  . GLY A 1 140 ? -9.309  -6.711  -10.008 1.00 47.37 ? 502 GLY A CA  1 
ATOM   839  C C   . GLY A 1 140 ? -9.162  -5.868  -8.757  1.00 44.55 ? 502 GLY A C   1 
ATOM   840  O O   . GLY A 1 140 ? -9.341  -4.649  -8.794  1.00 46.83 ? 502 GLY A O   1 
ATOM   841  N N   . VAL A 1 141 ? -8.837  -6.531  -7.651  1.00 41.72 ? 503 VAL A N   1 
ATOM   842  C CA  . VAL A 1 141 ? -8.702  -5.880  -6.351  1.00 39.72 ? 503 VAL A CA  1 
ATOM   843  C C   . VAL A 1 141 ? -7.388  -6.284  -5.686  1.00 38.74 ? 503 VAL A C   1 
ATOM   844  O O   . VAL A 1 141 ? -7.101  -7.473  -5.540  1.00 38.82 ? 503 VAL A O   1 
ATOM   845  C CB  . VAL A 1 141 ? -9.874  -6.250  -5.411  1.00 40.72 ? 503 VAL A CB  1 
ATOM   846  C CG1 . VAL A 1 141 ? -9.792  -5.468  -4.106  1.00 40.93 ? 503 VAL A CG1 1 
ATOM   847  C CG2 . VAL A 1 141 ? -11.213 -6.008  -6.098  1.00 42.47 ? 503 VAL A CG2 1 
ATOM   848  N N   . TYR A 1 142 ? -6.587  -5.299  -5.289  1.00 37.14 ? 504 TYR A N   1 
ATOM   849  C CA  . TYR A 1 142 ? -5.400  -5.580  -4.486  1.00 35.37 ? 504 TYR A CA  1 
ATOM   850  C C   . TYR A 1 142 ? -5.810  -5.799  -3.038  1.00 37.21 ? 504 TYR A C   1 
ATOM   851  O O   . TYR A 1 142 ? -6.719  -5.135  -2.536  1.00 37.88 ? 504 TYR A O   1 
ATOM   852  C CB  . TYR A 1 142 ? -4.375  -4.444  -4.552  1.00 37.59 ? 504 TYR A CB  1 
ATOM   853  C CG  . TYR A 1 142 ? -3.554  -4.381  -5.818  1.00 37.40 ? 504 TYR A CG  1 
ATOM   854  C CD1 . TYR A 1 142 ? -2.351  -5.071  -5.924  1.00 38.03 ? 504 TYR A CD1 1 
ATOM   855  C CD2 . TYR A 1 142 ? -3.963  -3.608  -6.894  1.00 38.98 ? 504 TYR A CD2 1 
ATOM   856  C CE1 . TYR A 1 142 ? -1.591  -5.007  -7.078  1.00 39.51 ? 504 TYR A CE1 1 
ATOM   857  C CE2 . TYR A 1 142 ? -3.212  -3.534  -8.049  1.00 38.68 ? 504 TYR A CE2 1 
ATOM   858  C CZ  . TYR A 1 142 ? -2.026  -4.232  -8.135  1.00 40.38 ? 504 TYR A CZ  1 
ATOM   859  O OH  . TYR A 1 142 ? -1.287  -4.153  -9.292  1.00 47.26 ? 504 TYR A OH  1 
ATOM   860  N N   . LEU A 1 143 ? -5.139  -6.736  -2.376  1.00 33.01 ? 505 LEU A N   1 
ATOM   861  C CA  . LEU A 1 143 ? -5.292  -6.930  -0.942  1.00 36.42 ? 505 LEU A CA  1 
ATOM   862  C C   . LEU A 1 143 ? -3.990  -6.569  -0.236  1.00 34.87 ? 505 LEU A C   1 
ATOM   863  O O   . LEU A 1 143 ? -2.983  -7.258  -0.391  1.00 36.99 ? 505 LEU A O   1 
ATOM   864  C CB  . LEU A 1 143 ? -5.683  -8.377  -0.621  1.00 34.96 ? 505 LEU A CB  1 
ATOM   865  C CG  . LEU A 1 143 ? -6.804  -9.000  -1.456  1.00 38.38 ? 505 LEU A CG  1 
ATOM   866  C CD1 . LEU A 1 143 ? -7.062  -10.439 -1.020  1.00 41.80 ? 505 LEU A CD1 1 
ATOM   867  C CD2 . LEU A 1 143 ? -8.074  -8.177  -1.359  1.00 31.87 ? 505 LEU A CD2 1 
ATOM   868  N N   . LEU A 1 144 ? -4.007  -5.473  0.518   1.00 30.90 ? 506 LEU A N   1 
ATOM   869  C CA  . LEU A 1 144 ? -2.887  -5.144  1.392   1.00 31.64 ? 506 LEU A CA  1 
ATOM   870  C C   . LEU A 1 144 ? -3.144  -5.811  2.732   1.00 34.67 ? 506 LEU A C   1 
ATOM   871  O O   . LEU A 1 144 ? -4.129  -5.509  3.404   1.00 33.62 ? 506 LEU A O   1 
ATOM   872  C CB  . LEU A 1 144 ? -2.722  -3.630  1.569   1.00 35.20 ? 506 LEU A CB  1 
ATOM   873  C CG  . LEU A 1 144 ? -2.685  -2.738  0.323   1.00 34.02 ? 506 LEU A CG  1 
ATOM   874  C CD1 . LEU A 1 144 ? -2.251  -1.328  0.712   1.00 39.61 ? 506 LEU A CD1 1 
ATOM   875  C CD2 . LEU A 1 144 ? -1.766  -3.303  -0.747  1.00 33.89 ? 506 LEU A CD2 1 
ATOM   876  N N   . LYS A 1 145 ? -2.261  -6.729  3.112   1.00 35.57 ? 507 LYS A N   1 
ATOM   877  C CA  . LYS A 1 145 ? -2.443  -7.497  4.338   1.00 34.62 ? 507 LYS A CA  1 
ATOM   878  C C   . LYS A 1 145 ? -1.454  -7.043  5.391   1.00 32.54 ? 507 LYS A C   1 
ATOM   879  O O   . LYS A 1 145 ? -0.242  -7.093  5.183   1.00 32.61 ? 507 LYS A O   1 
ATOM   880  C CB  . LYS A 1 145 ? -2.290  -9.000  4.072   1.00 39.11 ? 507 LYS A CB  1 
ATOM   881  C CG  . LYS A 1 145 ? -3.482  -9.620  3.338   1.00 43.30 ? 507 LYS A CG  1 
ATOM   882  C CD  . LYS A 1 145 ? -3.748  -11.070 3.755   1.00 47.06 ? 507 LYS A CD  1 
ATOM   883  C CE  . LYS A 1 145 ? -5.101  -11.550 3.233   1.00 53.83 ? 507 LYS A CE  1 
ATOM   884  N NZ  . LYS A 1 145 ? -5.466  -12.926 3.679   1.00 64.67 ? 507 LYS A NZ  1 
ATOM   885  N N   . PHE A 1 146 ? -1.992  -6.580  6.515   1.00 32.59 ? 508 PHE A N   1 
ATOM   886  C CA  . PHE A 1 146 ? -1.183  -6.218  7.662   1.00 33.50 ? 508 PHE A CA  1 
ATOM   887  C C   . PHE A 1 146 ? -1.329  -7.328  8.697   1.00 33.09 ? 508 PHE A C   1 
ATOM   888  O O   . PHE A 1 146 ? -2.361  -7.455  9.354   1.00 37.63 ? 508 PHE A O   1 
ATOM   889  C CB  . PHE A 1 146 ? -1.610  -4.853  8.204   1.00 36.82 ? 508 PHE A CB  1 
ATOM   890  C CG  . PHE A 1 146 ? -1.412  -3.734  7.219   1.00 33.65 ? 508 PHE A CG  1 
ATOM   891  C CD1 . PHE A 1 146 ? -0.140  -3.254  6.954   1.00 35.07 ? 508 PHE A CD1 1 
ATOM   892  C CD2 . PHE A 1 146 ? -2.489  -3.171  6.552   1.00 34.80 ? 508 PHE A CD2 1 
ATOM   893  C CE1 . PHE A 1 146 ? 0.060   -2.236  6.045   1.00 34.77 ? 508 PHE A CE1 1 
ATOM   894  C CE2 . PHE A 1 146 ? -2.297  -2.151  5.636   1.00 32.86 ? 508 PHE A CE2 1 
ATOM   895  C CZ  . PHE A 1 146 ? -1.022  -1.681  5.383   1.00 33.52 ? 508 PHE A CZ  1 
ATOM   896  N N   . ASP A 1 147 ? -0.265  -8.116  8.834   1.00 31.91 ? 509 ASP A N   1 
ATOM   897  C CA  . ASP A 1 147 ? -0.325  -9.402  9.520   1.00 33.91 ? 509 ASP A CA  1 
ATOM   898  C C   . ASP A 1 147 ? 0.374   -9.358  10.877  1.00 31.28 ? 509 ASP A C   1 
ATOM   899  O O   . ASP A 1 147 ? 1.602   -9.331  10.961  1.00 34.16 ? 509 ASP A O   1 
ATOM   900  C CB  . ASP A 1 147 ? 0.308   -10.469 8.618   1.00 35.26 ? 509 ASP A CB  1 
ATOM   901  C CG  . ASP A 1 147 ? 0.044   -11.880 9.095   1.00 40.82 ? 509 ASP A CG  1 
ATOM   902  O OD1 . ASP A 1 147 ? -0.103  -12.089 10.316  1.00 36.64 ? 509 ASP A OD1 1 
ATOM   903  O OD2 . ASP A 1 147 ? -0.008  -12.791 8.242   1.00 38.19 ? 509 ASP A OD2 1 
ATOM   904  N N   . ASN A 1 148 ? -0.436  -9.350  11.931  1.00 33.36 ? 510 ASN A N   1 
ATOM   905  C CA  . ASN A 1 148 ? 0.036   -9.385  13.310  1.00 31.29 ? 510 ASN A CA  1 
ATOM   906  C C   . ASN A 1 148 ? -0.036  -10.786 13.937  1.00 37.34 ? 510 ASN A C   1 
ATOM   907  O O   . ASN A 1 148 ? 0.073   -10.918 15.155  1.00 38.23 ? 510 ASN A O   1 
ATOM   908  C CB  . ASN A 1 148 ? -0.735  -8.375  14.161  1.00 32.58 ? 510 ASN A CB  1 
ATOM   909  C CG  . ASN A 1 148 ? 0.047   -7.926  15.385  1.00 32.51 ? 510 ASN A CG  1 
ATOM   910  O OD1 . ASN A 1 148 ? 1.277   -7.860  15.360  1.00 32.10 ? 510 ASN A OD1 1 
ATOM   911  N ND2 . ASN A 1 148 ? -0.663  -7.616  16.463  1.00 38.54 ? 510 ASN A ND2 1 
ATOM   912  N N   . SER A 1 149 ? -0.117  -11.813 13.140  1.00 35.84 ? 511 SER A N   1 
ATOM   913  C CA  . SER A 1 149 ? -0.484  -13.138 13.598  1.00 37.28 ? 511 SER A CA  1 
ATOM   914  C C   . SER A 1 149 ? 0.415   -13.610 14.697  1.00 39.50 ? 511 SER A C   1 
ATOM   915  O O   . SER A 1 149 ? 0.015   -14.340 15.548  1.00 41.99 ? 511 SER A O   1 
ATOM   916  C CB  . SER A 1 149 ? -0.301  -14.157 12.491  1.00 33.34 ? 511 SER A CB  1 
ATOM   917  O OG  . SER A 1 149 ? -1.189  -13.985 11.464  1.00 46.83 ? 511 SER A OG  1 
ATOM   918  N N   . TYR A 1 150 ? 1.654   -13.225 14.598  1.00 36.51 ? 512 TYR A N   1 
ATOM   919  C CA  . TYR A 1 150 ? 2.737   -13.749 15.417  1.00 41.86 ? 512 TYR A CA  1 
ATOM   920  C C   . TYR A 1 150 ? 2.831   -13.093 16.794  1.00 47.56 ? 512 TYR A C   1 
ATOM   921  O O   . TYR A 1 150 ? 3.544   -13.576 17.676  1.00 46.16 ? 512 TYR A O   1 
ATOM   922  C CB  . TYR A 1 150 ? 4.058   -13.555 14.679  1.00 37.48 ? 512 TYR A CB  1 
ATOM   923  C CG  . TYR A 1 150 ? 4.332   -12.106 14.375  1.00 40.60 ? 512 TYR A CG  1 
ATOM   924  C CD1 . TYR A 1 150 ? 3.879   -11.533 13.197  1.00 37.30 ? 512 TYR A CD1 1 
ATOM   925  C CD2 . TYR A 1 150 ? 5.023   -11.306 15.275  1.00 38.90 ? 512 TYR A CD2 1 
ATOM   926  C CE1 . TYR A 1 150 ? 4.112   -10.209 12.915  1.00 40.19 ? 512 TYR A CE1 1 
ATOM   927  C CE2 . TYR A 1 150 ? 5.261   -9.983  15.006  1.00 39.53 ? 512 TYR A CE2 1 
ATOM   928  C CZ  . TYR A 1 150 ? 4.806   -9.439  13.823  1.00 40.79 ? 512 TYR A CZ  1 
ATOM   929  O OH  . TYR A 1 150 ? 5.047   -8.116  13.560  1.00 40.20 ? 512 TYR A OH  1 
ATOM   930  N N   . SER A 1 151 ? 2.121   -11.988 16.976  1.00 39.02 ? 513 SER A N   1 
ATOM   931  C CA  . SER A 1 151 ? 2.227   -11.214 18.205  1.00 42.01 ? 513 SER A CA  1 
ATOM   932  C C   . SER A 1 151 ? 1.195   -11.650 19.236  1.00 43.89 ? 513 SER A C   1 
ATOM   933  O O   . SER A 1 151 ? -0.009  -11.469 19.046  1.00 41.90 ? 513 SER A O   1 
ATOM   934  C CB  . SER A 1 151 ? 2.062   -9.726  17.909  1.00 42.82 ? 513 SER A CB  1 
ATOM   935  O OG  . SER A 1 151 ? 2.230   -8.951  19.083  1.00 42.31 ? 513 SER A OG  1 
ATOM   936  N N   . LEU A 1 152 ? 1.678   -12.223 20.331  1.00 38.86 ? 514 LEU A N   1 
ATOM   937  C CA  . LEU A 1 152 ? 0.806   -12.651 21.411  1.00 42.29 ? 514 LEU A CA  1 
ATOM   938  C C   . LEU A 1 152 ? 0.327   -11.450 22.230  1.00 43.65 ? 514 LEU A C   1 
ATOM   939  O O   . LEU A 1 152 ? -0.849  -11.360 22.567  1.00 51.17 ? 514 LEU A O   1 
ATOM   940  C CB  . LEU A 1 152 ? 1.529   -13.658 22.318  1.00 44.70 ? 514 LEU A CB  1 
ATOM   941  C CG  . LEU A 1 152 ? 1.810   -15.064 21.768  1.00 43.47 ? 514 LEU A CG  1 
ATOM   942  C CD1 . LEU A 1 152 ? 2.827   -15.781 22.643  1.00 41.73 ? 514 LEU A CD1 1 
ATOM   943  C CD2 . LEU A 1 152 ? 0.533   -15.884 21.674  1.00 42.48 ? 514 LEU A CD2 1 
ATOM   944  N N   . TRP A 1 153 ? 1.255   -10.558 22.576  1.00 47.88 ? 515 TRP A N   1 
ATOM   945  C CA  . TRP A 1 153 ? 0.986   -9.476  23.530  1.00 50.63 ? 515 TRP A CA  1 
ATOM   946  C C   . TRP A 1 153 ? 0.744   -8.047  23.006  1.00 50.34 ? 515 TRP A C   1 
ATOM   947  O O   . TRP A 1 153 ? 0.406   -7.166  23.799  1.00 54.61 ? 515 TRP A O   1 
ATOM   948  C CB  . TRP A 1 153 ? 2.153   -9.437  24.509  1.00 49.95 ? 515 TRP A CB  1 
ATOM   949  C CG  . TRP A 1 153 ? 2.566   -10.812 24.893  1.00 49.14 ? 515 TRP A CG  1 
ATOM   950  C CD1 . TRP A 1 153 ? 3.691   -11.476 24.497  1.00 48.68 ? 515 TRP A CD1 1 
ATOM   951  C CD2 . TRP A 1 153 ? 1.834   -11.718 25.721  1.00 52.69 ? 515 TRP A CD2 1 
ATOM   952  N NE1 . TRP A 1 153 ? 3.708   -12.736 25.041  1.00 44.92 ? 515 TRP A NE1 1 
ATOM   953  C CE2 . TRP A 1 153 ? 2.580   -12.909 25.796  1.00 49.08 ? 515 TRP A CE2 1 
ATOM   954  C CE3 . TRP A 1 153 ? 0.621   -11.633 26.409  1.00 57.56 ? 515 TRP A CE3 1 
ATOM   955  C CZ2 . TRP A 1 153 ? 2.152   -14.009 26.539  1.00 56.52 ? 515 TRP A CZ2 1 
ATOM   956  C CZ3 . TRP A 1 153 ? 0.198   -12.723 27.145  1.00 53.58 ? 515 TRP A CZ3 1 
ATOM   957  C CH2 . TRP A 1 153 ? 0.962   -13.897 27.204  1.00 56.08 ? 515 TRP A CH2 1 
ATOM   958  N N   . ARG A 1 154 ? 0.887   -7.806  21.705  1.00 45.48 ? 516 ARG A N   1 
ATOM   959  C CA  . ARG A 1 154 ? 0.905   -6.420  21.208  1.00 51.92 ? 516 ARG A CA  1 
ATOM   960  C C   . ARG A 1 154 ? -0.121  -6.119  20.133  1.00 50.23 ? 516 ARG A C   1 
ATOM   961  O O   . ARG A 1 154 ? -0.207  -6.819  19.124  1.00 49.44 ? 516 ARG A O   1 
ATOM   962  C CB  . ARG A 1 154 ? 2.285   -6.060  20.649  1.00 48.30 ? 516 ARG A CB  1 
ATOM   963  C CG  . ARG A 1 154 ? 3.454   -6.499  21.503  1.00 56.31 ? 516 ARG A CG  1 
ATOM   964  C CD  . ARG A 1 154 ? 3.587   -5.644  22.747  1.00 58.15 ? 516 ARG A CD  1 
ATOM   965  N NE  . ARG A 1 154 ? 4.503   -6.255  23.702  1.00 65.99 ? 516 ARG A NE  1 
ATOM   966  C CZ  . ARG A 1 154 ? 4.896   -5.693  24.840  1.00 64.80 ? 516 ARG A CZ  1 
ATOM   967  N NH1 . ARG A 1 154 ? 4.461   -4.487  25.184  1.00 59.75 ? 516 ARG A NH1 1 
ATOM   968  N NH2 . ARG A 1 154 ? 5.732   -6.344  25.635  1.00 55.61 ? 516 ARG A NH2 1 
ATOM   969  N N   . SER A 1 155 ? -0.896  -5.064  20.368  1.00 48.01 ? 517 SER A N   1 
ATOM   970  C CA  . SER A 1 155 ? -1.650  -4.409  19.311  1.00 47.89 ? 517 SER A CA  1 
ATOM   971  C C   . SER A 1 155 ? -0.686  -3.536  18.517  1.00 51.54 ? 517 SER A C   1 
ATOM   972  O O   . SER A 1 155 ? 0.377   -3.164  19.019  1.00 51.14 ? 517 SER A O   1 
ATOM   973  C CB  . SER A 1 155 ? -2.794  -3.570  19.885  1.00 46.55 ? 517 SER A CB  1 
ATOM   974  O OG  . SER A 1 155 ? -3.775  -4.393  20.491  1.00 63.19 ? 517 SER A OG  1 
ATOM   975  N N   . LYS A 1 156 ? -1.046  -3.231  17.275  1.00 45.05 ? 518 LYS A N   1 
ATOM   976  C CA  . LYS A 1 156 ? -0.251  -2.347  16.432  1.00 40.35 ? 518 LYS A CA  1 
ATOM   977  C C   . LYS A 1 156 ? -1.145  -1.251  15.863  1.00 42.97 ? 518 LYS A C   1 
ATOM   978  O O   . LYS A 1 156 ? -2.338  -1.460  15.637  1.00 43.28 ? 518 LYS A O   1 
ATOM   979  C CB  . LYS A 1 156 ? 0.419   -3.122  15.290  1.00 40.26 ? 518 LYS A CB  1 
ATOM   980  C CG  . LYS A 1 156 ? 1.073   -4.439  15.699  1.00 43.83 ? 518 LYS A CG  1 
ATOM   981  C CD  . LYS A 1 156 ? 2.408   -4.230  16.397  1.00 43.79 ? 518 LYS A CD  1 
ATOM   982  C CE  . LYS A 1 156 ? 2.954   -5.535  16.964  1.00 42.10 ? 518 LYS A CE  1 
ATOM   983  N NZ  . LYS A 1 156 ? 3.559   -6.405  15.916  1.00 40.76 ? 518 LYS A NZ  1 
ATOM   984  N N   . SER A 1 157 ? -0.559  -0.079  15.647  1.00 42.16 ? 519 SER A N   1 
ATOM   985  C CA  . SER A 1 157 ? -1.240  1.029   14.980  1.00 43.00 ? 519 SER A CA  1 
ATOM   986  C C   . SER A 1 157 ? -0.641  1.197   13.597  1.00 34.80 ? 519 SER A C   1 
ATOM   987  O O   . SER A 1 157 ? 0.564   1.380   13.471  1.00 41.83 ? 519 SER A O   1 
ATOM   988  C CB  . SER A 1 157 ? -1.102  2.320   15.791  1.00 42.04 ? 519 SER A CB  1 
ATOM   989  O OG  . SER A 1 157 ? -1.930  2.296   16.939  1.00 48.31 ? 519 SER A OG  1 
ATOM   990  N N   . VAL A 1 158 ? -1.476  1.126   12.564  1.00 34.74 ? 520 VAL A N   1 
ATOM   991  C CA  . VAL A 1 158 ? -0.996  1.203   11.185  1.00 37.50 ? 520 VAL A CA  1 
ATOM   992  C C   . VAL A 1 158 ? -1.491  2.447   10.478  1.00 38.44 ? 520 VAL A C   1 
ATOM   993  O O   . VAL A 1 158 ? -2.695  2.662   10.343  1.00 39.92 ? 520 VAL A O   1 
ATOM   994  C CB  . VAL A 1 158 ? -1.427  -0.024  10.368  1.00 37.91 ? 520 VAL A CB  1 
ATOM   995  C CG1 . VAL A 1 158 ? -1.027  0.143   8.911   1.00 33.80 ? 520 VAL A CG1 1 
ATOM   996  C CG2 . VAL A 1 158 ? -0.806  -1.276  10.947  1.00 39.58 ? 520 VAL A CG2 1 
ATOM   997  N N   . TYR A 1 159 ? -0.540  3.259   10.029  1.00 41.43 ? 521 TYR A N   1 
ATOM   998  C CA  . TYR A 1 159 ? -0.813  4.438   9.223   1.00 42.01 ? 521 TYR A CA  1 
ATOM   999  C C   . TYR A 1 159 ? -0.490  4.099   7.779   1.00 36.68 ? 521 TYR A C   1 
ATOM   1000 O O   . TYR A 1 159 ? 0.613   3.649   7.499   1.00 35.66 ? 521 TYR A O   1 
ATOM   1001 C CB  . TYR A 1 159 ? 0.035   5.624   9.695   1.00 41.23 ? 521 TYR A CB  1 
ATOM   1002 C CG  . TYR A 1 159 ? -0.002  5.860   11.191  1.00 44.12 ? 521 TYR A CG  1 
ATOM   1003 C CD1 . TYR A 1 159 ? 0.747   5.072   12.058  1.00 44.98 ? 521 TYR A CD1 1 
ATOM   1004 C CD2 . TYR A 1 159 ? -0.775  6.876   11.732  1.00 49.38 ? 521 TYR A CD2 1 
ATOM   1005 C CE1 . TYR A 1 159 ? 0.713   5.281   13.421  1.00 48.73 ? 521 TYR A CE1 1 
ATOM   1006 C CE2 . TYR A 1 159 ? -0.812  7.095   13.096  1.00 52.83 ? 521 TYR A CE2 1 
ATOM   1007 C CZ  . TYR A 1 159 ? -0.065  6.297   13.934  1.00 52.40 ? 521 TYR A CZ  1 
ATOM   1008 O OH  . TYR A 1 159 ? -0.103  6.516   15.290  1.00 52.37 ? 521 TYR A OH  1 
ATOM   1009 N N   . TYR A 1 160 ? -1.441  4.310   6.872   1.00 34.10 ? 522 TYR A N   1 
ATOM   1010 C CA  . TYR A 1 160 ? -1.247  3.948   5.469   1.00 38.74 ? 522 TYR A CA  1 
ATOM   1011 C C   . TYR A 1 160 ? -1.910  4.932   4.517   1.00 36.62 ? 522 TYR A C   1 
ATOM   1012 O O   . TYR A 1 160 ? -2.811  5.679   4.897   1.00 38.17 ? 522 TYR A O   1 
ATOM   1013 C CB  . TYR A 1 160 ? -1.784  2.536   5.205   1.00 30.43 ? 522 TYR A CB  1 
ATOM   1014 C CG  . TYR A 1 160 ? -3.286  2.455   5.037   1.00 28.86 ? 522 TYR A CG  1 
ATOM   1015 C CD1 . TYR A 1 160 ? -4.130  2.412   6.139   1.00 36.14 ? 522 TYR A CD1 1 
ATOM   1016 C CD2 . TYR A 1 160 ? -3.860  2.412   3.775   1.00 35.84 ? 522 TYR A CD2 1 
ATOM   1017 C CE1 . TYR A 1 160 ? -5.495  2.337   5.990   1.00 35.83 ? 522 TYR A CE1 1 
ATOM   1018 C CE2 . TYR A 1 160 ? -5.231  2.334   3.616   1.00 39.86 ? 522 TYR A CE2 1 
ATOM   1019 C CZ  . TYR A 1 160 ? -6.044  2.301   4.725   1.00 38.28 ? 522 TYR A CZ  1 
ATOM   1020 O OH  . TYR A 1 160 ? -7.410  2.221   4.567   1.00 39.96 ? 522 TYR A OH  1 
ATOM   1021 N N   . ARG A 1 161 ? -1.433  4.932   3.277   1.00 34.47 ? 523 ARG A N   1 
ATOM   1022 C CA  . ARG A 1 161 ? -1.988  5.768   2.221   1.00 37.64 ? 523 ARG A CA  1 
ATOM   1023 C C   . ARG A 1 161 ? -1.746  5.083   0.883   1.00 32.20 ? 523 ARG A C   1 
ATOM   1024 O O   . ARG A 1 161 ? -0.713  4.442   0.694   1.00 36.50 ? 523 ARG A O   1 
ATOM   1025 C CB  . ARG A 1 161 ? -1.354  7.166   2.266   1.00 39.04 ? 523 ARG A CB  1 
ATOM   1026 C CG  . ARG A 1 161 ? -1.703  8.101   1.112   1.00 39.68 ? 523 ARG A CG  1 
ATOM   1027 C CD  . ARG A 1 161 ? -1.184  9.516   1.379   1.00 42.60 ? 523 ARG A CD  1 
ATOM   1028 N NE  . ARG A 1 161 ? 0.275   9.565   1.407   1.00 43.25 ? 523 ARG A NE  1 
ATOM   1029 C CZ  . ARG A 1 161 ? 0.986   10.624  1.786   1.00 48.33 ? 523 ARG A CZ  1 
ATOM   1030 N NH1 . ARG A 1 161 ? 0.376   11.735  2.181   1.00 51.03 ? 523 ARG A NH1 1 
ATOM   1031 N NH2 . ARG A 1 161 ? 2.310   10.572  1.774   1.00 40.17 ? 523 ARG A NH2 1 
ATOM   1032 N N   . VAL A 1 162 ? -2.701  5.199   -0.036  1.00 33.29 ? 524 VAL A N   1 
ATOM   1033 C CA  . VAL A 1 162 ? -2.539  4.633   -1.373  1.00 35.76 ? 524 VAL A CA  1 
ATOM   1034 C C   . VAL A 1 162 ? -2.963  5.620   -2.463  1.00 43.01 ? 524 VAL A C   1 
ATOM   1035 O O   . VAL A 1 162 ? -3.914  6.380   -2.286  1.00 39.18 ? 524 VAL A O   1 
ATOM   1036 C CB  . VAL A 1 162 ? -3.345  3.313   -1.537  1.00 41.27 ? 524 VAL A CB  1 
ATOM   1037 C CG1 . VAL A 1 162 ? -2.608  2.152   -0.877  1.00 38.38 ? 524 VAL A CG1 1 
ATOM   1038 C CG2 . VAL A 1 162 ? -4.753  3.447   -0.968  1.00 39.33 ? 524 VAL A CG2 1 
ATOM   1039 N N   . TYR A 1 163 ? -2.231  5.601   -3.577  1.00 37.55 ? 525 TYR A N   1 
ATOM   1040 C CA  . TYR A 1 163 ? -2.543  6.403   -4.761  1.00 41.42 ? 525 TYR A CA  1 
ATOM   1041 C C   . TYR A 1 163 ? -2.601  5.479   -5.972  1.00 43.57 ? 525 TYR A C   1 
ATOM   1042 O O   . TYR A 1 163 ? -2.221  4.312   -5.880  1.00 42.21 ? 525 TYR A O   1 
ATOM   1043 C CB  . TYR A 1 163 ? -1.488  7.480   -5.053  1.00 39.26 ? 525 TYR A CB  1 
ATOM   1044 C CG  . TYR A 1 163 ? -1.084  8.431   -3.947  1.00 46.09 ? 525 TYR A CG  1 
ATOM   1045 C CD1 . TYR A 1 163 ? -1.424  9.784   -4.014  1.00 44.96 ? 525 TYR A CD1 1 
ATOM   1046 C CD2 . TYR A 1 163 ? -0.302  8.005   -2.879  1.00 42.70 ? 525 TYR A CD2 1 
ATOM   1047 C CE1 . TYR A 1 163 ? -1.031  10.673  -3.031  1.00 45.81 ? 525 TYR A CE1 1 
ATOM   1048 C CE2 . TYR A 1 163 ? 0.095   8.892   -1.886  1.00 45.89 ? 525 TYR A CE2 1 
ATOM   1049 C CZ  . TYR A 1 163 ? -0.272  10.222  -1.971  1.00 47.94 ? 525 TYR A CZ  1 
ATOM   1050 O OH  . TYR A 1 163 ? 0.121   11.108  -0.996  1.00 47.76 ? 525 TYR A OH  1 
ATOM   1051 N N   . TYR A 1 164 ? -3.084  5.995   -7.100  1.00 40.53 ? 526 TYR A N   1 
ATOM   1052 C CA  . TYR A 1 164 ? -2.910  5.314   -8.382  1.00 46.76 ? 526 TYR A CA  1 
ATOM   1053 C C   . TYR A 1 164 ? -2.454  6.286   -9.475  1.00 45.42 ? 526 TYR A C   1 
ATOM   1054 O O   . TYR A 1 164 ? -2.721  7.486   -9.403  1.00 45.94 ? 526 TYR A O   1 
ATOM   1055 C CB  . TYR A 1 164 ? -4.204  4.613   -8.805  1.00 48.44 ? 526 TYR A CB  1 
ATOM   1056 C CG  . TYR A 1 164 ? -5.376  5.534   -9.057  1.00 48.82 ? 526 TYR A CG  1 
ATOM   1057 C CD1 . TYR A 1 164 ? -5.681  5.959   -10.345 1.00 51.76 ? 526 TYR A CD1 1 
ATOM   1058 C CD2 . TYR A 1 164 ? -6.186  5.965   -8.013  1.00 47.91 ? 526 TYR A CD2 1 
ATOM   1059 C CE1 . TYR A 1 164 ? -6.758  6.795   -10.586 1.00 52.86 ? 526 TYR A CE1 1 
ATOM   1060 C CE2 . TYR A 1 164 ? -7.264  6.801   -8.243  1.00 49.25 ? 526 TYR A CE2 1 
ATOM   1061 C CZ  . TYR A 1 164 ? -7.544  7.212   -9.532  1.00 50.64 ? 526 TYR A CZ  1 
ATOM   1062 O OH  . TYR A 1 164 ? -8.613  8.041   -9.768  1.00 53.23 ? 526 TYR A OH  1 
ATOM   1063 N N   . THR A 1 165 ? -1.739  5.758   -10.468 1.00 48.83 ? 527 THR A N   1 
ATOM   1064 C CA  . THR A 1 165 ? -1.369  6.525   -11.654 1.00 51.29 ? 527 THR A CA  1 
ATOM   1065 C C   . THR A 1 165 ? -2.319  6.198   -12.788 1.00 58.25 ? 527 THR A C   1 
ATOM   1066 O O   . THR A 1 165 ? -3.196  5.358   -12.636 1.00 57.71 ? 527 THR A O   1 
ATOM   1067 C CB  . THR A 1 165 ? 0.059   6.219   -12.142 1.00 51.77 ? 527 THR A CB  1 
ATOM   1068 O OG1 . THR A 1 165 ? 0.166   4.825   -12.445 1.00 57.09 ? 527 THR A OG1 1 
ATOM   1069 C CG2 . THR A 1 165 ? 1.098   6.613   -11.107 1.00 47.96 ? 527 THR A CG2 1 
ATOM   1070 N N   . ARG A 1 166 ? -2.118  6.855   -13.925 1.00 60.59 ? 528 ARG A N   1 
ATOM   1071 C CA  . ARG A 1 166 ? -2.847  6.541   -15.149 1.00 61.13 ? 528 ARG A CA  1 
ATOM   1072 C C   . ARG A 1 166 ? -1.860  6.268   -16.277 1.00 62.86 ? 528 ARG A C   1 
ATOM   1073 O O   . ARG A 1 166 ? -1.945  5.250   -16.961 1.00 69.79 ? 528 ARG A O   1 
ATOM   1074 C CB  . ARG A 1 166 ? -3.777  7.688   -15.539 1.00 64.08 ? 528 ARG A CB  1 
ATOM   1075 C CG  . ARG A 1 166 ? -4.741  8.136   -14.448 1.00 66.39 ? 528 ARG A CG  1 
ATOM   1076 C CD  . ARG A 1 166 ? -4.719  9.648   -14.347 1.00 67.92 ? 528 ARG A CD  1 
ATOM   1077 N NE  . ARG A 1 166 ? -5.870  10.209  -13.651 1.00 69.97 ? 528 ARG A NE  1 
ATOM   1078 C CZ  . ARG A 1 166 ? -6.023  11.510  -13.416 1.00 73.41 ? 528 ARG A CZ  1 
ATOM   1079 N NH1 . ARG A 1 166 ? -5.091  12.367  -13.819 1.00 69.01 ? 528 ARG A NH1 1 
ATOM   1080 N NH2 . ARG A 1 166 ? -7.097  11.957  -12.780 1.00 73.72 ? 528 ARG A NH2 1 
ATOM   1081 N N   . THR B 2 19  ? 2.106   14.862  -19.250 1.00 75.08 ? 16  THR B N   1 
ATOM   1082 C CA  . THR B 2 19  ? 1.829   13.691  -18.426 1.00 72.46 ? 16  THR B CA  1 
ATOM   1083 C C   . THR B 2 19  ? 2.847   12.584  -18.702 1.00 72.57 ? 16  THR B C   1 
ATOM   1084 O O   . THR B 2 19  ? 2.841   11.999  -19.786 1.00 73.08 ? 16  THR B O   1 
ATOM   1085 C CB  . THR B 2 19  ? 0.410   13.146  -18.678 1.00 76.57 ? 16  THR B CB  1 
ATOM   1086 O OG1 . THR B 2 19  ? -0.557  14.138  -18.315 1.00 79.50 ? 16  THR B OG1 1 
ATOM   1087 C CG2 . THR B 2 19  ? 0.170   11.887  -17.858 1.00 74.99 ? 16  THR B CG2 1 
ATOM   1088 N N   . PRO B 2 20  ? 3.722   12.284  -17.724 1.00 69.55 ? 17  PRO B N   1 
ATOM   1089 C CA  . PRO B 2 20  ? 4.731   11.260  -18.015 1.00 64.76 ? 17  PRO B CA  1 
ATOM   1090 C C   . PRO B 2 20  ? 4.152   9.851   -17.968 1.00 66.93 ? 17  PRO B C   1 
ATOM   1091 O O   . PRO B 2 20  ? 2.981   9.674   -17.627 1.00 67.23 ? 17  PRO B O   1 
ATOM   1092 C CB  . PRO B 2 20  ? 5.775   11.454  -16.903 1.00 63.95 ? 17  PRO B CB  1 
ATOM   1093 C CG  . PRO B 2 20  ? 5.221   12.509  -15.969 1.00 64.70 ? 17  PRO B CG  1 
ATOM   1094 C CD  . PRO B 2 20  ? 3.789   12.729  -16.323 1.00 66.32 ? 17  PRO B CD  1 
ATOM   1095 N N   . ALA B 2 21  ? 4.974   8.859   -18.290 1.00 68.62 ? 18  ALA B N   1 
ATOM   1096 C CA  . ALA B 2 21  ? 4.538   7.472   -18.237 1.00 65.31 ? 18  ALA B CA  1 
ATOM   1097 C C   . ALA B 2 21  ? 4.503   7.003   -16.784 1.00 62.76 ? 18  ALA B C   1 
ATOM   1098 O O   . ALA B 2 21  ? 5.292   7.469   -15.964 1.00 63.72 ? 18  ALA B O   1 
ATOM   1099 C CB  . ALA B 2 21  ? 5.456   6.588   -19.064 1.00 64.55 ? 18  ALA B CB  1 
ATOM   1100 N N   . PRO B 2 22  ? 3.575   6.090   -16.454 1.00 64.36 ? 19  PRO B N   1 
ATOM   1101 C CA  . PRO B 2 22  ? 3.505   5.517   -15.107 1.00 59.01 ? 19  PRO B CA  1 
ATOM   1102 C C   . PRO B 2 22  ? 4.845   4.989   -14.579 1.00 57.63 ? 19  PRO B C   1 
ATOM   1103 O O   . PRO B 2 22  ? 5.142   5.151   -13.394 1.00 58.01 ? 19  PRO B O   1 
ATOM   1104 C CB  . PRO B 2 22  ? 2.505   4.376   -15.279 1.00 60.85 ? 19  PRO B CB  1 
ATOM   1105 C CG  . PRO B 2 22  ? 1.577   4.870   -16.330 1.00 61.10 ? 19  PRO B CG  1 
ATOM   1106 C CD  . PRO B 2 22  ? 2.414   5.694   -17.274 1.00 65.71 ? 19  PRO B CD  1 
ATOM   1107 N N   . ASP B 2 23  ? 5.645   4.373   -15.444 1.00 56.98 ? 20  ASP B N   1 
ATOM   1108 C CA  . ASP B 2 23  ? 6.920   3.810   -15.009 1.00 59.24 ? 20  ASP B CA  1 
ATOM   1109 C C   . ASP B 2 23  ? 7.922   4.918   -14.673 1.00 60.26 ? 20  ASP B C   1 
ATOM   1110 O O   . ASP B 2 23  ? 8.858   4.701   -13.904 1.00 55.24 ? 20  ASP B O   1 
ATOM   1111 C CB  . ASP B 2 23  ? 7.495   2.872   -16.079 1.00 64.96 ? 20  ASP B CB  1 
ATOM   1112 C CG  . ASP B 2 23  ? 7.804   3.583   -17.383 1.00 73.29 ? 20  ASP B CG  1 
ATOM   1113 O OD1 . ASP B 2 23  ? 7.373   4.742   -17.559 1.00 75.19 ? 20  ASP B OD1 1 
ATOM   1114 O OD2 . ASP B 2 23  ? 8.477   2.975   -18.243 1.00 82.87 ? 20  ASP B OD2 1 
ATOM   1115 N N   . ALA B 2 24  ? 7.722   6.101   -15.249 1.00 57.48 ? 21  ALA B N   1 
ATOM   1116 C CA  . ALA B 2 24  ? 8.564   7.251   -14.937 1.00 58.57 ? 21  ALA B CA  1 
ATOM   1117 C C   . ALA B 2 24  ? 8.223   7.809   -13.558 1.00 54.97 ? 21  ALA B C   1 
ATOM   1118 O O   . ALA B 2 24  ? 9.113   8.075   -12.749 1.00 54.62 ? 21  ALA B O   1 
ATOM   1119 C CB  . ALA B 2 24  ? 8.410   8.330   -15.992 1.00 57.30 ? 21  ALA B CB  1 
ATOM   1120 N N   . ILE B 2 25  ? 6.929   8.001   -13.307 1.00 54.73 ? 22  ILE B N   1 
ATOM   1121 C CA  . ILE B 2 25  ? 6.447   8.389   -11.983 1.00 52.38 ? 22  ILE B CA  1 
ATOM   1122 C C   . ILE B 2 25  ? 7.040   7.453   -10.940 1.00 52.77 ? 22  ILE B C   1 
ATOM   1123 O O   . ILE B 2 25  ? 7.524   7.885   -9.894  1.00 49.45 ? 22  ILE B O   1 
ATOM   1124 C CB  . ILE B 2 25  ? 4.905   8.331   -11.873 1.00 54.00 ? 22  ILE B CB  1 
ATOM   1125 C CG1 . ILE B 2 25  ? 4.235   9.143   -12.986 1.00 54.90 ? 22  ILE B CG1 1 
ATOM   1126 C CG2 . ILE B 2 25  ? 4.444   8.829   -10.507 1.00 53.83 ? 22  ILE B CG2 1 
ATOM   1127 C CD1 . ILE B 2 25  ? 4.571   10.623  -12.972 1.00 60.65 ? 22  ILE B CD1 1 
ATOM   1128 N N   . ASN B 2 26  ? 6.996   6.161   -11.247 1.00 53.32 ? 23  ASN B N   1 
ATOM   1129 C CA  . ASN B 2 26  ? 7.499   5.137   -10.346 1.00 50.72 ? 23  ASN B CA  1 
ATOM   1130 C C   . ASN B 2 26  ? 8.983   5.302   -10.045 1.00 52.16 ? 23  ASN B C   1 
ATOM   1131 O O   . ASN B 2 26  ? 9.404   5.199   -8.894  1.00 52.19 ? 23  ASN B O   1 
ATOM   1132 C CB  . ASN B 2 26  ? 7.254   3.751   -10.938 1.00 53.90 ? 23  ASN B CB  1 
ATOM   1133 C CG  . ASN B 2 26  ? 7.465   2.647   -9.927  1.00 53.24 ? 23  ASN B CG  1 
ATOM   1134 O OD1 . ASN B 2 26  ? 6.960   2.716   -8.807  1.00 46.96 ? 23  ASN B OD1 1 
ATOM   1135 N ND2 . ASN B 2 26  ? 8.234   1.634   -10.306 1.00 56.12 ? 23  ASN B ND2 1 
ATOM   1136 N N   . ASP B 2 27  ? 9.778   5.552   -11.082 1.00 53.79 ? 24  ASP B N   1 
ATOM   1137 C CA  . ASP B 2 27  ? 11.223  5.682   -10.910 1.00 52.29 ? 24  ASP B CA  1 
ATOM   1138 C C   . ASP B 2 27  ? 11.560  6.918   -10.079 1.00 50.72 ? 24  ASP B C   1 
ATOM   1139 O O   . ASP B 2 27  ? 12.482  6.900   -9.265  1.00 49.93 ? 24  ASP B O   1 
ATOM   1140 C CB  . ASP B 2 27  ? 11.931  5.748   -12.267 1.00 51.97 ? 24  ASP B CB  1 
ATOM   1141 C CG  . ASP B 2 27  ? 13.442  5.677   -12.137 1.00 57.88 ? 24  ASP B CG  1 
ATOM   1142 O OD1 . ASP B 2 27  ? 14.115  6.696   -12.401 1.00 60.07 ? 24  ASP B OD1 1 
ATOM   1143 O OD2 . ASP B 2 27  ? 13.956  4.601   -11.761 1.00 57.88 ? 24  ASP B OD2 1 
ATOM   1144 N N   . LEU B 2 28  ? 10.805  7.992   -10.285 1.00 47.44 ? 25  LEU B N   1 
ATOM   1145 C CA  . LEU B 2 28  ? 11.016  9.224   -9.533  1.00 50.47 ? 25  LEU B CA  1 
ATOM   1146 C C   . LEU B 2 28  ? 10.714  9.008   -8.055  1.00 46.24 ? 25  LEU B C   1 
ATOM   1147 O O   . LEU B 2 28  ? 11.548  9.289   -7.198  1.00 42.97 ? 25  LEU B O   1 
ATOM   1148 C CB  . LEU B 2 28  ? 10.147  10.354  -10.089 1.00 45.74 ? 25  LEU B CB  1 
ATOM   1149 C CG  . LEU B 2 28  ? 10.178  11.696  -9.349  1.00 46.46 ? 25  LEU B CG  1 
ATOM   1150 C CD1 . LEU B 2 28  ? 11.404  12.521  -9.731  1.00 47.55 ? 25  LEU B CD1 1 
ATOM   1151 C CD2 . LEU B 2 28  ? 8.898   12.470  -9.617  1.00 42.94 ? 25  LEU B CD2 1 
ATOM   1152 N N   . LEU B 2 29  ? 9.517   8.512   -7.755  1.00 47.43 ? 26  LEU B N   1 
ATOM   1153 C CA  . LEU B 2 29  ? 9.129   8.301   -6.367  1.00 46.68 ? 26  LEU B CA  1 
ATOM   1154 C C   . LEU B 2 29  ? 10.027  7.282   -5.684  1.00 50.38 ? 26  LEU B C   1 
ATOM   1155 O O   . LEU B 2 29  ? 10.331  7.430   -4.515  1.00 48.42 ? 26  LEU B O   1 
ATOM   1156 C CB  . LEU B 2 29  ? 7.668   7.855   -6.265  1.00 44.48 ? 26  LEU B CB  1 
ATOM   1157 C CG  . LEU B 2 29  ? 6.627   8.913   -6.637  1.00 51.10 ? 26  LEU B CG  1 
ATOM   1158 C CD1 . LEU B 2 29  ? 5.217   8.384   -6.436  1.00 42.40 ? 26  LEU B CD1 1 
ATOM   1159 C CD2 . LEU B 2 29  ? 6.843   10.178  -5.820  1.00 45.18 ? 26  LEU B CD2 1 
ATOM   1160 N N   . ARG B 2 30  ? 10.462  6.252   -6.397  1.00 50.03 ? 27  ARG B N   1 
ATOM   1161 C CA  . ARG B 2 30  ? 11.340  5.273   -5.778  1.00 51.98 ? 27  ARG B CA  1 
ATOM   1162 C C   . ARG B 2 30  ? 12.659  5.923   -5.373  1.00 51.14 ? 27  ARG B C   1 
ATOM   1163 O O   . ARG B 2 30  ? 13.176  5.659   -4.289  1.00 54.53 ? 27  ARG B O   1 
ATOM   1164 C CB  . ARG B 2 30  ? 11.601  4.097   -6.717  1.00 55.67 ? 27  ARG B CB  1 
ATOM   1165 C CG  . ARG B 2 30  ? 12.658  3.136   -6.194  1.00 58.77 ? 27  ARG B CG  1 
ATOM   1166 C CD  . ARG B 2 30  ? 12.665  1.827   -6.966  1.00 58.82 ? 27  ARG B CD  1 
ATOM   1167 N NE  . ARG B 2 30  ? 12.195  1.995   -8.338  1.00 65.22 ? 27  ARG B NE  1 
ATOM   1168 C CZ  . ARG B 2 30  ? 11.995  0.991   -9.186  1.00 68.56 ? 27  ARG B CZ  1 
ATOM   1169 N NH1 . ARG B 2 30  ? 12.227  -0.262  -8.814  1.00 66.61 ? 27  ARG B NH1 1 
ATOM   1170 N NH2 . ARG B 2 30  ? 11.562  1.244   -10.413 1.00 67.39 ? 27  ARG B NH2 1 
ATOM   1171 N N   . SER B 2 31  ? 13.208  6.759   -6.250  1.00 53.14 ? 28  SER B N   1 
ATOM   1172 C CA  . SER B 2 31  ? 14.517  7.352   -6.005  1.00 48.05 ? 28  SER B CA  1 
ATOM   1173 C C   . SER B 2 31  ? 14.508  8.547   -5.027  1.00 49.29 ? 28  SER B C   1 
ATOM   1174 O O   . SER B 2 31  ? 15.273  8.559   -4.063  1.00 51.44 ? 28  SER B O   1 
ATOM   1175 C CB  . SER B 2 31  ? 15.132  7.775   -7.347  1.00 52.69 ? 28  SER B CB  1 
ATOM   1176 O OG  . SER B 2 31  ? 14.850  6.815   -8.356  1.00 52.79 ? 28  SER B OG  1 
ATOM   1177 N N   . VAL B 2 32  ? 13.671  9.551   -5.292  1.00 46.13 ? 29  VAL B N   1 
ATOM   1178 C CA  . VAL B 2 32  ? 13.637  10.796  -4.498  1.00 53.54 ? 29  VAL B CA  1 
ATOM   1179 C C   . VAL B 2 32  ? 12.472  10.995  -3.492  1.00 48.33 ? 29  VAL B C   1 
ATOM   1180 O O   . VAL B 2 32  ? 12.262  12.121  -3.046  1.00 51.37 ? 29  VAL B O   1 
ATOM   1181 C CB  . VAL B 2 32  ? 13.726  12.041  -5.429  1.00 40.88 ? 29  VAL B CB  1 
ATOM   1182 C CG1 . VAL B 2 32  ? 15.193  12.273  -5.800  1.00 47.76 ? 29  VAL B CG1 1 
ATOM   1183 C CG2 . VAL B 2 32  ? 12.854  11.902  -6.672  1.00 42.76 ? 29  VAL B CG2 1 
ATOM   1184 N N   . ASP B 2 33  ? 11.721  9.945   -3.143  1.00 45.43 ? 30  ASP B N   1 
ATOM   1185 C CA  . ASP B 2 33  ? 10.445  10.081  -2.411  1.00 44.63 ? 30  ASP B CA  1 
ATOM   1186 C C   . ASP B 2 33  ? 10.450  11.068  -1.237  1.00 43.32 ? 30  ASP B C   1 
ATOM   1187 O O   . ASP B 2 33  ? 11.354  11.069  -0.400  1.00 44.72 ? 30  ASP B O   1 
ATOM   1188 C CB  . ASP B 2 33  ? 10.025  8.720   -1.833  1.00 38.29 ? 30  ASP B CB  1 
ATOM   1189 C CG  . ASP B 2 33  ? 8.516   8.590   -1.639  1.00 41.99 ? 30  ASP B CG  1 
ATOM   1190 O OD1 . ASP B 2 33  ? 7.763   9.499   -2.046  1.00 42.22 ? 30  ASP B OD1 1 
ATOM   1191 O OD2 . ASP B 2 33  ? 8.081   7.561   -1.078  1.00 43.87 ? 30  ASP B OD2 1 
ATOM   1192 N N   . SER B 2 34  ? 9.427   11.920  -1.208  1.00 41.56 ? 31  SER B N   1 
ATOM   1193 C CA  . SER B 2 34  ? 9.196   12.848  -0.105  1.00 40.98 ? 31  SER B CA  1 
ATOM   1194 C C   . SER B 2 34  ? 7.741   13.313  -0.138  1.00 41.83 ? 31  SER B C   1 
ATOM   1195 O O   . SER B 2 34  ? 7.061   13.146  -1.148  1.00 41.82 ? 31  SER B O   1 
ATOM   1196 C CB  . SER B 2 34  ? 10.139  14.049  -0.187  1.00 40.90 ? 31  SER B CB  1 
ATOM   1197 O OG  . SER B 2 34  ? 9.695   14.974  -1.164  1.00 44.29 ? 31  SER B OG  1 
ATOM   1198 N N   . GLN B 2 35  ? 7.252   13.890  0.955   1.00 39.59 ? 32  GLN B N   1 
ATOM   1199 C CA  . GLN B 2 35  ? 5.904   14.454  0.949   1.00 42.31 ? 32  GLN B CA  1 
ATOM   1200 C C   . GLN B 2 35  ? 5.812   15.576  -0.081  1.00 44.05 ? 32  GLN B C   1 
ATOM   1201 O O   . GLN B 2 35  ? 4.776   15.770  -0.715  1.00 44.14 ? 32  GLN B O   1 
ATOM   1202 C CB  . GLN B 2 35  ? 5.506   14.990  2.328   1.00 43.74 ? 32  GLN B CB  1 
ATOM   1203 C CG  . GLN B 2 35  ? 4.024   15.345  2.430   1.00 45.80 ? 32  GLN B CG  1 
ATOM   1204 C CD  . GLN B 2 35  ? 3.126   14.151  2.186   1.00 51.31 ? 32  GLN B CD  1 
ATOM   1205 O OE1 . GLN B 2 35  ? 3.291   13.105  2.813   1.00 47.30 ? 32  GLN B OE1 1 
ATOM   1206 N NE2 . GLN B 2 35  ? 2.181   14.293  1.259   1.00 47.51 ? 32  GLN B NE2 1 
ATOM   1207 N N   . GLU B 2 36  ? 6.902   16.319  -0.239  1.00 45.21 ? 33  GLU B N   1 
ATOM   1208 C CA  . GLU B 2 36  ? 6.936   17.415  -1.203  1.00 45.58 ? 33  GLU B CA  1 
ATOM   1209 C C   . GLU B 2 36  ? 6.824   16.894  -2.633  1.00 43.89 ? 33  GLU B C   1 
ATOM   1210 O O   . GLU B 2 36  ? 6.054   17.424  -3.434  1.00 41.33 ? 33  GLU B O   1 
ATOM   1211 C CB  . GLU B 2 36  ? 8.217   18.240  -1.054  1.00 41.58 ? 33  GLU B CB  1 
ATOM   1212 C CG  . GLU B 2 36  ? 8.284   19.064  0.224   1.00 50.95 ? 33  GLU B CG  1 
ATOM   1213 C CD  . GLU B 2 36  ? 8.831   18.278  1.400   1.00 60.66 ? 33  GLU B CD  1 
ATOM   1214 O OE1 . GLU B 2 36  ? 8.710   17.034  1.405   1.00 56.63 ? 33  GLU B OE1 1 
ATOM   1215 O OE2 . GLU B 2 36  ? 9.390   18.907  2.322   1.00 70.87 ? 33  GLU B OE2 1 
ATOM   1216 N N   . VAL B 2 37  ? 7.597   15.862  -2.955  1.00 42.33 ? 34  VAL B N   1 
ATOM   1217 C CA  . VAL B 2 37  ? 7.528   15.253  -4.282  1.00 39.41 ? 34  VAL B CA  1 
ATOM   1218 C C   . VAL B 2 37  ? 6.158   14.614  -4.500  1.00 43.57 ? 34  VAL B C   1 
ATOM   1219 O O   . VAL B 2 37  ? 5.614   14.680  -5.599  1.00 46.32 ? 34  VAL B O   1 
ATOM   1220 C CB  . VAL B 2 37  ? 8.645   14.201  -4.487  1.00 45.96 ? 34  VAL B CB  1 
ATOM   1221 C CG1 . VAL B 2 37  ? 8.503   13.507  -5.834  1.00 44.48 ? 34  VAL B CG1 1 
ATOM   1222 C CG2 . VAL B 2 37  ? 10.019  14.856  -4.391  1.00 41.16 ? 34  VAL B CG2 1 
ATOM   1223 N N   . ARG B 2 38  ? 5.594   14.007  -3.457  1.00 43.47 ? 35  ARG B N   1 
ATOM   1224 C CA  . ARG B 2 38  ? 4.255   13.423  -3.550  1.00 41.41 ? 35  ARG B CA  1 
ATOM   1225 C C   . ARG B 2 38  ? 3.220   14.507  -3.869  1.00 47.05 ? 35  ARG B C   1 
ATOM   1226 O O   . ARG B 2 38  ? 2.438   14.370  -4.809  1.00 45.12 ? 35  ARG B O   1 
ATOM   1227 C CB  . ARG B 2 38  ? 3.868   12.701  -2.251  1.00 41.72 ? 35  ARG B CB  1 
ATOM   1228 C CG  . ARG B 2 38  ? 4.729   11.481  -1.905  1.00 49.14 ? 35  ARG B CG  1 
ATOM   1229 C CD  . ARG B 2 38  ? 4.086   10.167  -2.344  1.00 38.27 ? 35  ARG B CD  1 
ATOM   1230 N NE  . ARG B 2 38  ? 4.993   9.028   -2.193  1.00 46.26 ? 35  ARG B NE  1 
ATOM   1231 C CZ  . ARG B 2 38  ? 4.661   7.758   -2.427  1.00 41.55 ? 35  ARG B CZ  1 
ATOM   1232 N NH1 . ARG B 2 38  ? 3.436   7.442   -2.830  1.00 34.69 ? 35  ARG B NH1 1 
ATOM   1233 N NH2 . ARG B 2 38  ? 5.563   6.797   -2.260  1.00 35.95 ? 35  ARG B NH2 1 
ATOM   1234 N N   . ASP B 2 39  ? 3.219   15.578  -3.077  1.00 41.27 ? 36  ASP B N   1 
ATOM   1235 C CA  . ASP B 2 39  ? 2.311   16.708  -3.300  1.00 49.25 ? 36  ASP B CA  1 
ATOM   1236 C C   . ASP B 2 39  ? 2.416   17.255  -4.723  1.00 46.43 ? 36  ASP B C   1 
ATOM   1237 O O   . ASP B 2 39  ? 1.400   17.523  -5.360  1.00 46.72 ? 36  ASP B O   1 
ATOM   1238 C CB  . ASP B 2 39  ? 2.590   17.834  -2.298  1.00 42.85 ? 36  ASP B CB  1 
ATOM   1239 C CG  . ASP B 2 39  ? 2.224   17.457  -0.871  1.00 48.19 ? 36  ASP B CG  1 
ATOM   1240 O OD1 . ASP B 2 39  ? 1.423   16.515  -0.680  1.00 52.27 ? 36  ASP B OD1 1 
ATOM   1241 O OD2 . ASP B 2 39  ? 2.731   18.112  0.062   1.00 50.96 ? 36  ASP B OD2 1 
ATOM   1242 N N   . TYR B 2 40  ? 3.640   17.429  -5.217  1.00 48.43 ? 37  TYR B N   1 
ATOM   1243 C CA  . TYR B 2 40  ? 3.840   17.896  -6.587  1.00 48.06 ? 37  TYR B CA  1 
ATOM   1244 C C   . TYR B 2 40  ? 3.167   16.935  -7.563  1.00 48.04 ? 37  TYR B C   1 
ATOM   1245 O O   . TYR B 2 40  ? 2.352   17.351  -8.381  1.00 46.08 ? 37  TYR B O   1 
ATOM   1246 C CB  . TYR B 2 40  ? 5.330   18.035  -6.919  1.00 42.09 ? 37  TYR B CB  1 
ATOM   1247 C CG  . TYR B 2 40  ? 5.606   18.440  -8.355  1.00 45.62 ? 37  TYR B CG  1 
ATOM   1248 C CD1 . TYR B 2 40  ? 5.392   19.745  -8.784  1.00 48.82 ? 37  TYR B CD1 1 
ATOM   1249 C CD2 . TYR B 2 40  ? 6.086   17.521  -9.276  1.00 47.29 ? 37  TYR B CD2 1 
ATOM   1250 C CE1 . TYR B 2 40  ? 5.644   20.119  -10.090 1.00 44.00 ? 37  TYR B CE1 1 
ATOM   1251 C CE2 . TYR B 2 40  ? 6.342   17.888  -10.588 1.00 45.33 ? 37  TYR B CE2 1 
ATOM   1252 C CZ  . TYR B 2 40  ? 6.117   19.186  -10.986 1.00 48.76 ? 37  TYR B CZ  1 
ATOM   1253 O OH  . TYR B 2 40  ? 6.369   19.556  -12.290 1.00 49.54 ? 37  TYR B OH  1 
ATOM   1254 N N   . CYS B 2 41  ? 3.493   15.650  -7.462  1.00 49.41 ? 38  CYS B N   1 
ATOM   1255 C CA  . CYS B 2 41  ? 2.898   14.646  -8.342  1.00 45.02 ? 38  CYS B CA  1 
ATOM   1256 C C   . CYS B 2 41  ? 1.380   14.679  -8.250  1.00 45.67 ? 38  CYS B C   1 
ATOM   1257 O O   . CYS B 2 41  ? 0.687   14.498  -9.250  1.00 45.18 ? 38  CYS B O   1 
ATOM   1258 C CB  . CYS B 2 41  ? 3.406   13.243  -8.001  1.00 47.19 ? 38  CYS B CB  1 
ATOM   1259 S SG  . CYS B 2 41  ? 5.146   12.977  -8.361  1.00 47.77 ? 38  CYS B SG  1 
ATOM   1260 N N   . GLN B 2 42  ? 0.866   14.917  -7.048  1.00 45.79 ? 39  GLN B N   1 
ATOM   1261 C CA  . GLN B 2 42  ? -0.575  14.990  -6.844  1.00 45.30 ? 39  GLN B CA  1 
ATOM   1262 C C   . GLN B 2 42  ? -1.178  16.212  -7.535  1.00 51.00 ? 39  GLN B C   1 
ATOM   1263 O O   . GLN B 2 42  ? -2.194  16.093  -8.218  1.00 46.40 ? 39  GLN B O   1 
ATOM   1264 C CB  . GLN B 2 42  ? -0.913  15.013  -5.351  1.00 48.43 ? 39  GLN B CB  1 
ATOM   1265 C CG  . GLN B 2 42  ? -2.408  14.947  -5.080  1.00 51.91 ? 39  GLN B CG  1 
ATOM   1266 C CD  . GLN B 2 42  ? -2.736  14.630  -3.636  1.00 53.97 ? 39  GLN B CD  1 
ATOM   1267 O OE1 . GLN B 2 42  ? -1.901  14.782  -2.745  1.00 55.07 ? 39  GLN B OE1 1 
ATOM   1268 N NE2 . GLN B 2 42  ? -3.962  14.179  -3.398  1.00 51.08 ? 39  GLN B NE2 1 
ATOM   1269 N N   . LYS B 2 43  ? -0.559  17.379  -7.356  1.00 50.65 ? 40  LYS B N   1 
ATOM   1270 C CA  . LYS B 2 43  ? -1.014  18.599  -8.030  1.00 47.17 ? 40  LYS B CA  1 
ATOM   1271 C C   . LYS B 2 43  ? -1.140  18.383  -9.536  1.00 46.77 ? 40  LYS B C   1 
ATOM   1272 O O   . LYS B 2 43  ? -2.150  18.745  -10.136 1.00 54.15 ? 40  LYS B O   1 
ATOM   1273 C CB  . LYS B 2 43  ? -0.060  19.772  -7.786  1.00 51.91 ? 40  LYS B CB  1 
ATOM   1274 C CG  . LYS B 2 43  ? -0.060  20.365  -6.384  1.00 61.28 ? 40  LYS B CG  1 
ATOM   1275 C CD  . LYS B 2 43  ? 0.664   21.711  -6.403  1.00 66.55 ? 40  LYS B CD  1 
ATOM   1276 C CE  . LYS B 2 43  ? 1.188   22.124  -5.036  1.00 73.72 ? 40  LYS B CE  1 
ATOM   1277 N NZ  . LYS B 2 43  ? 2.444   21.409  -4.672  1.00 69.26 ? 40  LYS B NZ  1 
ATOM   1278 N N   . LYS B 2 44  ? -0.108  17.794  -10.138 1.00 51.08 ? 41  LYS B N   1 
ATOM   1279 C CA  . LYS B 2 44  ? -0.071  17.591  -11.585 1.00 52.22 ? 41  LYS B CA  1 
ATOM   1280 C C   . LYS B 2 44  ? -1.079  16.531  -12.021 1.00 56.88 ? 41  LYS B C   1 
ATOM   1281 O O   . LYS B 2 44  ? -1.334  16.359  -13.214 1.00 60.52 ? 41  LYS B O   1 
ATOM   1282 C CB  . LYS B 2 44  ? 1.332   17.176  -12.043 1.00 55.89 ? 41  LYS B CB  1 
ATOM   1283 C CG  . LYS B 2 44  ? 2.472   18.056  -11.533 1.00 55.57 ? 41  LYS B CG  1 
ATOM   1284 C CD  . LYS B 2 44  ? 2.364   19.502  -11.984 1.00 57.46 ? 41  LYS B CD  1 
ATOM   1285 C CE  . LYS B 2 44  ? 2.489   19.635  -13.490 1.00 59.30 ? 41  LYS B CE  1 
ATOM   1286 N NZ  . LYS B 2 44  ? 2.568   21.062  -13.905 1.00 63.78 ? 41  LYS B NZ  1 
ATOM   1287 N N   . GLY B 2 45  ? -1.647  15.819  -11.053 1.00 56.24 ? 42  GLY B N   1 
ATOM   1288 C CA  . GLY B 2 45  ? -2.568  14.738  -11.342 1.00 50.10 ? 42  GLY B CA  1 
ATOM   1289 C C   . GLY B 2 45  ? -1.852  13.523  -11.897 1.00 54.72 ? 42  GLY B C   1 
ATOM   1290 O O   . GLY B 2 45  ? -2.461  12.694  -12.571 1.00 58.63 ? 42  GLY B O   1 
ATOM   1291 N N   . TRP B 2 46  ? -0.554  13.422  -11.621 1.00 46.98 ? 43  TRP B N   1 
ATOM   1292 C CA  . TRP B 2 46  ? 0.219   12.250  -12.016 1.00 49.49 ? 43  TRP B CA  1 
ATOM   1293 C C   . TRP B 2 46  ? -0.149  11.078  -11.115 1.00 49.60 ? 43  TRP B C   1 
ATOM   1294 O O   . TRP B 2 46  ? -0.192  9.933   -11.565 1.00 50.63 ? 43  TRP B O   1 
ATOM   1295 C CB  . TRP B 2 46  ? 1.720   12.528  -11.944 1.00 50.11 ? 43  TRP B CB  1 
ATOM   1296 C CG  . TRP B 2 46  ? 2.195   13.602  -12.880 1.00 57.99 ? 43  TRP B CG  1 
ATOM   1297 C CD1 . TRP B 2 46  ? 1.479   14.209  -13.872 1.00 57.10 ? 43  TRP B CD1 1 
ATOM   1298 C CD2 . TRP B 2 46  ? 3.498   14.195  -12.906 1.00 53.57 ? 43  TRP B CD2 1 
ATOM   1299 N NE1 . TRP B 2 46  ? 2.257   15.141  -14.514 1.00 59.62 ? 43  TRP B NE1 1 
ATOM   1300 C CE2 . TRP B 2 46  ? 3.501   15.153  -13.940 1.00 55.87 ? 43  TRP B CE2 1 
ATOM   1301 C CE3 . TRP B 2 46  ? 4.663   14.008  -12.156 1.00 51.32 ? 43  TRP B CE3 1 
ATOM   1302 C CZ2 . TRP B 2 46  ? 4.624   15.923  -14.241 1.00 52.62 ? 43  TRP B CZ2 1 
ATOM   1303 C CZ3 . TRP B 2 46  ? 5.778   14.770  -12.456 1.00 56.85 ? 43  TRP B CZ3 1 
ATOM   1304 C CH2 . TRP B 2 46  ? 5.750   15.718  -13.490 1.00 53.30 ? 43  TRP B CH2 1 
ATOM   1305 N N   . ILE B 2 47  ? -0.401  11.373  -9.841  1.00 48.24 ? 44  ILE B N   1 
ATOM   1306 C CA  . ILE B 2 47  ? -0.962  10.389  -8.922  1.00 48.09 ? 44  ILE B CA  1 
ATOM   1307 C C   . ILE B 2 47  ? -2.250  10.921  -8.312  1.00 48.92 ? 44  ILE B C   1 
ATOM   1308 O O   . ILE B 2 47  ? -2.391  12.118  -8.050  1.00 47.74 ? 44  ILE B O   1 
ATOM   1309 C CB  . ILE B 2 47  ? 0.020   9.997   -7.788  1.00 44.39 ? 44  ILE B CB  1 
ATOM   1310 C CG1 . ILE B 2 47  ? 0.302   11.183  -6.858  1.00 47.17 ? 44  ILE B CG1 1 
ATOM   1311 C CG2 . ILE B 2 47  ? 1.303   9.434   -8.371  1.00 40.72 ? 44  ILE B CG2 1 
ATOM   1312 C CD1 . ILE B 2 47  ? 1.390   10.901  -5.832  1.00 43.97 ? 44  ILE B CD1 1 
ATOM   1313 N N   . VAL B 2 48  ? -3.186  10.006  -8.094  1.00 49.75 ? 45  VAL B N   1 
ATOM   1314 C CA  . VAL B 2 48  ? -4.485  10.327  -7.523  1.00 47.60 ? 45  VAL B CA  1 
ATOM   1315 C C   . VAL B 2 48  ? -4.685  9.487   -6.277  1.00 47.66 ? 45  VAL B C   1 
ATOM   1316 O O   . VAL B 2 48  ? -4.552  8.266   -6.316  1.00 45.10 ? 45  VAL B O   1 
ATOM   1317 C CB  . VAL B 2 48  ? -5.635  10.055  -8.514  1.00 49.49 ? 45  VAL B CB  1 
ATOM   1318 C CG1 . VAL B 2 48  ? -6.986  10.354  -7.863  1.00 50.28 ? 45  VAL B CG1 1 
ATOM   1319 C CG2 . VAL B 2 48  ? -5.447  10.867  -9.785  1.00 49.66 ? 45  VAL B CG2 1 
ATOM   1320 N N   . ILE B 2 49  ? -5.002  10.149  -5.172  1.00 42.09 ? 46  ILE B N   1 
ATOM   1321 C CA  . ILE B 2 49  ? -5.148  9.469   -3.895  1.00 46.63 ? 46  ILE B CA  1 
ATOM   1322 C C   . ILE B 2 49  ? -6.450  8.680   -3.850  1.00 47.56 ? 46  ILE B C   1 
ATOM   1323 O O   . ILE B 2 49  ? -7.490  9.163   -4.293  1.00 44.82 ? 46  ILE B O   1 
ATOM   1324 C CB  . ILE B 2 49  ? -5.108  10.478  -2.721  1.00 48.32 ? 46  ILE B CB  1 
ATOM   1325 C CG1 . ILE B 2 49  ? -4.989  9.747   -1.382  1.00 49.66 ? 46  ILE B CG1 1 
ATOM   1326 C CG2 . ILE B 2 49  ? -6.339  11.393  -2.740  1.00 49.80 ? 46  ILE B CG2 1 
ATOM   1327 C CD1 . ILE B 2 49  ? -4.383  10.601  -0.287  1.00 51.25 ? 46  ILE B CD1 1 
ATOM   1328 N N   . HIS B 2 50  ? -6.380  7.449   -3.347  1.00 44.58 ? 47  HIS B N   1 
ATOM   1329 C CA  . HIS B 2 50  ? -7.585  6.695   -3.030  1.00 42.59 ? 47  HIS B CA  1 
ATOM   1330 C C   . HIS B 2 50  ? -8.101  7.192   -1.690  1.00 43.90 ? 47  HIS B C   1 
ATOM   1331 O O   . HIS B 2 50  ? -7.407  7.050   -0.682  1.00 47.39 ? 47  HIS B O   1 
ATOM   1332 C CB  . HIS B 2 50  ? -7.313  5.189   -2.939  1.00 42.94 ? 47  HIS B CB  1 
ATOM   1333 C CG  . HIS B 2 50  ? -7.234  4.490   -4.260  1.00 44.07 ? 47  HIS B CG  1 
ATOM   1334 N ND1 . HIS B 2 50  ? -6.063  3.939   -4.744  1.00 42.03 ? 47  HIS B ND1 1 
ATOM   1335 C CD2 . HIS B 2 50  ? -8.182  4.220   -5.188  1.00 44.13 ? 47  HIS B CD2 1 
ATOM   1336 C CE1 . HIS B 2 50  ? -6.294  3.373   -5.912  1.00 39.36 ? 47  HIS B CE1 1 
ATOM   1337 N NE2 . HIS B 2 50  ? -7.572  3.534   -6.210  1.00 41.17 ? 47  HIS B NE2 1 
ATOM   1338 N N   . PRO B 2 51  ? -9.307  7.787   -1.659  1.00 47.65 ? 48  PRO B N   1 
ATOM   1339 C CA  . PRO B 2 51  ? -9.812  8.159   -0.332  1.00 44.30 ? 48  PRO B CA  1 
ATOM   1340 C C   . PRO B 2 51  ? -9.962  6.924   0.552   1.00 47.32 ? 48  PRO B C   1 
ATOM   1341 O O   . PRO B 2 51  ? -10.570 5.937   0.135   1.00 42.22 ? 48  PRO B O   1 
ATOM   1342 C CB  . PRO B 2 51  ? -11.169 8.806   -0.630  1.00 43.07 ? 48  PRO B CB  1 
ATOM   1343 C CG  . PRO B 2 51  ? -11.111 9.199   -2.066  1.00 50.48 ? 48  PRO B CG  1 
ATOM   1344 C CD  . PRO B 2 51  ? -10.226 8.195   -2.737  1.00 47.84 ? 48  PRO B CD  1 
ATOM   1345 N N   . SER B 2 52  ? -9.409  6.979   1.757   1.00 42.06 ? 49  SER B N   1 
ATOM   1346 C CA  . SER B 2 52  ? -9.343  5.806   2.614   1.00 46.68 ? 49  SER B CA  1 
ATOM   1347 C C   . SER B 2 52  ? -10.723 5.386   3.106   1.00 47.24 ? 49  SER B C   1 
ATOM   1348 O O   . SER B 2 52  ? -10.941 4.220   3.435   1.00 40.87 ? 49  SER B O   1 
ATOM   1349 C CB  . SER B 2 52  ? -8.424  6.069   3.806   1.00 51.09 ? 49  SER B CB  1 
ATOM   1350 O OG  . SER B 2 52  ? -9.053  6.911   4.757   1.00 58.73 ? 49  SER B OG  1 
ATOM   1351 N N   . ASN B 2 53  ? -11.655 6.330   3.155   1.00 39.69 ? 50  ASN B N   1 
ATOM   1352 C CA  . ASN B 2 53  ? -12.993 6.026   3.643   1.00 42.18 ? 50  ASN B CA  1 
ATOM   1353 C C   . ASN B 2 53  ? -13.784 5.163   2.663   1.00 40.40 ? 50  ASN B C   1 
ATOM   1354 O O   . ASN B 2 53  ? -14.801 4.577   3.033   1.00 41.06 ? 50  ASN B O   1 
ATOM   1355 C CB  . ASN B 2 53  ? -13.760 7.315   3.950   1.00 46.47 ? 50  ASN B CB  1 
ATOM   1356 C CG  . ASN B 2 53  ? -14.150 8.087   2.702   1.00 42.69 ? 50  ASN B CG  1 
ATOM   1357 O OD1 . ASN B 2 53  ? -13.489 8.014   1.667   1.00 44.47 ? 50  ASN B OD1 1 
ATOM   1358 N ND2 . ASN B 2 53  ? -15.234 8.844   2.806   1.00 39.99 ? 50  ASN B ND2 1 
ATOM   1359 N N   . GLU B 2 54  ? -13.306 5.076   1.424   1.00 35.47 ? 51  GLU B N   1 
ATOM   1360 C CA  . GLU B 2 54  ? -13.957 4.268   0.392   1.00 39.35 ? 51  GLU B CA  1 
ATOM   1361 C C   . GLU B 2 54  ? -13.399 2.846   0.301   1.00 44.30 ? 51  GLU B C   1 
ATOM   1362 O O   . GLU B 2 54  ? -13.948 2.012   -0.418  1.00 43.80 ? 51  GLU B O   1 
ATOM   1363 C CB  . GLU B 2 54  ? -13.822 4.961   -0.964  1.00 41.44 ? 51  GLU B CB  1 
ATOM   1364 C CG  . GLU B 2 54  ? -14.732 6.170   -1.115  1.00 46.63 ? 51  GLU B CG  1 
ATOM   1365 C CD  . GLU B 2 54  ? -14.432 6.978   -2.361  1.00 54.01 ? 51  GLU B CD  1 
ATOM   1366 O OE1 . GLU B 2 54  ? -13.822 6.425   -3.301  1.00 56.85 ? 51  GLU B OE1 1 
ATOM   1367 O OE2 . GLU B 2 54  ? -14.809 8.167   -2.397  1.00 55.28 ? 51  GLU B OE2 1 
ATOM   1368 N N   . LEU B 2 55  ? -12.322 2.571   1.031   1.00 42.34 ? 52  LEU B N   1 
ATOM   1369 C CA  . LEU B 2 55  ? -11.687 1.254   0.992   1.00 40.65 ? 52  LEU B CA  1 
ATOM   1370 C C   . LEU B 2 55  ? -12.308 0.301   2.007   1.00 39.53 ? 52  LEU B C   1 
ATOM   1371 O O   . LEU B 2 55  ? -12.512 0.661   3.166   1.00 40.79 ? 52  LEU B O   1 
ATOM   1372 C CB  . LEU B 2 55  ? -10.184 1.380   1.251   1.00 40.01 ? 52  LEU B CB  1 
ATOM   1373 C CG  . LEU B 2 55  ? -9.474  2.440   0.410   1.00 42.37 ? 52  LEU B CG  1 
ATOM   1374 C CD1 . LEU B 2 55  ? -8.017  2.563   0.818   1.00 36.68 ? 52  LEU B CD1 1 
ATOM   1375 C CD2 . LEU B 2 55  ? -9.592  2.117   -1.069  1.00 38.94 ? 52  LEU B CD2 1 
ATOM   1376 N N   . VAL B 2 56  ? -12.605 -0.916  1.559   1.00 40.78 ? 53  VAL B N   1 
ATOM   1377 C CA  . VAL B 2 56  ? -13.135 -1.948  2.442   1.00 36.02 ? 53  VAL B CA  1 
ATOM   1378 C C   . VAL B 2 56  ? -11.999 -2.558  3.260   1.00 40.49 ? 53  VAL B C   1 
ATOM   1379 O O   . VAL B 2 56  ? -11.033 -3.094  2.712   1.00 37.72 ? 53  VAL B O   1 
ATOM   1380 C CB  . VAL B 2 56  ? -13.869 -3.058  1.658   1.00 36.63 ? 53  VAL B CB  1 
ATOM   1381 C CG1 . VAL B 2 56  ? -14.361 -4.150  2.601   1.00 34.19 ? 53  VAL B CG1 1 
ATOM   1382 C CG2 . VAL B 2 56  ? -15.030 -2.476  0.870   1.00 37.79 ? 53  VAL B CG2 1 
ATOM   1383 N N   . VAL B 2 57  ? -12.131 -2.460  4.578   1.00 35.23 ? 54  VAL B N   1 
ATOM   1384 C CA  . VAL B 2 57  ? -11.141 -2.999  5.509   1.00 40.81 ? 54  VAL B CA  1 
ATOM   1385 C C   . VAL B 2 57  ? -11.709 -4.216  6.235   1.00 38.88 ? 54  VAL B C   1 
ATOM   1386 O O   . VAL B 2 57  ? -12.778 -4.131  6.835   1.00 43.39 ? 54  VAL B O   1 
ATOM   1387 C CB  . VAL B 2 57  ? -10.711 -1.944  6.553   1.00 39.21 ? 54  VAL B CB  1 
ATOM   1388 C CG1 . VAL B 2 57  ? -9.737  -2.544  7.557   1.00 39.36 ? 54  VAL B CG1 1 
ATOM   1389 C CG2 . VAL B 2 57  ? -10.100 -0.726  5.873   1.00 36.16 ? 54  VAL B CG2 1 
ATOM   1390 N N   . GLU B 2 58  ? -10.991 -5.338  6.182   1.00 41.93 ? 55  GLU B N   1 
ATOM   1391 C CA  . GLU B 2 58  ? -11.440 -6.582  6.822   1.00 40.98 ? 55  GLU B CA  1 
ATOM   1392 C C   . GLU B 2 58  ? -10.507 -7.017  7.945   1.00 43.40 ? 55  GLU B C   1 
ATOM   1393 O O   . GLU B 2 58  ? -9.290  -6.923  7.814   1.00 43.24 ? 55  GLU B O   1 
ATOM   1394 C CB  . GLU B 2 58  ? -11.539 -7.717  5.799   1.00 45.31 ? 55  GLU B CB  1 
ATOM   1395 C CG  . GLU B 2 58  ? -12.193 -7.347  4.478   1.00 47.41 ? 55  GLU B CG  1 
ATOM   1396 C CD  . GLU B 2 58  ? -12.223 -8.513  3.501   1.00 57.53 ? 55  GLU B CD  1 
ATOM   1397 O OE1 . GLU B 2 58  ? -13.180 -8.604  2.705   1.00 57.93 ? 55  GLU B OE1 1 
ATOM   1398 O OE2 . GLU B 2 58  ? -11.285 -9.338  3.529   1.00 59.15 ? 55  GLU B OE2 1 
ATOM   1399 N N   . LYS B 2 59  ? -11.095 -7.511  9.036   1.00 47.18 ? 56  LYS B N   1 
ATOM   1400 C CA  . LYS B 2 59  ? -10.345 -8.054  10.169  1.00 51.49 ? 56  LYS B CA  1 
ATOM   1401 C C   . LYS B 2 59  ? -10.558 -9.564  10.304  1.00 51.97 ? 56  LYS B C   1 
ATOM   1402 O O   . LYS B 2 59  ? -11.669 -10.061 10.115  1.00 51.10 ? 56  LYS B O   1 
ATOM   1403 C CB  . LYS B 2 59  ? -10.762 -7.359  11.470  1.00 48.97 ? 56  LYS B CB  1 
ATOM   1404 C CG  . LYS B 2 59  ? -10.458 -5.867  11.534  1.00 57.25 ? 56  LYS B CG  1 
ATOM   1405 C CD  . LYS B 2 59  ? -10.127 -5.448  12.962  1.00 60.00 ? 56  LYS B CD  1 
ATOM   1406 C CE  . LYS B 2 59  ? -9.700  -3.991  13.043  1.00 62.09 ? 56  LYS B CE  1 
ATOM   1407 N NZ  . LYS B 2 59  ? -9.417  -3.580  14.448  1.00 62.17 ? 56  LYS B NZ  1 
ATOM   1408 N N   . HIS B 2 60  ? -9.483  -10.283 10.627  1.00 53.36 ? 57  HIS B N   1 
ATOM   1409 C CA  . HIS B 2 60  ? -9.543  -11.729 10.854  1.00 60.38 ? 57  HIS B CA  1 
ATOM   1410 C C   . HIS B 2 60  ? -8.529  -12.153 11.916  1.00 60.76 ? 57  HIS B C   1 
ATOM   1411 O O   . HIS B 2 60  ? -7.463  -11.550 12.043  1.00 59.13 ? 57  HIS B O   1 
ATOM   1412 C CB  . HIS B 2 60  ? -9.282  -12.486 9.547   1.00 59.69 ? 57  HIS B CB  1 
ATOM   1413 C CG  . HIS B 2 60  ? -9.340  -13.979 9.685   1.00 74.52 ? 57  HIS B CG  1 
ATOM   1414 N ND1 . HIS B 2 60  ? -10.515 -14.660 9.917   1.00 79.34 ? 57  HIS B ND1 1 
ATOM   1415 C CD2 . HIS B 2 60  ? -8.367  -14.919 9.617   1.00 77.14 ? 57  HIS B CD2 1 
ATOM   1416 C CE1 . HIS B 2 60  ? -10.263 -15.957 9.990   1.00 76.40 ? 57  HIS B CE1 1 
ATOM   1417 N NE2 . HIS B 2 60  ? -8.969  -16.139 9.811   1.00 77.82 ? 57  HIS B NE2 1 
ATOM   1418 N N   . ILE B 2 61  ? -8.868  -13.191 12.678  1.00 65.47 ? 58  ILE B N   1 
ATOM   1419 C CA  . ILE B 2 61  ? -7.954  -13.758 13.671  1.00 66.04 ? 58  ILE B CA  1 
ATOM   1420 C C   . ILE B 2 61  ? -7.396  -15.084 13.169  1.00 69.21 ? 58  ILE B C   1 
ATOM   1421 O O   . ILE B 2 61  ? -8.111  -16.084 13.110  1.00 72.28 ? 58  ILE B O   1 
ATOM   1422 C CB  . ILE B 2 61  ? -8.639  -13.985 15.039  1.00 64.68 ? 58  ILE B CB  1 
ATOM   1423 C CG1 . ILE B 2 61  ? -9.121  -12.658 15.629  1.00 60.26 ? 58  ILE B CG1 1 
ATOM   1424 C CG2 . ILE B 2 61  ? -7.680  -14.670 16.009  1.00 66.29 ? 58  ILE B CG2 1 
ATOM   1425 C CD1 . ILE B 2 61  ? -10.524 -12.274 15.223  1.00 63.25 ? 58  ILE B CD1 1 
HETATM 1426 O O   . HOH C 3 .   ? -12.236 -9.420  -6.454  1.00 54.76 ? 601 HOH A O   1 
HETATM 1427 O O   . HOH C 3 .   ? -5.804  0.900   -7.712  1.00 47.61 ? 602 HOH A O   1 
HETATM 1428 O O   . HOH C 3 .   ? 2.481   -14.549 1.319   1.00 43.79 ? 603 HOH A O   1 
HETATM 1429 O O   . HOH C 3 .   ? 7.978   -7.261  16.954  1.00 54.36 ? 604 HOH A O   1 
HETATM 1430 O O   . HOH C 3 .   ? 6.739   -1.115  -9.529  1.00 44.18 ? 605 HOH A O   1 
HETATM 1431 O O   . HOH C 3 .   ? -1.063  -14.318 3.660   1.00 47.64 ? 606 HOH A O   1 
HETATM 1432 O O   . HOH C 3 .   ? -4.777  -14.305 1.503   1.00 49.06 ? 607 HOH A O   1 
HETATM 1433 O O   . HOH C 3 .   ? -1.221  -12.817 5.857   1.00 43.04 ? 608 HOH A O   1 
HETATM 1434 O O   . HOH C 3 .   ? 1.461   5.580   -1.484  1.00 41.21 ? 609 HOH A O   1 
HETATM 1435 O O   . HOH C 3 .   ? 3.198   -14.265 -8.249  1.00 41.64 ? 610 HOH A O   1 
HETATM 1436 O O   . HOH C 3 .   ? 1.778   -6.709  -13.410 1.00 46.68 ? 611 HOH A O   1 
HETATM 1437 O O   . HOH C 3 .   ? 9.085   -4.860  16.525  1.00 45.99 ? 612 HOH A O   1 
HETATM 1438 O O   . HOH C 3 .   ? -12.473 -1.519  -1.284  1.00 37.32 ? 613 HOH A O   1 
HETATM 1439 O O   . HOH C 3 .   ? -2.007  -13.466 19.524  1.00 52.31 ? 614 HOH A O   1 
HETATM 1440 O O   . HOH C 3 .   ? 3.882   -9.876  21.317  1.00 47.00 ? 615 HOH A O   1 
HETATM 1441 O O   . HOH C 3 .   ? 5.478   -3.063  -11.010 1.00 43.44 ? 616 HOH A O   1 
HETATM 1442 O O   . HOH C 3 .   ? 6.313   -2.617  -13.526 1.00 46.53 ? 617 HOH A O   1 
HETATM 1443 O O   . HOH C 3 .   ? -6.740  -13.390 6.301   1.00 62.60 ? 618 HOH A O   1 
HETATM 1444 O O   . HOH C 3 .   ? -5.732  -7.091  20.814  1.00 50.55 ? 619 HOH A O   1 
HETATM 1445 O O   . HOH C 3 .   ? 5.401   -7.501  18.033  1.00 42.15 ? 620 HOH A O   1 
HETATM 1446 O O   . HOH C 3 .   ? 9.040   -12.209 8.479   1.00 45.21 ? 621 HOH A O   1 
HETATM 1447 O O   . HOH C 3 .   ? -9.244  -0.351  13.356  1.00 49.71 ? 622 HOH A O   1 
HETATM 1448 O O   . HOH C 3 .   ? 2.358   0.047   16.803  1.00 37.09 ? 623 HOH A O   1 
HETATM 1449 O O   . HOH C 3 .   ? 10.932  11.249  11.710  1.00 42.85 ? 624 HOH A O   1 
HETATM 1450 O O   . HOH C 3 .   ? -13.437 -4.040  -2.358  1.00 42.03 ? 625 HOH A O   1 
HETATM 1451 O O   . HOH C 3 .   ? 9.954   12.699  10.075  1.00 51.57 ? 626 HOH A O   1 
HETATM 1452 O O   . HOH D 3 .   ? 4.407   12.950  4.857   1.00 44.71 ? 101 HOH B O   1 
HETATM 1453 O O   . HOH D 3 .   ? -15.051 9.471   -0.426  1.00 51.20 ? 102 HOH B O   1 
HETATM 1454 O O   . HOH D 3 .   ? -13.330 0.680   -2.378  1.00 44.69 ? 103 HOH B O   1 
HETATM 1455 O O   . HOH D 3 .   ? -15.971 4.596   5.297   1.00 36.04 ? 104 HOH B O   1 
HETATM 1456 O O   . HOH D 3 .   ? -5.374  6.445   0.931   1.00 36.98 ? 105 HOH B O   1 
HETATM 1457 O O   . HOH D 3 .   ? -5.559  13.291  -5.381  1.00 46.37 ? 106 HOH B O   1 
HETATM 1458 O O   . HOH D 3 .   ? 4.459   4.296   -2.869  1.00 35.25 ? 107 HOH B O   1 
# 
